data_3KKW
# 
_entry.id   3KKW 
# 
_audit_conform.dict_name       mmcif_pdbx.dic 
_audit_conform.dict_version    5.378 
_audit_conform.dict_location   http://mmcif.pdb.org/dictionaries/ascii/mmcif_pdbx.dic 
# 
loop_
_database_2.database_id 
_database_2.database_code 
_database_2.pdbx_database_accession 
_database_2.pdbx_DOI 
PDB   3KKW         pdb_00003kkw 10.2210/pdb3kkw/pdb 
RCSB  RCSB056119   ?            ?                   
WWPDB D_1000056119 ?            ?                   
# 
loop_
_pdbx_database_related.db_name 
_pdbx_database_related.db_id 
_pdbx_database_related.details 
_pdbx_database_related.content_type 
PDB      2i6c    . unspecified 
TargetDB APC5605 . unspecified 
# 
_pdbx_database_status.status_code                     REL 
_pdbx_database_status.entry_id                        3KKW 
_pdbx_database_status.recvd_initial_deposition_date   2009-11-06 
_pdbx_database_status.deposit_site                    RCSB 
_pdbx_database_status.process_site                    RCSB 
_pdbx_database_status.status_code_sf                  REL 
_pdbx_database_status.status_code_mr                  ? 
_pdbx_database_status.SG_entry                        Y 
_pdbx_database_status.pdb_format_compatible           Y 
_pdbx_database_status.status_code_cs                  ? 
_pdbx_database_status.status_code_nmr_data            ? 
_pdbx_database_status.methods_development_category    ? 
# 
loop_
_audit_author.name 
_audit_author.pdbx_ordinal 
_audit_author.identifier_ORCID 
'Majorek, K.A.'                                 1 ?                   
'Chruszcz, M.'                                  2 ?                   
'Joachimiak, A.'                                3 ?                   
'Minor, W.'                                     4 0000-0001-7075-7090 
'Midwest Center for Structural Genomics (MCSG)' 5 ?                   
# 
_citation.id                        primary 
_citation.title                     
'Double trouble-Buffer selection and His-tag presence may be responsible for nonreproducibility of biomedical experiments.' 
_citation.journal_abbrev            'Protein Sci.' 
_citation.journal_volume            23 
_citation.page_first                1359 
_citation.page_last                 1368 
_citation.year                      2014 
_citation.journal_id_ASTM           PRCIEI 
_citation.country                   US 
_citation.journal_id_ISSN           1469-896X 
_citation.journal_id_CSD            0795 
_citation.book_publisher            ? 
_citation.pdbx_database_id_PubMed   25044180 
_citation.pdbx_database_id_DOI      10.1002/pro.2520 
# 
loop_
_citation_author.citation_id 
_citation_author.name 
_citation_author.ordinal 
_citation_author.identifier_ORCID 
primary 'Majorek, K.A.'  1 ? 
primary 'Kuhn, M.L.'     2 ? 
primary 'Chruszcz, M.'   3 ? 
primary 'Anderson, W.F.' 4 ? 
primary 'Minor, W.'      5 ? 
# 
_cell.entry_id           3KKW 
_cell.length_a           57.534 
_cell.length_b           76.145 
_cell.length_c           39.454 
_cell.angle_alpha        90.00 
_cell.angle_beta         90.00 
_cell.angle_gamma        90.00 
_cell.Z_PDB              4 
_cell.pdbx_unique_axis   ? 
_cell.length_a_esd       ? 
_cell.length_b_esd       ? 
_cell.length_c_esd       ? 
_cell.angle_alpha_esd    ? 
_cell.angle_beta_esd     ? 
_cell.angle_gamma_esd    ? 
# 
_symmetry.entry_id                         3KKW 
_symmetry.space_group_name_H-M             'P 21 21 2' 
_symmetry.pdbx_full_space_group_name_H-M   ? 
_symmetry.cell_setting                     ? 
_symmetry.Int_Tables_number                18 
_symmetry.space_group_name_Hall            ? 
# 
loop_
_entity.id 
_entity.type 
_entity.src_method 
_entity.pdbx_description 
_entity.formula_weight 
_entity.pdbx_number_of_molecules 
_entity.pdbx_ec 
_entity.pdbx_mutation 
_entity.pdbx_fragment 
_entity.details 
1 polymer     man 'Putative uncharacterized protein' 20375.145 1   ? ? ? ? 
2 non-polymer syn 'SULFATE ION'                      96.063    2   ? ? ? ? 
3 non-polymer syn 1,2-ETHANEDIOL                     62.068    17  ? ? ? ? 
4 water       nat water                              18.015    210 ? ? ? ? 
# 
_entity_poly.entity_id                      1 
_entity_poly.type                           'polypeptide(L)' 
_entity_poly.nstd_linkage                   no 
_entity_poly.nstd_monomer                   no 
_entity_poly.pdbx_seq_one_letter_code       
;MGSSHHHHHHSSGRENLYFQGHMQLSHRPAETGDLETVAGFPQDRDELFYCYPKAIWPFSVAQLAAAIAERRGSTVAVHD
GQVLGFANFYQWQHGDFCALGNMMVAPAARGLGVARYLIGVMENLAREQYKARLMKISCFNANAAGLLLYTQLGYQPRAI
AERHDPDGRRVALIQMDKPLEP
;
_entity_poly.pdbx_seq_one_letter_code_can   
;MGSSHHHHHHSSGRENLYFQGHMQLSHRPAETGDLETVAGFPQDRDELFYCYPKAIWPFSVAQLAAAIAERRGSTVAVHD
GQVLGFANFYQWQHGDFCALGNMMVAPAARGLGVARYLIGVMENLAREQYKARLMKISCFNANAAGLLLYTQLGYQPRAI
AERHDPDGRRVALIQMDKPLEP
;
_entity_poly.pdbx_strand_id                 A 
_entity_poly.pdbx_target_identifier         APC5605 
# 
loop_
_entity_poly_seq.entity_id 
_entity_poly_seq.num 
_entity_poly_seq.mon_id 
_entity_poly_seq.hetero 
1 1   MET n 
1 2   GLY n 
1 3   SER n 
1 4   SER n 
1 5   HIS n 
1 6   HIS n 
1 7   HIS n 
1 8   HIS n 
1 9   HIS n 
1 10  HIS n 
1 11  SER n 
1 12  SER n 
1 13  GLY n 
1 14  ARG n 
1 15  GLU n 
1 16  ASN n 
1 17  LEU n 
1 18  TYR n 
1 19  PHE n 
1 20  GLN n 
1 21  GLY n 
1 22  HIS n 
1 23  MET n 
1 24  GLN n 
1 25  LEU n 
1 26  SER n 
1 27  HIS n 
1 28  ARG n 
1 29  PRO n 
1 30  ALA n 
1 31  GLU n 
1 32  THR n 
1 33  GLY n 
1 34  ASP n 
1 35  LEU n 
1 36  GLU n 
1 37  THR n 
1 38  VAL n 
1 39  ALA n 
1 40  GLY n 
1 41  PHE n 
1 42  PRO n 
1 43  GLN n 
1 44  ASP n 
1 45  ARG n 
1 46  ASP n 
1 47  GLU n 
1 48  LEU n 
1 49  PHE n 
1 50  TYR n 
1 51  CYS n 
1 52  TYR n 
1 53  PRO n 
1 54  LYS n 
1 55  ALA n 
1 56  ILE n 
1 57  TRP n 
1 58  PRO n 
1 59  PHE n 
1 60  SER n 
1 61  VAL n 
1 62  ALA n 
1 63  GLN n 
1 64  LEU n 
1 65  ALA n 
1 66  ALA n 
1 67  ALA n 
1 68  ILE n 
1 69  ALA n 
1 70  GLU n 
1 71  ARG n 
1 72  ARG n 
1 73  GLY n 
1 74  SER n 
1 75  THR n 
1 76  VAL n 
1 77  ALA n 
1 78  VAL n 
1 79  HIS n 
1 80  ASP n 
1 81  GLY n 
1 82  GLN n 
1 83  VAL n 
1 84  LEU n 
1 85  GLY n 
1 86  PHE n 
1 87  ALA n 
1 88  ASN n 
1 89  PHE n 
1 90  TYR n 
1 91  GLN n 
1 92  TRP n 
1 93  GLN n 
1 94  HIS n 
1 95  GLY n 
1 96  ASP n 
1 97  PHE n 
1 98  CYS n 
1 99  ALA n 
1 100 LEU n 
1 101 GLY n 
1 102 ASN n 
1 103 MET n 
1 104 MET n 
1 105 VAL n 
1 106 ALA n 
1 107 PRO n 
1 108 ALA n 
1 109 ALA n 
1 110 ARG n 
1 111 GLY n 
1 112 LEU n 
1 113 GLY n 
1 114 VAL n 
1 115 ALA n 
1 116 ARG n 
1 117 TYR n 
1 118 LEU n 
1 119 ILE n 
1 120 GLY n 
1 121 VAL n 
1 122 MET n 
1 123 GLU n 
1 124 ASN n 
1 125 LEU n 
1 126 ALA n 
1 127 ARG n 
1 128 GLU n 
1 129 GLN n 
1 130 TYR n 
1 131 LYS n 
1 132 ALA n 
1 133 ARG n 
1 134 LEU n 
1 135 MET n 
1 136 LYS n 
1 137 ILE n 
1 138 SER n 
1 139 CYS n 
1 140 PHE n 
1 141 ASN n 
1 142 ALA n 
1 143 ASN n 
1 144 ALA n 
1 145 ALA n 
1 146 GLY n 
1 147 LEU n 
1 148 LEU n 
1 149 LEU n 
1 150 TYR n 
1 151 THR n 
1 152 GLN n 
1 153 LEU n 
1 154 GLY n 
1 155 TYR n 
1 156 GLN n 
1 157 PRO n 
1 158 ARG n 
1 159 ALA n 
1 160 ILE n 
1 161 ALA n 
1 162 GLU n 
1 163 ARG n 
1 164 HIS n 
1 165 ASP n 
1 166 PRO n 
1 167 ASP n 
1 168 GLY n 
1 169 ARG n 
1 170 ARG n 
1 171 VAL n 
1 172 ALA n 
1 173 LEU n 
1 174 ILE n 
1 175 GLN n 
1 176 MET n 
1 177 ASP n 
1 178 LYS n 
1 179 PRO n 
1 180 LEU n 
1 181 GLU n 
1 182 PRO n 
# 
_entity_src_gen.entity_id                          1 
_entity_src_gen.pdbx_src_id                        1 
_entity_src_gen.pdbx_alt_source_flag               sample 
_entity_src_gen.pdbx_seq_type                      ? 
_entity_src_gen.pdbx_beg_seq_num                   ? 
_entity_src_gen.pdbx_end_seq_num                   ? 
_entity_src_gen.gene_src_common_name               ? 
_entity_src_gen.gene_src_genus                     ? 
_entity_src_gen.pdbx_gene_src_gene                 PA4794 
_entity_src_gen.gene_src_species                   ? 
_entity_src_gen.gene_src_strain                    PAO1 
_entity_src_gen.gene_src_tissue                    ? 
_entity_src_gen.gene_src_tissue_fraction           ? 
_entity_src_gen.gene_src_details                   ? 
_entity_src_gen.pdbx_gene_src_fragment             ? 
_entity_src_gen.pdbx_gene_src_scientific_name      'Pseudomonas aeruginosa PAO1' 
_entity_src_gen.pdbx_gene_src_ncbi_taxonomy_id     208964 
_entity_src_gen.pdbx_gene_src_variant              ? 
_entity_src_gen.pdbx_gene_src_cell_line            ? 
_entity_src_gen.pdbx_gene_src_atcc                 ? 
_entity_src_gen.pdbx_gene_src_organ                ? 
_entity_src_gen.pdbx_gene_src_organelle            ? 
_entity_src_gen.pdbx_gene_src_cell                 ? 
_entity_src_gen.pdbx_gene_src_cellular_location    ? 
_entity_src_gen.host_org_common_name               ? 
_entity_src_gen.pdbx_host_org_scientific_name      'Escherichia coli BL21(DE3)' 
_entity_src_gen.pdbx_host_org_ncbi_taxonomy_id     469008 
_entity_src_gen.host_org_genus                     ? 
_entity_src_gen.pdbx_host_org_gene                 ? 
_entity_src_gen.pdbx_host_org_organ                ? 
_entity_src_gen.host_org_species                   ? 
_entity_src_gen.pdbx_host_org_tissue               ? 
_entity_src_gen.pdbx_host_org_tissue_fraction      ? 
_entity_src_gen.pdbx_host_org_strain               'BL21 (DE3) real' 
_entity_src_gen.pdbx_host_org_variant              ? 
_entity_src_gen.pdbx_host_org_cell_line            ? 
_entity_src_gen.pdbx_host_org_atcc                 ? 
_entity_src_gen.pdbx_host_org_culture_collection   ? 
_entity_src_gen.pdbx_host_org_cell                 ? 
_entity_src_gen.pdbx_host_org_organelle            ? 
_entity_src_gen.pdbx_host_org_cellular_location    ? 
_entity_src_gen.pdbx_host_org_vector_type          plasmid 
_entity_src_gen.pdbx_host_org_vector               ? 
_entity_src_gen.host_org_details                   ? 
_entity_src_gen.expression_system_id               ? 
_entity_src_gen.plasmid_name                       p11 
_entity_src_gen.plasmid_details                    ? 
_entity_src_gen.pdbx_description                   ? 
# 
_struct_ref.id                         1 
_struct_ref.db_name                    UNP 
_struct_ref.db_code                    Q9HV14_PSEAE 
_struct_ref.pdbx_db_accession          Q9HV14 
_struct_ref.entity_id                  1 
_struct_ref.pdbx_seq_one_letter_code   
;MQLSHRPAETGDLETVAGFPQDRDELFYCYPKAIWPFSVAQLAAAIAERRGSTVAVHDGQVLGFANFYQWQHGDFCALGN
MMVAPAARGLGVARYLIGVMENLAREQYKARLMKISCFNANAAGLLLYTQLGYQPRAIAERHDPDGRRVALIQMDKPLEP

;
_struct_ref.pdbx_align_begin           1 
_struct_ref.pdbx_db_isoform            ? 
# 
_struct_ref_seq.align_id                      1 
_struct_ref_seq.ref_id                        1 
_struct_ref_seq.pdbx_PDB_id_code              3KKW 
_struct_ref_seq.pdbx_strand_id                A 
_struct_ref_seq.seq_align_beg                 23 
_struct_ref_seq.pdbx_seq_align_beg_ins_code   ? 
_struct_ref_seq.seq_align_end                 182 
_struct_ref_seq.pdbx_seq_align_end_ins_code   ? 
_struct_ref_seq.pdbx_db_accession             Q9HV14 
_struct_ref_seq.db_align_beg                  1 
_struct_ref_seq.pdbx_db_align_beg_ins_code    ? 
_struct_ref_seq.db_align_end                  160 
_struct_ref_seq.pdbx_db_align_end_ins_code    ? 
_struct_ref_seq.pdbx_auth_seq_align_beg       1 
_struct_ref_seq.pdbx_auth_seq_align_end       160 
# 
loop_
_struct_ref_seq_dif.align_id 
_struct_ref_seq_dif.pdbx_pdb_id_code 
_struct_ref_seq_dif.mon_id 
_struct_ref_seq_dif.pdbx_pdb_strand_id 
_struct_ref_seq_dif.seq_num 
_struct_ref_seq_dif.pdbx_pdb_ins_code 
_struct_ref_seq_dif.pdbx_seq_db_name 
_struct_ref_seq_dif.pdbx_seq_db_accession_code 
_struct_ref_seq_dif.db_mon_id 
_struct_ref_seq_dif.pdbx_seq_db_seq_num 
_struct_ref_seq_dif.details 
_struct_ref_seq_dif.pdbx_auth_seq_num 
_struct_ref_seq_dif.pdbx_ordinal 
1 3KKW MET A 1  ? UNP Q9HV14 ? ? 'expression tag' -21 1  
1 3KKW GLY A 2  ? UNP Q9HV14 ? ? 'expression tag' -20 2  
1 3KKW SER A 3  ? UNP Q9HV14 ? ? 'expression tag' -19 3  
1 3KKW SER A 4  ? UNP Q9HV14 ? ? 'expression tag' -18 4  
1 3KKW HIS A 5  ? UNP Q9HV14 ? ? 'expression tag' -17 5  
1 3KKW HIS A 6  ? UNP Q9HV14 ? ? 'expression tag' -16 6  
1 3KKW HIS A 7  ? UNP Q9HV14 ? ? 'expression tag' -15 7  
1 3KKW HIS A 8  ? UNP Q9HV14 ? ? 'expression tag' -14 8  
1 3KKW HIS A 9  ? UNP Q9HV14 ? ? 'expression tag' -13 9  
1 3KKW HIS A 10 ? UNP Q9HV14 ? ? 'expression tag' -12 10 
1 3KKW SER A 11 ? UNP Q9HV14 ? ? 'expression tag' -11 11 
1 3KKW SER A 12 ? UNP Q9HV14 ? ? 'expression tag' -10 12 
1 3KKW GLY A 13 ? UNP Q9HV14 ? ? 'expression tag' -9  13 
1 3KKW ARG A 14 ? UNP Q9HV14 ? ? 'expression tag' -8  14 
1 3KKW GLU A 15 ? UNP Q9HV14 ? ? 'expression tag' -7  15 
1 3KKW ASN A 16 ? UNP Q9HV14 ? ? 'expression tag' -6  16 
1 3KKW LEU A 17 ? UNP Q9HV14 ? ? 'expression tag' -5  17 
1 3KKW TYR A 18 ? UNP Q9HV14 ? ? 'expression tag' -4  18 
1 3KKW PHE A 19 ? UNP Q9HV14 ? ? 'expression tag' -3  19 
1 3KKW GLN A 20 ? UNP Q9HV14 ? ? 'expression tag' -2  20 
1 3KKW GLY A 21 ? UNP Q9HV14 ? ? 'expression tag' -1  21 
1 3KKW HIS A 22 ? UNP Q9HV14 ? ? 'expression tag' 0   22 
# 
loop_
_chem_comp.id 
_chem_comp.type 
_chem_comp.mon_nstd_flag 
_chem_comp.name 
_chem_comp.pdbx_synonyms 
_chem_comp.formula 
_chem_comp.formula_weight 
ALA 'L-peptide linking' y ALANINE         ?                 'C3 H7 N O2'     89.093  
ARG 'L-peptide linking' y ARGININE        ?                 'C6 H15 N4 O2 1' 175.209 
ASN 'L-peptide linking' y ASPARAGINE      ?                 'C4 H8 N2 O3'    132.118 
ASP 'L-peptide linking' y 'ASPARTIC ACID' ?                 'C4 H7 N O4'     133.103 
CYS 'L-peptide linking' y CYSTEINE        ?                 'C3 H7 N O2 S'   121.158 
EDO non-polymer         . 1,2-ETHANEDIOL  'ETHYLENE GLYCOL' 'C2 H6 O2'       62.068  
GLN 'L-peptide linking' y GLUTAMINE       ?                 'C5 H10 N2 O3'   146.144 
GLU 'L-peptide linking' y 'GLUTAMIC ACID' ?                 'C5 H9 N O4'     147.129 
GLY 'peptide linking'   y GLYCINE         ?                 'C2 H5 N O2'     75.067  
HIS 'L-peptide linking' y HISTIDINE       ?                 'C6 H10 N3 O2 1' 156.162 
HOH non-polymer         . WATER           ?                 'H2 O'           18.015  
ILE 'L-peptide linking' y ISOLEUCINE      ?                 'C6 H13 N O2'    131.173 
LEU 'L-peptide linking' y LEUCINE         ?                 'C6 H13 N O2'    131.173 
LYS 'L-peptide linking' y LYSINE          ?                 'C6 H15 N2 O2 1' 147.195 
MET 'L-peptide linking' y METHIONINE      ?                 'C5 H11 N O2 S'  149.211 
PHE 'L-peptide linking' y PHENYLALANINE   ?                 'C9 H11 N O2'    165.189 
PRO 'L-peptide linking' y PROLINE         ?                 'C5 H9 N O2'     115.130 
SER 'L-peptide linking' y SERINE          ?                 'C3 H7 N O3'     105.093 
SO4 non-polymer         . 'SULFATE ION'   ?                 'O4 S -2'        96.063  
THR 'L-peptide linking' y THREONINE       ?                 'C4 H9 N O3'     119.119 
TRP 'L-peptide linking' y TRYPTOPHAN      ?                 'C11 H12 N2 O2'  204.225 
TYR 'L-peptide linking' y TYROSINE        ?                 'C9 H11 N O3'    181.189 
VAL 'L-peptide linking' y VALINE          ?                 'C5 H11 N O2'    117.146 
# 
_exptl.entry_id          3KKW 
_exptl.method            'X-RAY DIFFRACTION' 
_exptl.crystals_number   1 
# 
_exptl_crystal.id                    1 
_exptl_crystal.density_meas          ? 
_exptl_crystal.density_Matthews      2.12 
_exptl_crystal.density_percent_sol   42.00 
_exptl_crystal.description           ? 
_exptl_crystal.F_000                 ? 
_exptl_crystal.preparation           ? 
# 
_exptl_crystal_grow.crystal_id      1 
_exptl_crystal_grow.method          'VAPOR DIFFUSION, HANGING DROP' 
_exptl_crystal_grow.temp            293 
_exptl_crystal_grow.temp_details    ? 
_exptl_crystal_grow.pH              8.5 
_exptl_crystal_grow.pdbx_details    
;1.5 M Ammonium Sulfate,  
0.1 M Tris pH 8.5, VAPOR DIFFUSION, HANGING DROP, temperature 293K
;
_exptl_crystal_grow.pdbx_pH_range   ? 
# 
_diffrn.id                     1 
_diffrn.ambient_temp           100 
_diffrn.ambient_temp_details   ? 
_diffrn.crystal_id             1 
# 
_diffrn_detector.diffrn_id              1 
_diffrn_detector.detector               CCD 
_diffrn_detector.type                   'ADSC QUANTUM 210r' 
_diffrn_detector.pdbx_collection_date   2009-06-12 
_diffrn_detector.details                mirrors 
# 
_diffrn_radiation.diffrn_id                        1 
_diffrn_radiation.wavelength_id                    1 
_diffrn_radiation.pdbx_monochromatic_or_laue_m_l   M 
_diffrn_radiation.monochromator                    'Si 111 channel' 
_diffrn_radiation.pdbx_diffrn_protocol             'SINGLE WAVELENGTH' 
_diffrn_radiation.pdbx_scattering_type             x-ray 
# 
_diffrn_radiation_wavelength.id           1 
_diffrn_radiation_wavelength.wavelength   0.9792 
_diffrn_radiation_wavelength.wt           1.0 
# 
_diffrn_source.diffrn_id                   1 
_diffrn_source.source                      SYNCHROTRON 
_diffrn_source.type                        'APS BEAMLINE 19-BM' 
_diffrn_source.pdbx_synchrotron_site       APS 
_diffrn_source.pdbx_synchrotron_beamline   19-BM 
_diffrn_source.pdbx_wavelength             ? 
_diffrn_source.pdbx_wavelength_list        0.9792 
# 
_reflns.entry_id                     3KKW 
_reflns.observed_criterion_sigma_I   -3 
_reflns.observed_criterion_sigma_F   0 
_reflns.d_resolution_low             50.0 
_reflns.d_resolution_high            1.41 
_reflns.number_obs                   34174 
_reflns.number_all                   34174 
_reflns.percent_possible_obs         99.9 
_reflns.pdbx_Rmerge_I_obs            0.047 
_reflns.pdbx_Rsym_value              0.047 
_reflns.pdbx_netI_over_sigmaI        47.19 
_reflns.B_iso_Wilson_estimate        14.6 
_reflns.pdbx_redundancy              6.5 
_reflns.R_free_details               ? 
_reflns.limit_h_max                  ? 
_reflns.limit_h_min                  ? 
_reflns.limit_k_max                  ? 
_reflns.limit_k_min                  ? 
_reflns.limit_l_max                  ? 
_reflns.limit_l_min                  ? 
_reflns.observed_criterion_F_max     ? 
_reflns.observed_criterion_F_min     ? 
_reflns.pdbx_chi_squared             ? 
_reflns.pdbx_scaling_rejects         ? 
_reflns.pdbx_diffrn_id               1 
_reflns.pdbx_ordinal                 1 
# 
_reflns_shell.d_res_high             1.41 
_reflns_shell.d_res_low              1.43 
_reflns_shell.percent_possible_all   100.0 
_reflns_shell.Rmerge_I_obs           0.391 
_reflns_shell.pdbx_Rsym_value        0.391 
_reflns_shell.meanI_over_sigI_obs    4.18 
_reflns_shell.pdbx_redundancy        5.7 
_reflns_shell.percent_possible_obs   ? 
_reflns_shell.number_unique_all      1658 
_reflns_shell.number_measured_all    ? 
_reflns_shell.number_measured_obs    ? 
_reflns_shell.number_unique_obs      ? 
_reflns_shell.pdbx_chi_squared       ? 
_reflns_shell.pdbx_diffrn_id         ? 
_reflns_shell.pdbx_ordinal           1 
# 
_refine.entry_id                                 3KKW 
_refine.ls_number_reflns_obs                     32398 
_refine.ls_number_reflns_all                     32398 
_refine.pdbx_ls_sigma_I                          0 
_refine.pdbx_ls_sigma_F                          0 
_refine.pdbx_data_cutoff_high_absF               ? 
_refine.pdbx_data_cutoff_low_absF                ? 
_refine.pdbx_data_cutoff_high_rms_absF           ? 
_refine.ls_d_res_low                             45.90 
_refine.ls_d_res_high                            1.41 
_refine.ls_percent_reflns_obs                    99.89 
_refine.ls_R_factor_obs                          0.15749 
_refine.ls_R_factor_all                          0.15749 
_refine.ls_R_factor_R_work                       0.15628 
_refine.ls_R_factor_R_free                       0.17922 
_refine.ls_R_factor_R_free_error                 ? 
_refine.ls_R_factor_R_free_error_details         ? 
_refine.ls_percent_reflns_R_free                 5.1 
_refine.ls_number_reflns_R_free                  1727 
_refine.ls_number_parameters                     ? 
_refine.ls_number_restraints                     ? 
_refine.occupancy_min                            ? 
_refine.occupancy_max                            ? 
_refine.correlation_coeff_Fo_to_Fc               0.969 
_refine.correlation_coeff_Fo_to_Fc_free          0.962 
_refine.B_iso_mean                               13.124 
_refine.aniso_B[1][1]                            0.26 
_refine.aniso_B[2][2]                            -0.28 
_refine.aniso_B[3][3]                            0.02 
_refine.aniso_B[1][2]                            0.00 
_refine.aniso_B[1][3]                            0.00 
_refine.aniso_B[2][3]                            0.00 
_refine.solvent_model_details                    MASK 
_refine.solvent_model_param_ksol                 ? 
_refine.solvent_model_param_bsol                 ? 
_refine.pdbx_solvent_vdw_probe_radii             1.20 
_refine.pdbx_solvent_ion_probe_radii             0.80 
_refine.pdbx_solvent_shrinkage_radii             0.80 
_refine.pdbx_ls_cross_valid_method               THROUGHOUT 
_refine.details                                  'HYDROGENS HAVE BEEN ADDED IN THE RIDING POSITIONS' 
_refine.pdbx_starting_model                      2i6c 
_refine.pdbx_method_to_determine_struct          'MOLECULAR REPLACEMENT' 
_refine.pdbx_isotropic_thermal_model             ? 
_refine.pdbx_stereochemistry_target_values       'MAXIMUM LIKELIHOOD' 
_refine.pdbx_stereochem_target_val_spec_case     ? 
_refine.pdbx_R_Free_selection_details            RANDOM 
_refine.pdbx_overall_ESU_R                       0.056 
_refine.pdbx_overall_ESU_R_Free                  0.057 
_refine.overall_SU_ML                            ? 
_refine.overall_SU_B                             ? 
_refine.ls_redundancy_reflns_obs                 ? 
_refine.B_iso_min                                ? 
_refine.B_iso_max                                ? 
_refine.overall_SU_R_Cruickshank_DPI             ? 
_refine.overall_SU_R_free                        ? 
_refine.ls_wR_factor_R_free                      ? 
_refine.ls_wR_factor_R_work                      ? 
_refine.overall_FOM_free_R_set                   ? 
_refine.overall_FOM_work_R_set                   ? 
_refine.pdbx_overall_phase_error                 ? 
_refine.pdbx_refine_id                           'X-RAY DIFFRACTION' 
_refine.pdbx_diffrn_id                           1 
_refine.pdbx_TLS_residual_ADP_flag               ? 
_refine.pdbx_overall_SU_R_free_Cruickshank_DPI   ? 
_refine.pdbx_overall_SU_R_Blow_DPI               ? 
_refine.pdbx_overall_SU_R_free_Blow_DPI          ? 
# 
_refine_hist.pdbx_refine_id                   'X-RAY DIFFRACTION' 
_refine_hist.cycle_id                         LAST 
_refine_hist.pdbx_number_atoms_protein        1326 
_refine_hist.pdbx_number_atoms_nucleic_acid   0 
_refine_hist.pdbx_number_atoms_ligand         78 
_refine_hist.number_atoms_solvent             210 
_refine_hist.number_atoms_total               1614 
_refine_hist.d_res_high                       1.41 
_refine_hist.d_res_low                        45.90 
# 
loop_
_refine_ls_restr.type 
_refine_ls_restr.dev_ideal 
_refine_ls_restr.dev_ideal_target 
_refine_ls_restr.weight 
_refine_ls_restr.number 
_refine_ls_restr.pdbx_refine_id 
_refine_ls_restr.pdbx_restraint_function 
r_bond_refined_d             0.019  0.021  ? 1421 'X-RAY DIFFRACTION' ? 
r_bond_other_d               0.000  0.020  ? 1010 'X-RAY DIFFRACTION' ? 
r_angle_refined_deg          1.818  1.962  ? 1894 'X-RAY DIFFRACTION' ? 
r_angle_other_deg            4.103  3.000  ? 2413 'X-RAY DIFFRACTION' ? 
r_dihedral_angle_1_deg       5.743  5.000  ? 170  'X-RAY DIFFRACTION' ? 
r_dihedral_angle_2_deg       35.085 22.500 ? 68   'X-RAY DIFFRACTION' ? 
r_dihedral_angle_3_deg       11.405 15.000 ? 213  'X-RAY DIFFRACTION' ? 
r_dihedral_angle_4_deg       14.234 15.000 ? 13   'X-RAY DIFFRACTION' ? 
r_chiral_restr               0.112  0.200  ? 193  'X-RAY DIFFRACTION' ? 
r_gen_planes_refined         0.010  0.021  ? 1562 'X-RAY DIFFRACTION' ? 
r_gen_planes_other           0.014  0.020  ? 305  'X-RAY DIFFRACTION' ? 
r_nbd_refined                ?      ?      ? ?    'X-RAY DIFFRACTION' ? 
r_nbd_other                  ?      ?      ? ?    'X-RAY DIFFRACTION' ? 
r_nbtor_refined              ?      ?      ? ?    'X-RAY DIFFRACTION' ? 
r_nbtor_other                ?      ?      ? ?    'X-RAY DIFFRACTION' ? 
r_xyhbond_nbd_refined        ?      ?      ? ?    'X-RAY DIFFRACTION' ? 
r_xyhbond_nbd_other          ?      ?      ? ?    'X-RAY DIFFRACTION' ? 
r_metal_ion_refined          ?      ?      ? ?    'X-RAY DIFFRACTION' ? 
r_metal_ion_other            ?      ?      ? ?    'X-RAY DIFFRACTION' ? 
r_symmetry_vdw_refined       ?      ?      ? ?    'X-RAY DIFFRACTION' ? 
r_symmetry_vdw_other         ?      ?      ? ?    'X-RAY DIFFRACTION' ? 
r_symmetry_hbond_refined     ?      ?      ? ?    'X-RAY DIFFRACTION' ? 
r_symmetry_hbond_other       ?      ?      ? ?    'X-RAY DIFFRACTION' ? 
r_symmetry_metal_ion_refined ?      ?      ? ?    'X-RAY DIFFRACTION' ? 
r_symmetry_metal_ion_other   ?      ?      ? ?    'X-RAY DIFFRACTION' ? 
r_mcbond_it                  1.169  1.500  ? 841  'X-RAY DIFFRACTION' ? 
r_mcbond_other               0.000  1.500  ? 342  'X-RAY DIFFRACTION' ? 
r_mcangle_it                 1.974  2.000  ? 1334 'X-RAY DIFFRACTION' ? 
r_scbond_it                  2.877  3.000  ? 580  'X-RAY DIFFRACTION' ? 
r_scangle_it                 4.428  4.500  ? 560  'X-RAY DIFFRACTION' ? 
r_rigid_bond_restr           ?      ?      ? ?    'X-RAY DIFFRACTION' ? 
r_sphericity_free            ?      ?      ? ?    'X-RAY DIFFRACTION' ? 
r_sphericity_bonded          ?      ?      ? ?    'X-RAY DIFFRACTION' ? 
# 
_refine_ls_shell.pdbx_total_number_of_bins_used   20 
_refine_ls_shell.d_res_high                       1.410 
_refine_ls_shell.d_res_low                        1.447 
_refine_ls_shell.number_reflns_R_work             2345 
_refine_ls_shell.R_factor_R_work                  0.196 
_refine_ls_shell.percent_reflns_obs               99.31 
_refine_ls_shell.R_factor_R_free                  0.207 
_refine_ls_shell.R_factor_R_free_error            ? 
_refine_ls_shell.percent_reflns_R_free            ? 
_refine_ls_shell.number_reflns_R_free             115 
_refine_ls_shell.number_reflns_all                ? 
_refine_ls_shell.R_factor_all                     ? 
_refine_ls_shell.number_reflns_obs                ? 
_refine_ls_shell.redundancy_reflns_obs            ? 
_refine_ls_shell.pdbx_refine_id                   'X-RAY DIFFRACTION' 
# 
_struct.entry_id                  3KKW 
_struct.title                     'Crystal structure of His-tagged form of PA4794 protein' 
_struct.pdbx_model_details        ? 
_struct.pdbx_CASP_flag            ? 
_struct.pdbx_model_type_details   ? 
# 
_struct_keywords.entry_id        3KKW 
_struct_keywords.pdbx_keywords   TRANSFERASE 
_struct_keywords.text            
;acetyltransferase, GNAT family, Structural Genomics, PSI, Protein Structure Initiative, Midwest Center for Structural Genomics, MCSG, TRANSFERASE
;
# 
loop_
_struct_asym.id 
_struct_asym.pdbx_blank_PDB_chainid_flag 
_struct_asym.pdbx_modified 
_struct_asym.entity_id 
_struct_asym.details 
A N N 1 ? 
B N N 2 ? 
C N N 2 ? 
D N N 3 ? 
E N N 3 ? 
F N N 3 ? 
G N N 3 ? 
H N N 3 ? 
I N N 3 ? 
J N N 3 ? 
K N N 3 ? 
L N N 3 ? 
M N N 3 ? 
N N N 3 ? 
O N N 3 ? 
P N N 3 ? 
Q N N 3 ? 
R N N 3 ? 
S N N 3 ? 
T N N 3 ? 
U N N 4 ? 
# 
_struct_biol.id   1 
# 
loop_
_struct_conf.conf_type_id 
_struct_conf.id 
_struct_conf.pdbx_PDB_helix_id 
_struct_conf.beg_label_comp_id 
_struct_conf.beg_label_asym_id 
_struct_conf.beg_label_seq_id 
_struct_conf.pdbx_beg_PDB_ins_code 
_struct_conf.end_label_comp_id 
_struct_conf.end_label_asym_id 
_struct_conf.end_label_seq_id 
_struct_conf.pdbx_end_PDB_ins_code 
_struct_conf.beg_auth_comp_id 
_struct_conf.beg_auth_asym_id 
_struct_conf.beg_auth_seq_id 
_struct_conf.end_auth_comp_id 
_struct_conf.end_auth_asym_id 
_struct_conf.end_auth_seq_id 
_struct_conf.pdbx_PDB_helix_class 
_struct_conf.details 
_struct_conf.pdbx_PDB_helix_length 
HELX_P HELX_P1 1 GLU A 31  ? GLY A 33  ? GLU A 9   GLY A 11  5 ? 3  
HELX_P HELX_P2 2 ASP A 34  ? GLY A 40  ? ASP A 12  GLY A 18  1 ? 7  
HELX_P HELX_P3 3 ASP A 44  ? TYR A 52  ? ASP A 22  TYR A 30  1 ? 9  
HELX_P HELX_P4 4 SER A 60  ? ARG A 71  ? SER A 38  ARG A 49  1 ? 12 
HELX_P HELX_P5 5 PRO A 107 ? ARG A 110 ? PRO A 85  ARG A 88  5 ? 4  
HELX_P HELX_P6 6 GLY A 113 ? LYS A 131 ? GLY A 91  LYS A 109 1 ? 19 
HELX_P HELX_P7 7 ASN A 143 ? LEU A 153 ? ASN A 121 LEU A 131 1 ? 11 
# 
_struct_conf_type.id          HELX_P 
_struct_conf_type.criteria    ? 
_struct_conf_type.reference   ? 
# 
_struct_mon_prot_cis.pdbx_id                1 
_struct_mon_prot_cis.label_comp_id          TRP 
_struct_mon_prot_cis.label_seq_id           57 
_struct_mon_prot_cis.label_asym_id          A 
_struct_mon_prot_cis.label_alt_id           . 
_struct_mon_prot_cis.pdbx_PDB_ins_code      ? 
_struct_mon_prot_cis.auth_comp_id           TRP 
_struct_mon_prot_cis.auth_seq_id            35 
_struct_mon_prot_cis.auth_asym_id           A 
_struct_mon_prot_cis.pdbx_label_comp_id_2   PRO 
_struct_mon_prot_cis.pdbx_label_seq_id_2    58 
_struct_mon_prot_cis.pdbx_label_asym_id_2   A 
_struct_mon_prot_cis.pdbx_PDB_ins_code_2    ? 
_struct_mon_prot_cis.pdbx_auth_comp_id_2    PRO 
_struct_mon_prot_cis.pdbx_auth_seq_id_2     36 
_struct_mon_prot_cis.pdbx_auth_asym_id_2    A 
_struct_mon_prot_cis.pdbx_PDB_model_num     1 
_struct_mon_prot_cis.pdbx_omega_angle       -0.46 
# 
_struct_sheet.id               A 
_struct_sheet.type             ? 
_struct_sheet.number_strands   7 
_struct_sheet.details          ? 
# 
loop_
_struct_sheet_order.sheet_id 
_struct_sheet_order.range_id_1 
_struct_sheet_order.range_id_2 
_struct_sheet_order.offset 
_struct_sheet_order.sense 
A 1 2 ? anti-parallel 
A 2 3 ? anti-parallel 
A 3 4 ? anti-parallel 
A 4 5 ? parallel      
A 5 6 ? anti-parallel 
A 6 7 ? anti-parallel 
# 
loop_
_struct_sheet_range.sheet_id 
_struct_sheet_range.id 
_struct_sheet_range.beg_label_comp_id 
_struct_sheet_range.beg_label_asym_id 
_struct_sheet_range.beg_label_seq_id 
_struct_sheet_range.pdbx_beg_PDB_ins_code 
_struct_sheet_range.end_label_comp_id 
_struct_sheet_range.end_label_asym_id 
_struct_sheet_range.end_label_seq_id 
_struct_sheet_range.pdbx_end_PDB_ins_code 
_struct_sheet_range.beg_auth_comp_id 
_struct_sheet_range.beg_auth_asym_id 
_struct_sheet_range.beg_auth_seq_id 
_struct_sheet_range.end_auth_comp_id 
_struct_sheet_range.end_auth_asym_id 
_struct_sheet_range.end_auth_seq_id 
A 1 SER A 26  ? PRO A 29  ? SER A 4   PRO A 7   
A 2 ARG A 72  ? HIS A 79  ? ARG A 50  HIS A 57  
A 3 GLN A 82  ? GLN A 93  ? GLN A 60  GLN A 71  
A 4 PHE A 97  ? VAL A 105 ? PHE A 75  VAL A 83  
A 5 LEU A 134 ? PHE A 140 ? LEU A 112 PHE A 118 
A 6 ARG A 170 ? PRO A 179 ? ARG A 148 PRO A 157 
A 7 GLN A 156 ? HIS A 164 ? GLN A 134 HIS A 142 
# 
loop_
_pdbx_struct_sheet_hbond.sheet_id 
_pdbx_struct_sheet_hbond.range_id_1 
_pdbx_struct_sheet_hbond.range_id_2 
_pdbx_struct_sheet_hbond.range_1_label_atom_id 
_pdbx_struct_sheet_hbond.range_1_label_comp_id 
_pdbx_struct_sheet_hbond.range_1_label_asym_id 
_pdbx_struct_sheet_hbond.range_1_label_seq_id 
_pdbx_struct_sheet_hbond.range_1_PDB_ins_code 
_pdbx_struct_sheet_hbond.range_1_auth_atom_id 
_pdbx_struct_sheet_hbond.range_1_auth_comp_id 
_pdbx_struct_sheet_hbond.range_1_auth_asym_id 
_pdbx_struct_sheet_hbond.range_1_auth_seq_id 
_pdbx_struct_sheet_hbond.range_2_label_atom_id 
_pdbx_struct_sheet_hbond.range_2_label_comp_id 
_pdbx_struct_sheet_hbond.range_2_label_asym_id 
_pdbx_struct_sheet_hbond.range_2_label_seq_id 
_pdbx_struct_sheet_hbond.range_2_PDB_ins_code 
_pdbx_struct_sheet_hbond.range_2_auth_atom_id 
_pdbx_struct_sheet_hbond.range_2_auth_comp_id 
_pdbx_struct_sheet_hbond.range_2_auth_asym_id 
_pdbx_struct_sheet_hbond.range_2_auth_seq_id 
A 1 2 N SER A 26  ? N SER A 4   O VAL A 78  ? O VAL A 56  
A 2 3 N ARG A 72  ? N ARG A 50  O PHE A 89  ? O PHE A 67  
A 3 4 N ASN A 88  ? N ASN A 66  O GLY A 101 ? O GLY A 79  
A 4 5 N CYS A 98  ? N CYS A 76  O LYS A 136 ? O LYS A 114 
A 5 6 N CYS A 139 ? N CYS A 117 O ILE A 174 ? O ILE A 152 
A 6 7 O VAL A 171 ? O VAL A 149 N ARG A 163 ? N ARG A 141 
# 
loop_
_struct_site.id 
_struct_site.pdbx_evidence_code 
_struct_site.pdbx_auth_asym_id 
_struct_site.pdbx_auth_comp_id 
_struct_site.pdbx_auth_seq_id 
_struct_site.pdbx_auth_ins_code 
_struct_site.pdbx_num_residues 
_struct_site.details 
AC1 Software A SO4 161 ? 8  'BINDING SITE FOR RESIDUE SO4 A 161' 
AC2 Software A SO4 162 ? 12 'BINDING SITE FOR RESIDUE SO4 A 162' 
AC3 Software A EDO 163 ? 7  'BINDING SITE FOR RESIDUE EDO A 163' 
AC4 Software A EDO 164 ? 9  'BINDING SITE FOR RESIDUE EDO A 164' 
AC5 Software A EDO 165 ? 7  'BINDING SITE FOR RESIDUE EDO A 165' 
AC6 Software A EDO 166 ? 4  'BINDING SITE FOR RESIDUE EDO A 166' 
AC7 Software A EDO 167 ? 8  'BINDING SITE FOR RESIDUE EDO A 167' 
AC8 Software A EDO 168 ? 4  'BINDING SITE FOR RESIDUE EDO A 168' 
AC9 Software A EDO 169 ? 6  'BINDING SITE FOR RESIDUE EDO A 169' 
BC1 Software A EDO 170 ? 4  'BINDING SITE FOR RESIDUE EDO A 170' 
BC2 Software A EDO 171 ? 4  'BINDING SITE FOR RESIDUE EDO A 171' 
BC3 Software A EDO 172 ? 5  'BINDING SITE FOR RESIDUE EDO A 172' 
BC4 Software A EDO 173 ? 4  'BINDING SITE FOR RESIDUE EDO A 173' 
BC5 Software A EDO 174 ? 6  'BINDING SITE FOR RESIDUE EDO A 174' 
BC6 Software A EDO 175 ? 10 'BINDING SITE FOR RESIDUE EDO A 175' 
BC7 Software A EDO 176 ? 7  'BINDING SITE FOR RESIDUE EDO A 176' 
BC8 Software A EDO 177 ? 5  'BINDING SITE FOR RESIDUE EDO A 177' 
BC9 Software A EDO 178 ? 5  'BINDING SITE FOR RESIDUE EDO A 178' 
CC1 Software A EDO 179 ? 7  'BINDING SITE FOR RESIDUE EDO A 179' 
# 
loop_
_struct_site_gen.id 
_struct_site_gen.site_id 
_struct_site_gen.pdbx_num_res 
_struct_site_gen.label_comp_id 
_struct_site_gen.label_asym_id 
_struct_site_gen.label_seq_id 
_struct_site_gen.pdbx_auth_ins_code 
_struct_site_gen.auth_comp_id 
_struct_site_gen.auth_asym_id 
_struct_site_gen.auth_seq_id 
_struct_site_gen.label_atom_id 
_struct_site_gen.label_alt_id 
_struct_site_gen.symmetry 
_struct_site_gen.details 
1   AC1 8  HIS A 6   ? HIS A -16 . ? 4_556 ? 
2   AC1 8  HIS A 5   ? HIS A -17 . ? 4_556 ? 
3   AC1 8  SER A 4   ? SER A -18 . ? 4_556 ? 
4   AC1 8  ARG A 163 ? ARG A 141 . ? 1_555 ? 
5   AC1 8  GLN A 175 ? GLN A 153 . ? 1_555 ? 
6   AC1 8  HOH U .   ? HOH A 235 . ? 1_555 ? 
7   AC1 8  HOH U .   ? HOH A 353 . ? 1_555 ? 
8   AC1 8  HOH U .   ? HOH A 370 . ? 1_555 ? 
9   AC2 12 GLY A 111 ? GLY A 89  . ? 1_555 ? 
10  AC2 12 LEU A 112 ? LEU A 90  . ? 1_555 ? 
11  AC2 12 GLY A 113 ? GLY A 91  . ? 1_555 ? 
12  AC2 12 VAL A 114 ? VAL A 92  . ? 1_555 ? 
13  AC2 12 ALA A 115 ? ALA A 93  . ? 1_555 ? 
14  AC2 12 ARG A 116 ? ARG A 94  . ? 1_555 ? 
15  AC2 12 LEU A 149 ? LEU A 127 . ? 1_555 ? 
16  AC2 12 HOH U .   ? HOH A 203 . ? 1_555 ? 
17  AC2 12 HOH U .   ? HOH A 212 . ? 1_555 ? 
18  AC2 12 HOH U .   ? HOH A 215 . ? 1_555 ? 
19  AC2 12 HOH U .   ? HOH A 244 . ? 1_555 ? 
20  AC2 12 HOH U .   ? HOH A 291 . ? 1_555 ? 
21  AC3 7  GLU A 47  ? GLU A 25  . ? 1_555 ? 
22  AC3 7  CYS A 51  ? CYS A 29  . ? 1_555 ? 
23  AC3 7  MET A 104 ? MET A 82  . ? 1_555 ? 
24  AC3 7  VAL A 105 ? VAL A 83  . ? 1_555 ? 
25  AC3 7  ARG A 110 ? ARG A 88  . ? 1_555 ? 
26  AC3 7  HOH U .   ? HOH A 363 . ? 1_555 ? 
27  AC3 7  HOH U .   ? HOH A 371 . ? 1_555 ? 
28  AC4 9  GLU A 36  ? GLU A 14  . ? 1_554 ? 
29  AC4 9  ALA A 39  ? ALA A 17  . ? 1_554 ? 
30  AC4 9  GLY A 40  ? GLY A 18  . ? 1_554 ? 
31  AC4 9  PHE A 59  ? PHE A 37  . ? 1_554 ? 
32  AC4 9  HIS A 94  ? HIS A 72  . ? 1_555 ? 
33  AC4 9  LYS A 131 ? LYS A 109 . ? 1_555 ? 
34  AC4 9  ARG A 133 ? ARG A 111 . ? 1_555 ? 
35  AC4 9  HOH U .   ? HOH A 225 . ? 1_554 ? 
36  AC4 9  HOH U .   ? HOH A 226 . ? 1_554 ? 
37  AC5 7  LEU A 148 ? LEU A 126 . ? 1_555 ? 
38  AC5 7  THR A 151 ? THR A 129 . ? 1_555 ? 
39  AC5 7  GLN A 152 ? GLN A 130 . ? 1_555 ? 
40  AC5 7  GLU A 162 ? GLU A 140 . ? 2_555 ? 
41  AC5 7  HOH U .   ? HOH A 249 . ? 2_555 ? 
42  AC5 7  HOH U .   ? HOH A 331 . ? 1_555 ? 
43  AC5 7  HOH U .   ? HOH A 364 . ? 2_555 ? 
44  AC6 4  GLN A 91  ? GLN A 69  . ? 1_555 ? 
45  AC6 4  TRP A 92  ? TRP A 70  . ? 1_555 ? 
46  AC6 4  GLN A 93  ? GLN A 71  . ? 1_555 ? 
47  AC6 4  HOH U .   ? HOH A 308 . ? 1_555 ? 
48  AC7 8  THR A 37  ? THR A 15  . ? 1_555 ? 
49  AC7 8  GLN A 82  ? GLN A 60  . ? 1_555 ? 
50  AC7 8  VAL A 83  ? VAL A 61  . ? 1_555 ? 
51  AC7 8  HIS A 164 ? HIS A 142 . ? 3_556 ? 
52  AC7 8  GLY A 168 ? GLY A 146 . ? 3_556 ? 
53  AC7 8  ARG A 170 ? ARG A 148 . ? 3_556 ? 
54  AC7 8  HOH U .   ? HOH A 216 . ? 3_556 ? 
55  AC7 8  HOH U .   ? HOH A 266 . ? 1_555 ? 
56  AC8 4  ARG A 72  ? ARG A 50  . ? 1_555 ? 
57  AC8 4  TRP A 92  ? TRP A 70  . ? 1_555 ? 
58  AC8 4  HOH U .   ? HOH A 204 . ? 1_555 ? 
59  AC8 4  HOH U .   ? HOH A 274 . ? 1_555 ? 
60  AC9 6  ILE A 56  ? ILE A 34  . ? 1_555 ? 
61  AC9 6  TRP A 57  ? TRP A 35  . ? 1_555 ? 
62  AC9 6  PRO A 166 ? PRO A 144 . ? 1_555 ? 
63  AC9 6  HOH U .   ? HOH A 223 . ? 1_555 ? 
64  AC9 6  HOH U .   ? HOH A 338 . ? 1_555 ? 
65  AC9 6  HOH U .   ? HOH A 383 . ? 1_555 ? 
66  BC1 4  TYR A 52  ? TYR A 30  . ? 1_555 ? 
67  BC1 4  ARG A 71  ? ARG A 49  . ? 1_555 ? 
68  BC1 4  HOH U .   ? HOH A 229 . ? 1_555 ? 
69  BC1 4  HOH U .   ? HOH A 352 . ? 1_555 ? 
70  BC2 4  ARG A 45  ? ARG A 23  . ? 1_555 ? 
71  BC2 4  ASP A 46  ? ASP A 24  . ? 1_555 ? 
72  BC2 4  ASP A 165 ? ASP A 143 . ? 1_555 ? 
73  BC2 4  HOH U .   ? HOH A 231 . ? 1_555 ? 
74  BC3 5  GLY A 40  ? GLY A 18  . ? 1_555 ? 
75  BC3 5  GLN A 43  ? GLN A 21  . ? 1_555 ? 
76  BC3 5  LYS A 131 ? LYS A 109 . ? 1_556 ? 
77  BC3 5  ARG A 133 ? ARG A 111 . ? 1_556 ? 
78  BC3 5  HOH U .   ? HOH A 288 . ? 1_556 ? 
79  BC4 4  GLU A 36  ? GLU A 14  . ? 1_555 ? 
80  BC4 4  THR A 37  ? THR A 15  . ? 1_555 ? 
81  BC4 4  LYS A 131 ? LYS A 109 . ? 1_556 ? 
82  BC4 4  HOH U .   ? HOH A 315 . ? 1_555 ? 
83  BC5 6  MET A 103 ? MET A 81  . ? 1_555 ? 
84  BC5 6  ASN A 143 ? ASN A 121 . ? 1_555 ? 
85  BC5 6  GLY A 146 ? GLY A 124 . ? 1_555 ? 
86  BC5 6  TYR A 150 ? TYR A 128 . ? 1_555 ? 
87  BC5 6  HOH U .   ? HOH A 244 . ? 1_555 ? 
88  BC5 6  HOH U .   ? HOH A 371 . ? 1_555 ? 
89  BC6 10 HIS A 6   ? HIS A -16 . ? 4_556 ? 
90  BC6 10 HIS A 5   ? HIS A -17 . ? 4_556 ? 
91  BC6 10 CYS A 51  ? CYS A 29  . ? 1_555 ? 
92  BC6 10 PRO A 53  ? PRO A 31  . ? 1_555 ? 
93  BC6 10 ARG A 71  ? ARG A 49  . ? 1_555 ? 
94  BC6 10 TYR A 90  ? TYR A 68  . ? 1_555 ? 
95  BC6 10 GLY A 101 ? GLY A 79  . ? 1_555 ? 
96  BC6 10 ASN A 102 ? ASN A 80  . ? 1_555 ? 
97  BC6 10 HOH U .   ? HOH A 229 . ? 1_555 ? 
98  BC6 10 HOH U .   ? HOH A 246 . ? 1_555 ? 
99  BC7 7  GLY A 101 ? GLY A 79  . ? 1_555 ? 
100 BC7 7  ASN A 102 ? ASN A 80  . ? 1_555 ? 
101 BC7 7  MET A 103 ? MET A 81  . ? 1_555 ? 
102 BC7 7  SER A 138 ? SER A 116 . ? 1_555 ? 
103 BC7 7  TYR A 150 ? TYR A 128 . ? 1_555 ? 
104 BC7 7  HOH U .   ? HOH A 246 . ? 1_555 ? 
105 BC7 7  HOH U .   ? HOH A 264 . ? 1_555 ? 
106 BC8 5  GLN A 43  ? GLN A 21  . ? 1_555 ? 
107 BC8 5  GLU A 47  ? GLU A 25  . ? 1_555 ? 
108 BC8 5  ARG A 110 ? ARG A 88  . ? 1_555 ? 
109 BC8 5  HOH U .   ? HOH A 299 . ? 1_555 ? 
110 BC8 5  HOH U .   ? HOH A 382 . ? 1_555 ? 
111 BC9 5  ARG A 72  ? ARG A 50  . ? 1_555 ? 
112 BC9 5  GLY A 73  ? GLY A 51  . ? 1_555 ? 
113 BC9 5  SER A 74  ? SER A 52  . ? 1_555 ? 
114 BC9 5  HOH U .   ? HOH A 209 . ? 1_555 ? 
115 BC9 5  HOH U .   ? HOH A 300 . ? 1_555 ? 
116 CC1 7  THR A 32  ? THR A 10  . ? 1_555 ? 
117 CC1 7  GLY A 33  ? GLY A 11  . ? 1_555 ? 
118 CC1 7  LEU A 35  ? LEU A 13  . ? 1_555 ? 
119 CC1 7  GLU A 36  ? GLU A 14  . ? 1_555 ? 
120 CC1 7  GLY A 111 ? GLY A 89  . ? 4_556 ? 
121 CC1 7  ARG A 170 ? ARG A 148 . ? 3_556 ? 
122 CC1 7  HOH U .   ? HOH A 190 . ? 1_555 ? 
# 
_atom_sites.entry_id                    3KKW 
_atom_sites.fract_transf_matrix[1][1]   -0.01060322 
_atom_sites.fract_transf_matrix[1][2]   -0.01360818 
_atom_sites.fract_transf_matrix[1][3]   0.00211857 
_atom_sites.fract_transf_matrix[2][1]   -0.00882776 
_atom_sites.fract_transf_matrix[2][2]   0.00778533 
_atom_sites.fract_transf_matrix[2][3]   0.00582537 
_atom_sites.fract_transf_matrix[3][1]   -0.01063369 
_atom_sites.fract_transf_matrix[3][2]   0.00478189 
_atom_sites.fract_transf_matrix[3][3]   -0.02250506 
_atom_sites.fract_transf_vector[1]      0.186662 
_atom_sites.fract_transf_vector[2]      0.175716 
_atom_sites.fract_transf_vector[3]      0.293749 
# 
loop_
_atom_type.symbol 
C 
N 
O 
S 
# 
loop_
_atom_site.group_PDB 
_atom_site.id 
_atom_site.type_symbol 
_atom_site.label_atom_id 
_atom_site.label_alt_id 
_atom_site.label_comp_id 
_atom_site.label_asym_id 
_atom_site.label_entity_id 
_atom_site.label_seq_id 
_atom_site.pdbx_PDB_ins_code 
_atom_site.Cartn_x 
_atom_site.Cartn_y 
_atom_site.Cartn_z 
_atom_site.occupancy 
_atom_site.B_iso_or_equiv 
_atom_site.pdbx_formal_charge 
_atom_site.auth_seq_id 
_atom_site.auth_comp_id 
_atom_site.auth_asym_id 
_atom_site.auth_atom_id 
_atom_site.pdbx_PDB_model_num 
ATOM   1    N N   . SER A 1 4   ? -14.954 36.854  -6.918  1.00 36.34 ? -18 SER A N   1 
ATOM   2    C CA  . SER A 1 4   ? -13.775 37.303  -7.698  1.00 33.22 ? -18 SER A CA  1 
ATOM   3    C C   . SER A 1 4   ? -12.636 36.316  -7.499  1.00 31.19 ? -18 SER A C   1 
ATOM   4    O O   . SER A 1 4   ? -12.426 35.816  -6.385  1.00 30.53 ? -18 SER A O   1 
ATOM   5    C CB  . SER A 1 4   ? -13.337 38.704  -7.246  1.00 32.20 ? -18 SER A CB  1 
ATOM   6    N N   . HIS A 1 5   ? -11.894 36.038  -8.568  1.00 29.48 ? -17 HIS A N   1 
ATOM   7    C CA  . HIS A 1 5   ? -10.744 35.123  -8.485  1.00 27.88 ? -17 HIS A CA  1 
ATOM   8    C C   . HIS A 1 5   ? -9.660  35.658  -7.583  1.00 24.90 ? -17 HIS A C   1 
ATOM   9    O O   . HIS A 1 5   ? -8.870  34.891  -7.042  1.00 25.62 ? -17 HIS A O   1 
ATOM   10   C CB  . HIS A 1 5   ? -10.121 34.899  -9.864  1.00 29.57 ? -17 HIS A CB  1 
ATOM   11   C CG  . HIS A 1 5   ? -10.947 34.059  -10.767 1.00 31.65 ? -17 HIS A CG  1 
ATOM   12   N ND1 . HIS A 1 5   ? -11.034 32.690  -10.639 1.00 38.48 ? -17 HIS A ND1 1 
ATOM   13   C CD2 . HIS A 1 5   ? -11.706 34.399  -11.829 1.00 34.13 ? -17 HIS A CD2 1 
ATOM   14   C CE1 . HIS A 1 5   ? -11.824 32.218  -11.589 1.00 39.52 ? -17 HIS A CE1 1 
ATOM   15   N NE2 . HIS A 1 5   ? -12.246 33.238  -12.323 1.00 38.60 ? -17 HIS A NE2 1 
ATOM   16   N N   . HIS A 1 6   ? -9.602  36.982  -7.439  1.00 22.28 ? -16 HIS A N   1 
ATOM   17   C CA  . HIS A 1 6   ? -8.457  37.584  -6.748  1.00 20.53 ? -16 HIS A CA  1 
ATOM   18   C C   . HIS A 1 6   ? -8.786  38.071  -5.326  1.00 20.69 ? -16 HIS A C   1 
ATOM   19   O O   . HIS A 1 6   ? -7.917  38.603  -4.640  1.00 20.42 ? -16 HIS A O   1 
ATOM   20   C CB  . HIS A 1 6   ? -7.805  38.656  -7.599  1.00 20.57 ? -16 HIS A CB  1 
ATOM   21   C CG  . HIS A 1 6   ? -7.059  38.107  -8.772  1.00 21.49 ? -16 HIS A CG  1 
ATOM   22   N ND1 . HIS A 1 6   ? -7.666  37.846  -9.987  1.00 21.20 ? -16 HIS A ND1 1 
ATOM   23   C CD2 . HIS A 1 6   ? -5.776  37.686  -8.892  1.00 21.63 ? -16 HIS A CD2 1 
ATOM   24   C CE1 . HIS A 1 6   ? -6.772  37.328  -10.816 1.00 24.38 ? -16 HIS A CE1 1 
ATOM   25   N NE2 . HIS A 1 6   ? -5.628  37.201  -10.165 1.00 22.26 ? -16 HIS A NE2 1 
ATOM   26   N N   . HIS A 1 7   ? -10.032 37.914  -4.865  1.00 20.52 ? -15 HIS A N   1 
ATOM   27   C CA  . HIS A 1 7   ? -10.327 38.083  -3.450  1.00 19.73 ? -15 HIS A CA  1 
ATOM   28   C C   . HIS A 1 7   ? -9.810  36.839  -2.769  1.00 19.91 ? -15 HIS A C   1 
ATOM   29   O O   . HIS A 1 7   ? -9.975  35.760  -3.302  1.00 21.65 ? -15 HIS A O   1 
ATOM   30   C CB  . HIS A 1 7   ? -11.840 38.180  -3.215  1.00 20.59 ? -15 HIS A CB  1 
ATOM   31   C CG  . HIS A 1 7   ? -12.420 39.550  -3.395  1.00 19.45 ? -15 HIS A CG  1 
ATOM   32   N ND1 . HIS A 1 7   ? -13.526 39.838  -4.162  1.00 26.86 ? -15 HIS A ND1 1 
ATOM   33   C CD2 . HIS A 1 7   ? -12.024 40.712  -2.847  1.00 18.85 ? -15 HIS A CD2 1 
ATOM   34   C CE1 . HIS A 1 7   ? -13.776 41.139  -4.096  1.00 26.31 ? -15 HIS A CE1 1 
ATOM   35   N NE2 . HIS A 1 7   ? -12.855 41.691  -3.319  1.00 23.81 ? -15 HIS A NE2 1 
ATOM   36   N N   . HIS A 1 8   ? -9.234  36.987  -1.586  1.00 19.77 ? -14 HIS A N   1 
ATOM   37   C CA  . HIS A 1 8   ? -8.958  35.806  -0.749  1.00 20.13 ? -14 HIS A CA  1 
ATOM   38   C C   . HIS A 1 8   ? -10.207 34.993  -0.365  1.00 21.25 ? -14 HIS A C   1 
ATOM   39   O O   . HIS A 1 8   ? -10.180 33.742  -0.395  1.00 22.41 ? -14 HIS A O   1 
ATOM   40   C CB  . HIS A 1 8   ? -8.198  36.187  0.528   1.00 20.21 ? -14 HIS A CB  1 
ATOM   41   C CG  . HIS A 1 8   ? -7.859  34.988  1.381   1.00 20.78 ? -14 HIS A CG  1 
ATOM   42   N ND1 . HIS A 1 8   ? -7.099  33.903  0.937   1.00 22.11 ? -14 HIS A ND1 1 
ATOM   43   C CD2 . HIS A 1 8   ? -8.216  34.699  2.655   1.00 22.60 ? -14 HIS A CD2 1 
ATOM   44   C CE1 . HIS A 1 8   ? -7.005  33.022  1.916   1.00 26.02 ? -14 HIS A CE1 1 
ATOM   45   N NE2 . HIS A 1 8   ? -7.696  33.465  2.955   1.00 26.56 ? -14 HIS A NE2 1 
ATOM   46   N N   . HIS A 1 9   ? -11.301 35.688  -0.088  1.00 22.32 ? -13 HIS A N   1 
ATOM   47   C CA  . HIS A 1 9   ? -12.560 35.075  0.313   1.00 26.73 ? -13 HIS A CA  1 
ATOM   48   C C   . HIS A 1 9   ? -13.073 33.955  -0.604  1.00 31.40 ? -13 HIS A C   1 
ATOM   49   O O   . HIS A 1 9   ? -13.040 34.075  -1.844  1.00 30.19 ? -13 HIS A O   1 
ATOM   50   C CB  . HIS A 1 9   ? -13.597 36.195  0.426   1.00 27.59 ? -13 HIS A CB  1 
ATOM   51   N N   . HIS A 1 10  ? -13.509 32.867  0.034   1.00 25.95 ? -12 HIS A N   1 
ATOM   52   C CA  . HIS A 1 10  ? -14.093 31.663  -0.604  1.00 29.27 ? -12 HIS A CA  1 
ATOM   53   C C   . HIS A 1 10  ? -15.550 31.637  -0.154  1.00 30.59 ? -12 HIS A C   1 
ATOM   54   O O   . HIS A 1 10  ? -16.342 32.428  -0.640  1.00 34.53 ? -12 HIS A O   1 
ATOM   55   C CB  . HIS A 1 10  ? -13.450 30.391  -0.070  1.00 29.42 ? -12 HIS A CB  1 
ATOM   56   C CG  . HIS A 1 10  ? -11.967 30.475  0.065   1.00 30.36 ? -12 HIS A CG  1 
ATOM   57   N ND1 . HIS A 1 10  ? -11.340 31.155  1.099   1.00 30.73 ? -12 HIS A ND1 1 
ATOM   58   C CD2 . HIS A 1 10  ? -10.975 30.030  -0.744  1.00 29.78 ? -12 HIS A CD2 1 
ATOM   59   C CE1 . HIS A 1 10  ? -10.022 31.119  0.917   1.00 27.38 ? -12 HIS A CE1 1 
ATOM   60   N NE2 . HIS A 1 10  ? -9.779  30.396  -0.163  1.00 30.77 ? -12 HIS A NE2 1 
ATOM   61   N N   . MET A 1 23  ? -6.147  18.308  4.236   1.00 41.02 ? 1   MET A N   1 
ATOM   62   C CA  . MET A 1 23  ? -6.189  16.892  3.863   1.00 39.30 ? 1   MET A CA  1 
ATOM   63   C C   . MET A 1 23  ? -6.535  16.046  5.092   1.00 37.08 ? 1   MET A C   1 
ATOM   64   O O   . MET A 1 23  ? -5.673  15.346  5.632   1.00 38.85 ? 1   MET A O   1 
ATOM   65   C CB  . MET A 1 23  ? -4.840  16.466  3.277   1.00 39.57 ? 1   MET A CB  1 
ATOM   66   C CG  . MET A 1 23  ? -4.883  15.215  2.403   1.00 39.49 ? 1   MET A CG  1 
ATOM   67   S SD  . MET A 1 23  ? -5.736  15.505  0.842   1.00 40.30 ? 1   MET A SD  1 
ATOM   68   C CE  . MET A 1 23  ? -6.185  13.800  0.483   1.00 37.83 ? 1   MET A CE  1 
ATOM   69   N N   . GLN A 1 24  ? -7.789  16.125  5.519   0.50 33.66 ? 2   GLN A N   1 
ATOM   70   C CA  . GLN A 1 24  ? -8.271  15.376  6.674   0.50 30.56 ? 2   GLN A CA  1 
ATOM   71   C C   . GLN A 1 24  ? -8.599  13.960  6.224   0.50 26.71 ? 2   GLN A C   1 
ATOM   72   O O   . GLN A 1 24  ? -9.415  13.778  5.344   0.50 27.08 ? 2   GLN A O   1 
ATOM   73   C CB  . GLN A 1 24  ? -9.528  16.021  7.242   0.50 31.00 ? 2   GLN A CB  1 
ATOM   74   N N   . LEU A 1 25  ? -7.926  12.975  6.809   1.00 23.16 ? 3   LEU A N   1 
ATOM   75   C CA  . LEU A 1 25  ? -8.124  11.575  6.457   1.00 19.24 ? 3   LEU A CA  1 
ATOM   76   C C   . LEU A 1 25  ? -8.642  10.768  7.645   1.00 17.86 ? 3   LEU A C   1 
ATOM   77   O O   . LEU A 1 25  ? -8.340  11.067  8.808   1.00 21.20 ? 3   LEU A O   1 
ATOM   78   C CB  . LEU A 1 25  ? -6.803  10.961  5.916   1.00 19.25 ? 3   LEU A CB  1 
ATOM   79   C CG  . LEU A 1 25  ? -6.402  11.418  4.499   1.00 17.15 ? 3   LEU A CG  1 
ATOM   80   C CD1 . LEU A 1 25  ? -4.855  11.546  4.379   1.00 19.42 ? 3   LEU A CD1 1 
ATOM   81   C CD2 . LEU A 1 25  ? -6.943  10.469  3.466   1.00 19.85 ? 3   LEU A CD2 1 
ATOM   82   N N   . SER A 1 26  ? -9.448  9.760   7.346   1.00 15.52 ? 4   SER A N   1 
ATOM   83   C CA  . SER A 1 26  ? -9.898  8.783   8.303   1.00 15.61 ? 4   SER A CA  1 
ATOM   84   C C   . SER A 1 26  ? -9.654  7.392   7.762   1.00 14.21 ? 4   SER A C   1 
ATOM   85   O O   . SER A 1 26  ? -9.309  7.247   6.576   1.00 13.31 ? 4   SER A O   1 
ATOM   86   C CB  . SER A 1 26  ? -11.398 9.017   8.622   1.00 15.99 ? 4   SER A CB  1 
ATOM   87   O OG  . SER A 1 26  ? -12.208 8.883   7.468   1.00 19.20 ? 4   SER A OG  1 
ATOM   88   N N   . HIS A 1 27  ? -9.852  6.359   8.589   1.00 13.81 ? 5   HIS A N   1 
ATOM   89   C CA  . HIS A 1 27  ? -9.657  4.996   8.113   1.00 12.90 ? 5   HIS A CA  1 
ATOM   90   C C   . HIS A 1 27  ? -10.711 4.089   8.711   1.00 13.06 ? 5   HIS A C   1 
ATOM   91   O O   . HIS A 1 27  ? -11.310 4.414   9.742   1.00 14.20 ? 5   HIS A O   1 
ATOM   92   C CB  . HIS A 1 27  ? -8.239  4.508   8.447   1.00 12.75 ? 5   HIS A CB  1 
ATOM   93   C CG  . HIS A 1 27  ? -7.978  4.383   9.900   1.00 14.11 ? 5   HIS A CG  1 
ATOM   94   N ND1 . HIS A 1 27  ? -8.209  3.228   10.601  1.00 16.90 ? 5   HIS A ND1 1 
ATOM   95   C CD2 . HIS A 1 27  ? -7.473  5.274   10.786  1.00 15.86 ? 5   HIS A CD2 1 
ATOM   96   C CE1 . HIS A 1 27  ? -7.894  3.423   11.870  1.00 18.05 ? 5   HIS A CE1 1 
ATOM   97   N NE2 . HIS A 1 27  ? -7.423  4.648   12.001  1.00 19.74 ? 5   HIS A NE2 1 
ATOM   98   N N   . ARG A 1 28  ? -10.890 2.932   8.096   1.00 11.18 ? 6   ARG A N   1 
ATOM   99   C CA  . ARG A 1 28  ? -11.775 1.889   8.566   1.00 11.08 ? 6   ARG A CA  1 
ATOM   100  C C   . ARG A 1 28  ? -11.464 0.612   7.865   1.00 11.27 ? 6   ARG A C   1 
ATOM   101  O O   . ARG A 1 28  ? -10.815 0.635   6.817   1.00 10.83 ? 6   ARG A O   1 
ATOM   102  C CB  . ARG A 1 28  ? -13.258 2.249   8.364   1.00 12.45 ? 6   ARG A CB  1 
ATOM   103  C CG  . ARG A 1 28  ? -13.625 2.594   6.953   1.00 13.01 ? 6   ARG A CG  1 
ATOM   104  C CD  . ARG A 1 28  ? -15.165 2.616   6.787   1.00 14.15 ? 6   ARG A CD  1 
ATOM   105  N NE  . ARG A 1 28  ? -15.531 3.105   5.445   1.00 14.49 ? 6   ARG A NE  1 
ATOM   106  C CZ  . ARG A 1 28  ? -15.477 2.357   4.340   1.00 12.04 ? 6   ARG A CZ  1 
ATOM   107  N NH1 . ARG A 1 28  ? -15.100 1.072   4.417   1.00 13.02 ? 6   ARG A NH1 1 
ATOM   108  N NH2 . ARG A 1 28  ? -15.768 2.933   3.181   1.00 12.97 ? 6   ARG A NH2 1 
ATOM   109  N N   . PRO A 1 29  ? -11.880 -0.553  8.397   1.00 11.79 ? 7   PRO A N   1 
ATOM   110  C CA  . PRO A 1 29  ? -11.685 -1.789  7.645   1.00 12.04 ? 7   PRO A CA  1 
ATOM   111  C C   . PRO A 1 29  ? -12.358 -1.718  6.269   1.00 11.20 ? 7   PRO A C   1 
ATOM   112  O O   . PRO A 1 29  ? -13.423 -1.102  6.083   1.00 12.08 ? 7   PRO A O   1 
ATOM   113  C CB  . PRO A 1 29  ? -12.277 -2.862  8.544   1.00 13.03 ? 7   PRO A CB  1 
ATOM   114  C CG  . PRO A 1 29  ? -12.232 -2.264  9.885   1.00 13.51 ? 7   PRO A CG  1 
ATOM   115  C CD  . PRO A 1 29  ? -12.449 -0.799  9.736   1.00 13.01 ? 7   PRO A CD  1 
ATOM   116  N N   . ALA A 1 30  ? -11.731 -2.349  5.273   1.00 11.01 ? 8   ALA A N   1 
ATOM   117  C CA  . ALA A 1 30  ? -12.288 -2.447  3.942   1.00 10.63 ? 8   ALA A CA  1 
ATOM   118  C C   . ALA A 1 30  ? -13.560 -3.265  3.977   1.00 11.62 ? 8   ALA A C   1 
ATOM   119  O O   . ALA A 1 30  ? -13.660 -4.259  4.743   1.00 14.25 ? 8   ALA A O   1 
ATOM   120  C CB  . ALA A 1 30  ? -11.248 -3.118  3.006   1.00 10.81 ? 8   ALA A CB  1 
ATOM   121  N N   . GLU A 1 31  ? -14.507 -2.889  3.149   1.00 11.74 ? 9   GLU A N   1 
ATOM   122  C CA  . GLU A 1 31  ? -15.845 -3.491  3.036   1.00 11.83 ? 9   GLU A CA  1 
ATOM   123  C C   . GLU A 1 31  ? -16.088 -3.900  1.601   1.00 12.67 ? 9   GLU A C   1 
ATOM   124  O O   . GLU A 1 31  ? -15.459 -3.400  0.669   1.00 11.44 ? 9   GLU A O   1 
ATOM   125  C CB  . GLU A 1 31  ? -16.906 -2.477  3.480   1.00 11.94 ? 9   GLU A CB  1 
ATOM   126  C CG  . GLU A 1 31  ? -16.778 -2.090  4.963   1.00 13.17 ? 9   GLU A CG  1 
ATOM   127  C CD  . GLU A 1 31  ? -17.690 -0.965  5.434   1.00 17.03 ? 9   GLU A CD  1 
ATOM   128  O OE1 . GLU A 1 31  ? -18.491 -0.414  4.659   1.00 17.44 ? 9   GLU A OE1 1 
ATOM   129  O OE2 . GLU A 1 31  ? -17.594 -0.611  6.635   1.00 19.15 ? 9   GLU A OE2 1 
ATOM   130  N N   . THR A 1 32  ? -17.031 -4.813  1.399   1.00 13.63 ? 10  THR A N   1 
ATOM   131  C CA  . THR A 1 32  ? -17.375 -5.251  0.048   1.00 13.45 ? 10  THR A CA  1 
ATOM   132  C C   . THR A 1 32  ? -17.668 -4.092  -0.876  1.00 13.03 ? 10  THR A C   1 
ATOM   133  O O   . THR A 1 32  ? -17.197 -4.069  -2.020  1.00 12.60 ? 10  THR A O   1 
ATOM   134  C CB  . THR A 1 32  ? -18.636 -6.110  0.132   1.00 16.75 ? 10  THR A CB  1 
ATOM   135  O OG1 . THR A 1 32  ? -18.275 -7.264  0.875   1.00 21.40 ? 10  THR A OG1 1 
ATOM   136  C CG2 . THR A 1 32  ? -19.153 -6.473  -1.284  1.00 17.67 ? 10  THR A CG2 1 
ATOM   137  N N   . GLY A 1 33  ? -18.391 -3.084  -0.394  1.00 12.59 ? 11  GLY A N   1 
ATOM   138  C CA  . GLY A 1 33  ? -18.718 -1.967  -1.251  1.00 13.48 ? 11  GLY A CA  1 
ATOM   139  C C   . GLY A 1 33  ? -17.536 -1.125  -1.748  1.00 12.47 ? 11  GLY A C   1 
ATOM   140  O O   . GLY A 1 33  ? -17.601 -0.429  -2.771  1.00 14.01 ? 11  GLY A O   1 
ATOM   141  N N   . ASP A 1 34  ? -16.399 -1.214  -1.053  1.00 11.62 ? 12  ASP A N   1 
ATOM   142  C CA  . ASP A 1 34  ? -15.203 -0.522  -1.444  1.00 10.09 ? 12  ASP A CA  1 
ATOM   143  C C   . ASP A 1 34  ? -14.457 -1.200  -2.584  1.00 10.99 ? 12  ASP A C   1 
ATOM   144  O O   . ASP A 1 34  ? -13.555 -0.564  -3.181  1.00 10.73 ? 12  ASP A O   1 
ATOM   145  C CB  . ASP A 1 34  ? -14.233 -0.471  -0.268  1.00 10.16 ? 12  ASP A CB  1 
ATOM   146  C CG  . ASP A 1 34  ? -14.760 0.195   0.943   1.00 11.82 ? 12  ASP A CG  1 
ATOM   147  O OD1 . ASP A 1 34  ? -15.552 1.198   0.909   1.00 13.43 ? 12  ASP A OD1 1 
ATOM   148  O OD2 . ASP A 1 34  ? -14.356 -0.230  2.075   1.00 12.22 ? 12  ASP A OD2 1 
ATOM   149  N N   A LEU A 1 35  ? -14.723 -2.483  -2.817  0.50 10.76 ? 13  LEU A N   1 
ATOM   150  N N   B LEU A 1 35  ? -14.712 -2.451  -2.848  0.50 11.02 ? 13  LEU A N   1 
ATOM   151  C CA  A LEU A 1 35  ? -13.951 -3.322  -3.767  0.50 10.26 ? 13  LEU A CA  1 
ATOM   152  C CA  B LEU A 1 35  ? -13.785 -3.163  -3.686  0.50 10.82 ? 13  LEU A CA  1 
ATOM   153  C C   A LEU A 1 35  ? -13.848 -2.670  -5.134  0.50 9.66  ? 13  LEU A C   1 
ATOM   154  C C   B LEU A 1 35  ? -13.827 -2.688  -5.154  0.50 10.19 ? 13  LEU A C   1 
ATOM   155  O O   A LEU A 1 35  ? -12.744 -2.564  -5.696  0.50 9.95  ? 13  LEU A O   1 
ATOM   156  O O   B LEU A 1 35  ? -12.766 -2.690  -5.797  0.50 10.34 ? 13  LEU A O   1 
ATOM   157  C CB  A LEU A 1 35  ? -14.555 -4.741  -3.925  0.50 10.42 ? 13  LEU A CB  1 
ATOM   158  C CB  B LEU A 1 35  ? -13.969 -4.654  -3.520  0.50 11.76 ? 13  LEU A CB  1 
ATOM   159  C CG  A LEU A 1 35  ? -14.449 -5.675  -2.717  0.50 11.04 ? 13  LEU A CG  1 
ATOM   160  C CG  B LEU A 1 35  ? -13.853 -5.132  -2.077  0.50 12.40 ? 13  LEU A CG  1 
ATOM   161  C CD1 A LEU A 1 35  ? -15.279 -6.948  -2.919  0.50 12.30 ? 13  LEU A CD1 1 
ATOM   162  C CD1 B LEU A 1 35  ? -13.924 -6.681  -2.071  0.50 17.66 ? 13  LEU A CD1 1 
ATOM   163  C CD2 A LEU A 1 35  ? -12.954 -6.066  -2.392  0.50 12.92 ? 13  LEU A CD2 1 
ATOM   164  C CD2 B LEU A 1 35  ? -12.617 -4.590  -1.412  0.50 12.36 ? 13  LEU A CD2 1 
ATOM   165  N N   . GLU A 1 36  ? -14.960 -2.270  -5.699  1.00 10.90 ? 14  GLU A N   1 
ATOM   166  C CA  . GLU A 1 36  ? -14.955 -1.742  -7.084  1.00 12.20 ? 14  GLU A CA  1 
ATOM   167  C C   . GLU A 1 36  ? -14.069 -0.515  -7.158  1.00 11.40 ? 14  GLU A C   1 
ATOM   168  O O   . GLU A 1 36  ? -13.272 -0.369  -8.071  1.00 11.41 ? 14  GLU A O   1 
ATOM   169  C CB  . GLU A 1 36  ? -16.370 -1.454  -7.540  1.00 15.31 ? 14  GLU A CB  1 
ATOM   170  C CG  . GLU A 1 36  ? -16.492 -1.001  -8.973  1.00 17.49 ? 14  GLU A CG  1 
ATOM   171  C CD  . GLU A 1 36  ? -16.166 -2.070  -9.967  1.00 22.69 ? 14  GLU A CD  1 
ATOM   172  O OE1 . GLU A 1 36  ? -15.448 -1.816  -10.950 1.00 29.94 ? 14  GLU A OE1 1 
ATOM   173  O OE2 . GLU A 1 36  ? -16.650 -3.219  -9.794  1.00 33.15 ? 14  GLU A OE2 1 
ATOM   174  N N   . THR A 1 37  ? -14.161 0.363   -6.171  1.00 10.69 ? 15  THR A N   1 
ATOM   175  C CA  . THR A 1 37  ? -13.369 1.574   -6.139  1.00 10.47 ? 15  THR A CA  1 
ATOM   176  C C   . THR A 1 37  ? -11.890 1.249   -6.086  1.00 9.79  ? 15  THR A C   1 
ATOM   177  O O   . THR A 1 37  ? -11.072 1.751   -6.877  1.00 10.18 ? 15  THR A O   1 
ATOM   178  C CB  . THR A 1 37  ? -13.789 2.455   -4.965  1.00 10.05 ? 15  THR A CB  1 
ATOM   179  O OG1 . THR A 1 37  ? -15.178 2.787   -5.130  1.00 14.95 ? 15  THR A OG1 1 
ATOM   180  C CG2 . THR A 1 37  ? -12.987 3.698   -4.872  1.00 13.80 ? 15  THR A CG2 1 
ATOM   181  N N   . VAL A 1 38  ? -11.489 0.439   -5.110  1.00 8.81  ? 16  VAL A N   1 
ATOM   182  C CA  . VAL A 1 38  ? -10.106 0.075   -4.937  1.00 8.89  ? 16  VAL A CA  1 
ATOM   183  C C   . VAL A 1 38  ? -9.536  -0.630  -6.164  1.00 8.04  ? 16  VAL A C   1 
ATOM   184  O O   . VAL A 1 38  ? -8.396  -0.364  -6.584  1.00 8.73  ? 16  VAL A O   1 
ATOM   185  C CB  . VAL A 1 38  ? -9.877  -0.730  -3.638  1.00 8.75  ? 16  VAL A CB  1 
ATOM   186  C CG1 . VAL A 1 38  ? -8.429  -1.187  -3.486  1.00 9.35  ? 16  VAL A CG1 1 
ATOM   187  C CG2 . VAL A 1 38  ? -10.291 0.132   -2.413  1.00 10.55 ? 16  VAL A CG2 1 
ATOM   188  N N   . ALA A 1 39  ? -10.313 -1.530  -6.754  1.00 9.50  ? 17  ALA A N   1 
ATOM   189  C CA  . ALA A 1 39  ? -9.838  -2.279  -7.917  1.00 9.88  ? 17  ALA A CA  1 
ATOM   190  C C   . ALA A 1 39  ? -9.648  -1.353  -9.120  1.00 9.59  ? 17  ALA A C   1 
ATOM   191  O O   . ALA A 1 39  ? -8.923  -1.719  -10.016 1.00 9.40  ? 17  ALA A O   1 
ATOM   192  C CB  . ALA A 1 39  ? -10.803 -3.427  -8.245  1.00 11.32 ? 17  ALA A CB  1 
ATOM   193  N N   . GLY A 1 40  ? -10.246 -0.153  -9.065  1.00 9.18  ? 18  GLY A N   1 
ATOM   194  C CA  . GLY A 1 40  ? -9.995  0.873   -10.081 1.00 10.23 ? 18  GLY A CA  1 
ATOM   195  C C   . GLY A 1 40  ? -8.729  1.664   -9.887  1.00 11.26 ? 18  GLY A C   1 
ATOM   196  O O   . GLY A 1 40  ? -8.380  2.442   -10.779 1.00 13.38 ? 18  GLY A O   1 
ATOM   197  N N   . PHE A 1 41  ? -7.972  1.456   -8.818  1.00 9.92  ? 19  PHE A N   1 
ATOM   198  C CA  . PHE A 1 41  ? -6.815  2.288   -8.552  1.00 10.00 ? 19  PHE A CA  1 
ATOM   199  C C   . PHE A 1 41  ? -5.650  2.001   -9.490  1.00 11.35 ? 19  PHE A C   1 
ATOM   200  O O   . PHE A 1 41  ? -5.074  2.999   -9.978  1.00 12.39 ? 19  PHE A O   1 
ATOM   201  C CB  . PHE A 1 41  ? -6.357  2.226   -7.111  1.00 9.91  ? 19  PHE A CB  1 
ATOM   202  C CG  . PHE A 1 41  ? -7.323  2.807   -6.064  1.00 8.84  ? 19  PHE A CG  1 
ATOM   203  C CD1 . PHE A 1 41  ? -8.406  3.577   -6.406  1.00 10.69 ? 19  PHE A CD1 1 
ATOM   204  C CD2 . PHE A 1 41  ? -7.045  2.619   -4.718  1.00 10.89 ? 19  PHE A CD2 1 
ATOM   205  C CE1 . PHE A 1 41  ? -9.216  4.109   -5.411  1.00 11.08 ? 19  PHE A CE1 1 
ATOM   206  C CE2 . PHE A 1 41  ? -7.833  3.165   -3.743  1.00 10.76 ? 19  PHE A CE2 1 
ATOM   207  C CZ  . PHE A 1 41  ? -8.875  3.901   -4.082  1.00 10.56 ? 19  PHE A CZ  1 
ATOM   208  N N   . PRO A 1 42  ? -5.252  0.746   -9.794  1.00 10.84 ? 20  PRO A N   1 
ATOM   209  C CA  . PRO A 1 42  ? -4.048  0.515   -10.660 1.00 10.94 ? 20  PRO A CA  1 
ATOM   210  C C   . PRO A 1 42  ? -4.386  0.930   -12.110 1.00 11.22 ? 20  PRO A C   1 
ATOM   211  O O   . PRO A 1 42  ? -5.348  0.472   -12.702 1.00 12.34 ? 20  PRO A O   1 
ATOM   212  C CB  . PRO A 1 42  ? -3.796  -0.980  -10.521 1.00 11.30 ? 20  PRO A CB  1 
ATOM   213  C CG  . PRO A 1 42  ? -4.533  -1.388  -9.227  1.00 12.73 ? 20  PRO A CG  1 
ATOM   214  C CD  . PRO A 1 42  ? -5.727  -0.513  -9.199  1.00 11.24 ? 20  PRO A CD  1 
ATOM   215  N N   . GLN A 1 43  ? -3.571  1.817   -12.632 1.00 10.84 ? 21  GLN A N   1 
ATOM   216  C CA  . GLN A 1 43  ? -3.839  2.418   -13.934 1.00 12.16 ? 21  GLN A CA  1 
ATOM   217  C C   . GLN A 1 43  ? -3.154  1.763   -15.130 1.00 11.98 ? 21  GLN A C   1 
ATOM   218  O O   . GLN A 1 43  ? -3.494  2.058   -16.268 1.00 12.67 ? 21  GLN A O   1 
ATOM   219  C CB  . GLN A 1 43  ? -3.458  3.913   -13.905 1.00 12.97 ? 21  GLN A CB  1 
ATOM   220  C CG  . GLN A 1 43  ? -4.400  4.677   -12.962 1.00 15.78 ? 21  GLN A CG  1 
ATOM   221  C CD  . GLN A 1 43  ? -5.838  4.591   -13.416 1.00 19.43 ? 21  GLN A CD  1 
ATOM   222  O OE1 . GLN A 1 43  ? -6.228  5.008   -14.514 1.00 20.61 ? 21  GLN A OE1 1 
ATOM   223  N NE2 . GLN A 1 43  ? -6.673  4.002   -12.572 1.00 18.34 ? 21  GLN A NE2 1 
ATOM   224  N N   . ASP A 1 44  ? -2.231  0.869   -14.853 1.00 11.56 ? 22  ASP A N   1 
ATOM   225  C CA  . ASP A 1 44  ? -1.523  0.159   -15.895 1.00 11.92 ? 22  ASP A CA  1 
ATOM   226  C C   . ASP A 1 44  ? -0.864  -1.072  -15.316 1.00 11.15 ? 22  ASP A C   1 
ATOM   227  O O   . ASP A 1 44  ? -0.883  -1.282  -14.059 1.00 10.92 ? 22  ASP A O   1 
ATOM   228  C CB  . ASP A 1 44  ? -0.500  1.076   -16.628 1.00 12.53 ? 22  ASP A CB  1 
ATOM   229  C CG  . ASP A 1 44  ? 0.581   1.631   -15.756 1.00 15.83 ? 22  ASP A CG  1 
ATOM   230  O OD1 . ASP A 1 44  ? 1.129   0.956   -14.925 1.00 15.13 ? 22  ASP A OD1 1 
ATOM   231  O OD2 . ASP A 1 44  ? 0.951   2.822   -15.974 1.00 24.54 ? 22  ASP A OD2 1 
ATOM   232  N N   . ARG A 1 45  ? -0.338  -1.935  -16.178 1.00 12.58 ? 23  ARG A N   1 
ATOM   233  C CA  . ARG A 1 45  ? 0.258   -3.179  -15.744 1.00 13.47 ? 23  ARG A CA  1 
ATOM   234  C C   . ARG A 1 45  ? 1.382   -2.946  -14.752 1.00 12.55 ? 23  ARG A C   1 
ATOM   235  O O   . ARG A 1 45  ? 1.602   -3.760  -13.854 1.00 13.26 ? 23  ARG A O   1 
ATOM   236  C CB  . ARG A 1 45  ? 0.792   -3.953  -16.948 1.00 15.51 ? 23  ARG A CB  1 
ATOM   237  C CG  . ARG A 1 45  ? -0.306  -4.503  -17.768 1.00 17.85 ? 23  ARG A CG  1 
ATOM   238  C CD  . ARG A 1 45  ? 0.248   -4.931  -19.136 1.00 19.05 ? 23  ARG A CD  1 
ATOM   239  N NE  . ARG A 1 45  ? -0.752  -5.654  -19.940 1.00 22.28 ? 23  ARG A NE  1 
ATOM   240  C CZ  . ARG A 1 45  ? -1.701  -5.071  -20.666 1.00 21.47 ? 23  ARG A CZ  1 
ATOM   241  N NH1 . ARG A 1 45  ? -1.853  -3.749  -20.658 1.00 20.55 ? 23  ARG A NH1 1 
ATOM   242  N NH2 . ARG A 1 45  ? -2.511  -5.834  -21.396 1.00 24.36 ? 23  ARG A NH2 1 
ATOM   243  N N   . ASP A 1 46  ? 2.193   -1.919  -14.930 1.00 12.75 ? 24  ASP A N   1 
ATOM   244  C CA  . ASP A 1 46  ? 3.249   -1.637  -13.997 1.00 13.91 ? 24  ASP A CA  1 
ATOM   245  C C   . ASP A 1 46  ? 2.700   -1.367  -12.611 1.00 12.07 ? 24  ASP A C   1 
ATOM   246  O O   . ASP A 1 46  ? 3.202   -1.930  -11.601 1.00 11.90 ? 24  ASP A O   1 
ATOM   247  C CB  . ASP A 1 46  ? 4.109   -0.448  -14.437 1.00 14.20 ? 24  ASP A CB  1 
ATOM   248  C CG  . ASP A 1 46  ? 4.924   -0.698  -15.705 1.00 20.96 ? 24  ASP A CG  1 
ATOM   249  O OD1 . ASP A 1 46  ? 5.130   -1.851  -16.148 1.00 24.90 ? 24  ASP A OD1 1 
ATOM   250  O OD2 . ASP A 1 46  ? 5.326   0.330   -16.316 1.00 25.99 ? 24  ASP A OD2 1 
ATOM   251  N N   . GLU A 1 47  ? 1.747   -0.454  -12.498 1.00 10.74 ? 25  GLU A N   1 
ATOM   252  C CA  . GLU A 1 47  ? 1.157   -0.148  -11.221 1.00 10.83 ? 25  GLU A CA  1 
ATOM   253  C C   . GLU A 1 47  ? 0.588   -1.385  -10.534 1.00 10.06 ? 25  GLU A C   1 
ATOM   254  O O   . GLU A 1 47  ? 0.731   -1.577  -9.318  1.00 11.08 ? 25  GLU A O   1 
ATOM   255  C CB  . GLU A 1 47  ? 0.094   0.921   -11.258 1.00 11.55 ? 25  GLU A CB  1 
ATOM   256  C CG  . GLU A 1 47  ? 0.601   2.265   -11.696 1.00 13.09 ? 25  GLU A CG  1 
ATOM   257  C CD  . GLU A 1 47  ? -0.368  3.399   -11.471 1.00 14.49 ? 25  GLU A CD  1 
ATOM   258  O OE1 . GLU A 1 47  ? -1.548  3.182   -11.100 1.00 12.71 ? 25  GLU A OE1 1 
ATOM   259  O OE2 . GLU A 1 47  ? 0.075   4.581   -11.642 1.00 17.28 ? 25  GLU A OE2 1 
ATOM   260  N N   . LEU A 1 48  ? -0.083  -2.244  -11.305 1.00 9.82  ? 26  LEU A N   1 
ATOM   261  C CA  . LEU A 1 48  ? -0.667  -3.434  -10.726 1.00 9.79  ? 26  LEU A CA  1 
ATOM   262  C C   . LEU A 1 48  ? 0.428   -4.359  -10.212 1.00 10.05 ? 26  LEU A C   1 
ATOM   263  O O   . LEU A 1 48  ? 0.352   -4.905  -9.115  1.00 10.65 ? 26  LEU A O   1 
ATOM   264  C CB  . LEU A 1 48  ? -1.572  -4.156  -11.730 1.00 10.31 ? 26  LEU A CB  1 
ATOM   265  C CG  . LEU A 1 48  ? -2.172  -5.443  -11.196 1.00 9.62  ? 26  LEU A CG  1 
ATOM   266  C CD1 . LEU A 1 48  ? -3.093  -5.201  -9.966  1.00 11.05 ? 26  LEU A CD1 1 
ATOM   267  C CD2 . LEU A 1 48  ? -2.978  -6.155  -12.309 1.00 11.95 ? 26  LEU A CD2 1 
ATOM   268  N N   . PHE A 1 49  ? 1.500   -4.495  -10.985 1.00 10.25 ? 27  PHE A N   1 
ATOM   269  C CA  . PHE A 1 49  ? 2.626   -5.340  -10.568 1.00 10.97 ? 27  PHE A CA  1 
ATOM   270  C C   . PHE A 1 49  ? 3.281   -4.841  -9.302  1.00 11.02 ? 27  PHE A C   1 
ATOM   271  O O   . PHE A 1 49  ? 3.583   -5.611  -8.383  1.00 11.88 ? 27  PHE A O   1 
ATOM   272  C CB  . PHE A 1 49  ? 3.658   -5.451  -11.709 1.00 12.25 ? 27  PHE A CB  1 
ATOM   273  C CG  . PHE A 1 49  ? 4.804   -6.411  -11.399 1.00 12.76 ? 27  PHE A CG  1 
ATOM   274  C CD1 . PHE A 1 49  ? 4.573   -7.768  -11.254 1.00 13.77 ? 27  PHE A CD1 1 
ATOM   275  C CD2 . PHE A 1 49  ? 6.060   -5.955  -11.222 1.00 13.73 ? 27  PHE A CD2 1 
ATOM   276  C CE1 . PHE A 1 49  ? 5.641   -8.647  -10.922 1.00 16.23 ? 27  PHE A CE1 1 
ATOM   277  C CE2 . PHE A 1 49  ? 7.092   -6.845  -10.945 1.00 14.51 ? 27  PHE A CE2 1 
ATOM   278  C CZ  . PHE A 1 49  ? 6.844   -8.146  -10.759 1.00 14.83 ? 27  PHE A CZ  1 
ATOM   279  N N   . TYR A 1 50  ? 3.443   -3.545  -9.164  1.00 10.68 ? 28  TYR A N   1 
ATOM   280  C CA  . TYR A 1 50  ? 4.086   -2.992  -7.970  1.00 11.61 ? 28  TYR A CA  1 
ATOM   281  C C   . TYR A 1 50  ? 3.312   -3.296  -6.728  1.00 11.06 ? 28  TYR A C   1 
ATOM   282  O O   . TYR A 1 50  ? 3.930   -3.500  -5.647  1.00 12.63 ? 28  TYR A O   1 
ATOM   283  C CB  . TYR A 1 50  ? 4.227   -1.471  -8.035  1.00 13.08 ? 28  TYR A CB  1 
ATOM   284  C CG  . TYR A 1 50  ? 5.030   -0.908  -9.169  1.00 15.76 ? 28  TYR A CG  1 
ATOM   285  C CD1 . TYR A 1 50  ? 5.978   -1.641  -9.838  1.00 15.43 ? 28  TYR A CD1 1 
ATOM   286  C CD2 . TYR A 1 50  ? 4.855   0.458   -9.550  1.00 16.37 ? 28  TYR A CD2 1 
ATOM   287  C CE1 . TYR A 1 50  ? 6.726   -1.081  -10.917 1.00 20.98 ? 28  TYR A CE1 1 
ATOM   288  C CE2 . TYR A 1 50  ? 5.546   0.997   -10.564 1.00 18.45 ? 28  TYR A CE2 1 
ATOM   289  C CZ  . TYR A 1 50  ? 6.449   0.221   -11.285 1.00 17.12 ? 28  TYR A CZ  1 
ATOM   290  O OH  . TYR A 1 50  ? 7.183   0.805   -12.306 1.00 20.34 ? 28  TYR A OH  1 
ATOM   291  N N   . CYS A 1 51  ? 1.975   -3.288  -6.777  1.00 10.23 ? 29  CYS A N   1 
ATOM   292  C CA  . CYS A 1 51  ? 1.164   -3.406  -5.576  1.00 11.01 ? 29  CYS A CA  1 
ATOM   293  C C   . CYS A 1 51  ? 0.624   -4.817  -5.367  1.00 11.29 ? 29  CYS A C   1 
ATOM   294  O O   . CYS A 1 51  ? 0.183   -5.171  -4.229  1.00 12.10 ? 29  CYS A O   1 
ATOM   295  C CB  . CYS A 1 51  ? -0.011  -2.414  -5.609  1.00 12.54 ? 29  CYS A CB  1 
ATOM   296  S SG  . CYS A 1 51  ? -1.322  -2.725  -6.737  1.00 14.81 ? 29  CYS A SG  1 
ATOM   297  N N   . TYR A 1 52  ? 0.661   -5.646  -6.404  1.00 10.50 ? 30  TYR A N   1 
ATOM   298  C CA  . TYR A 1 52  ? 0.065   -6.987  -6.387  1.00 10.90 ? 30  TYR A CA  1 
ATOM   299  C C   . TYR A 1 52  ? 0.738   -7.818  -7.484  1.00 10.35 ? 30  TYR A C   1 
ATOM   300  O O   . TYR A 1 52  ? 0.172   -8.073  -8.530  1.00 11.00 ? 30  TYR A O   1 
ATOM   301  C CB  . TYR A 1 52  ? -1.442  -6.855  -6.536  1.00 11.87 ? 30  TYR A CB  1 
ATOM   302  C CG  . TYR A 1 52  ? -2.307  -8.033  -6.188  1.00 13.70 ? 30  TYR A CG  1 
ATOM   303  C CD1 . TYR A 1 52  ? -1.824  -9.317  -6.118  1.00 16.29 ? 30  TYR A CD1 1 
ATOM   304  C CD2 . TYR A 1 52  ? -3.675  -7.835  -6.053  1.00 14.60 ? 30  TYR A CD2 1 
ATOM   305  C CE1 . TYR A 1 52  ? -2.712  -10.394 -5.881  1.00 16.40 ? 30  TYR A CE1 1 
ATOM   306  C CE2 . TYR A 1 52  ? -4.524  -8.859  -5.808  1.00 16.26 ? 30  TYR A CE2 1 
ATOM   307  C CZ  . TYR A 1 52  ? -4.032  -10.116 -5.767  1.00 15.00 ? 30  TYR A CZ  1 
ATOM   308  O OH  . TYR A 1 52  ? -4.930  -11.166 -5.581  1.00 19.01 ? 30  TYR A OH  1 
ATOM   309  N N   . PRO A 1 53  ? 1.991   -8.260  -7.204  1.00 11.60 ? 31  PRO A N   1 
ATOM   310  C CA  . PRO A 1 53  ? 2.756   -8.898  -8.260  1.00 12.04 ? 31  PRO A CA  1 
ATOM   311  C C   . PRO A 1 53  ? 2.202   -10.206 -8.810  1.00 12.51 ? 31  PRO A C   1 
ATOM   312  O O   . PRO A 1 53  ? 2.480   -10.486 -9.956  1.00 13.50 ? 31  PRO A O   1 
ATOM   313  C CB  . PRO A 1 53  ? 4.150   -9.099  -7.627  1.00 14.84 ? 31  PRO A CB  1 
ATOM   314  C CG  . PRO A 1 53  ? 4.025   -8.732  -6.244  1.00 13.22 ? 31  PRO A CG  1 
ATOM   315  C CD  . PRO A 1 53  ? 2.811   -7.963  -6.022  1.00 12.73 ? 31  PRO A CD  1 
ATOM   316  N N   . LYS A 1 54  ? 1.336   -10.890 -8.054  1.00 12.64 ? 32  LYS A N   1 
ATOM   317  C CA  . LYS A 1 54  ? 0.720   -12.123 -8.583  1.00 14.51 ? 32  LYS A CA  1 
ATOM   318  C C   . LYS A 1 54  ? -0.576  -11.900 -9.364  1.00 13.45 ? 32  LYS A C   1 
ATOM   319  O O   . LYS A 1 54  ? -1.056  -12.803 -10.050 1.00 15.63 ? 32  LYS A O   1 
ATOM   320  C CB  . LYS A 1 54  ? 0.536   -13.140 -7.473  1.00 16.44 ? 32  LYS A CB  1 
ATOM   321  C CG  . LYS A 1 54  ? 1.886   -13.578 -6.939  1.00 22.76 ? 32  LYS A CG  1 
ATOM   322  C CD  . LYS A 1 54  ? 1.871   -14.872 -6.226  1.00 26.23 ? 32  LYS A CD  1 
ATOM   323  C CE  . LYS A 1 54  ? 3.209   -15.020 -5.554  1.00 25.02 ? 32  LYS A CE  1 
ATOM   324  N NZ  . LYS A 1 54  ? 4.247   -15.672 -6.445  1.00 27.13 ? 32  LYS A NZ  1 
ATOM   325  N N   . ALA A 1 55  ? -1.080  -10.677 -9.361  1.00 12.41 ? 33  ALA A N   1 
ATOM   326  C CA  . ALA A 1 55  ? -2.287  -10.375 -10.108 1.00 11.50 ? 33  ALA A CA  1 
ATOM   327  C C   . ALA A 1 55  ? -2.061  -10.384 -11.592 1.00 12.61 ? 33  ALA A C   1 
ATOM   328  O O   . ALA A 1 55  ? -0.913  -10.211 -12.077 1.00 13.82 ? 33  ALA A O   1 
ATOM   329  C CB  . ALA A 1 55  ? -2.863  -9.044  -9.665  1.00 12.33 ? 33  ALA A CB  1 
ATOM   330  N N   . ILE A 1 56  ? -3.140  -10.608 -12.338 1.00 13.80 ? 34  ILE A N   1 
ATOM   331  C CA  . ILE A 1 56  ? -3.078  -10.576 -13.791 1.00 16.20 ? 34  ILE A CA  1 
ATOM   332  C C   . ILE A 1 56  ? -3.915  -9.400  -14.316 1.00 15.75 ? 34  ILE A C   1 
ATOM   333  O O   . ILE A 1 56  ? -4.922  -9.022  -13.699 1.00 16.58 ? 34  ILE A O   1 
ATOM   334  C CB  . ILE A 1 56  ? -3.531  -11.912 -14.362 1.00 18.82 ? 34  ILE A CB  1 
ATOM   335  C CG1 . ILE A 1 56  ? -2.542  -13.025 -13.963 1.00 23.85 ? 34  ILE A CG1 1 
ATOM   336  C CG2 . ILE A 1 56  ? -3.741  -11.865 -15.897 1.00 24.58 ? 34  ILE A CG2 1 
ATOM   337  C CD1 . ILE A 1 56  ? -3.016  -14.386 -14.445 1.00 31.34 ? 34  ILE A CD1 1 
ATOM   338  N N   . TRP A 1 57  ? -3.412  -8.716  -15.324 1.00 15.39 ? 35  TRP A N   1 
ATOM   339  C CA  . TRP A 1 57  ? -4.091  -7.569  -15.926 1.00 14.39 ? 35  TRP A CA  1 
ATOM   340  C C   . TRP A 1 57  ? -5.098  -8.116  -16.918 1.00 15.83 ? 35  TRP A C   1 
ATOM   341  O O   . TRP A 1 57  ? -4.766  -9.035  -17.679 1.00 17.44 ? 35  TRP A O   1 
ATOM   342  C CB  . TRP A 1 57  ? -3.065  -6.689  -16.655 1.00 15.43 ? 35  TRP A CB  1 
ATOM   343  C CG  . TRP A 1 57  ? -3.710  -5.429  -17.242 1.00 14.03 ? 35  TRP A CG  1 
ATOM   344  C CD1 . TRP A 1 57  ? -4.344  -5.256  -18.466 1.00 15.86 ? 35  TRP A CD1 1 
ATOM   345  C CD2 . TRP A 1 57  ? -3.918  -4.231  -16.522 1.00 13.01 ? 35  TRP A CD2 1 
ATOM   346  N NE1 . TRP A 1 57  ? -4.843  -4.007  -18.518 1.00 15.18 ? 35  TRP A NE1 1 
ATOM   347  C CE2 . TRP A 1 57  ? -4.569  -3.327  -17.365 1.00 13.88 ? 35  TRP A CE2 1 
ATOM   348  C CE3 . TRP A 1 57  ? -3.517  -3.790  -15.269 1.00 14.27 ? 35  TRP A CE3 1 
ATOM   349  C CZ2 . TRP A 1 57  ? -4.900  -2.028  -16.960 1.00 13.01 ? 35  TRP A CZ2 1 
ATOM   350  C CZ3 . TRP A 1 57  ? -3.842  -2.501  -14.860 1.00 13.55 ? 35  TRP A CZ3 1 
ATOM   351  C CH2 . TRP A 1 57  ? -4.530  -1.634  -15.690 1.00 14.48 ? 35  TRP A CH2 1 
ATOM   352  N N   . PRO A 1 58  ? -6.319  -7.573  -16.949 1.00 14.80 ? 36  PRO A N   1 
ATOM   353  C CA  . PRO A 1 58  ? -6.850  -6.468  -16.104 1.00 13.48 ? 36  PRO A CA  1 
ATOM   354  C C   . PRO A 1 58  ? -7.239  -6.953  -14.723 1.00 11.89 ? 36  PRO A C   1 
ATOM   355  O O   . PRO A 1 58  ? -7.617  -8.093  -14.493 1.00 13.75 ? 36  PRO A O   1 
ATOM   356  C CB  . PRO A 1 58  ? -8.087  -5.980  -16.882 1.00 14.88 ? 36  PRO A CB  1 
ATOM   357  C CG  . PRO A 1 58  ? -8.559  -7.165  -17.559 1.00 16.24 ? 36  PRO A CG  1 
ATOM   358  C CD  . PRO A 1 58  ? -7.310  -7.961  -17.956 1.00 15.23 ? 36  PRO A CD  1 
ATOM   359  N N   . PHE A 1 59  ? -7.049  -6.029  -13.816 1.00 12.42 ? 37  PHE A N   1 
ATOM   360  C CA  . PHE A 1 59  ? -7.429  -6.231  -12.414 1.00 11.36 ? 37  PHE A CA  1 
ATOM   361  C C   . PHE A 1 59  ? -8.927  -6.340  -12.290 1.00 12.52 ? 37  PHE A C   1 
ATOM   362  O O   . PHE A 1 59  ? -9.673  -5.936  -13.209 1.00 13.30 ? 37  PHE A O   1 
ATOM   363  C CB  . PHE A 1 59  ? -6.847  -5.123  -11.527 1.00 11.30 ? 37  PHE A CB  1 
ATOM   364  C CG  . PHE A 1 59  ? -6.767  -5.469  -10.077 1.00 11.25 ? 37  PHE A CG  1 
ATOM   365  C CD1 . PHE A 1 59  ? -6.281  -6.714  -9.656  1.00 10.98 ? 37  PHE A CD1 1 
ATOM   366  C CD2 . PHE A 1 59  ? -7.086  -4.549  -9.115  1.00 11.11 ? 37  PHE A CD2 1 
ATOM   367  C CE1 . PHE A 1 59  ? -6.146  -7.015  -8.312  1.00 10.21 ? 37  PHE A CE1 1 
ATOM   368  C CE2 . PHE A 1 59  ? -6.970  -4.841  -7.764  1.00 12.82 ? 37  PHE A CE2 1 
ATOM   369  C CZ  . PHE A 1 59  ? -6.481  -6.076  -7.364  1.00 10.11 ? 37  PHE A CZ  1 
ATOM   370  N N   . SER A 1 60  ? -9.391  -6.941  -11.212 1.00 12.33 ? 38  SER A N   1 
ATOM   371  C CA  . SER A 1 60  ? -10.812 -7.186  -11.023 1.00 12.98 ? 38  SER A CA  1 
ATOM   372  C C   . SER A 1 60  ? -11.110 -7.251  -9.550  1.00 11.67 ? 38  SER A C   1 
ATOM   373  O O   . SER A 1 60  ? -10.258 -7.518  -8.736  1.00 11.15 ? 38  SER A O   1 
ATOM   374  C CB  . SER A 1 60  ? -11.187 -8.483  -11.715 1.00 12.99 ? 38  SER A CB  1 
ATOM   375  O OG  . SER A 1 60  ? -10.617 -9.587  -11.016 1.00 16.61 ? 38  SER A OG  1 
ATOM   376  N N   . VAL A 1 61  ? -12.364 -7.074  -9.205  1.00 11.16 ? 39  VAL A N   1 
ATOM   377  C CA  . VAL A 1 61  ? -12.824 -7.223  -7.858  1.00 12.73 ? 39  VAL A CA  1 
ATOM   378  C C   . VAL A 1 61  ? -12.588 -8.629  -7.347  1.00 11.98 ? 39  VAL A C   1 
ATOM   379  O O   . VAL A 1 61  ? -12.209 -8.804  -6.194  1.00 12.37 ? 39  VAL A O   1 
ATOM   380  C CB  . VAL A 1 61  ? -14.314 -6.784  -7.678  1.00 12.62 ? 39  VAL A CB  1 
ATOM   381  C CG1 . VAL A 1 61  ? -14.779 -7.153  -6.325  1.00 17.92 ? 39  VAL A CG1 1 
ATOM   382  C CG2 . VAL A 1 61  ? -14.475 -5.313  -7.981  1.00 13.91 ? 39  VAL A CG2 1 
ATOM   383  N N   . ALA A 1 62  ? -12.774 -9.648  -8.154  1.00 12.03 ? 40  ALA A N   1 
ATOM   384  C CA  . ALA A 1 62  ? -12.519 -11.003 -7.677  1.00 12.89 ? 40  ALA A CA  1 
ATOM   385  C C   . ALA A 1 62  ? -11.063 -11.191 -7.294  1.00 12.39 ? 40  ALA A C   1 
ATOM   386  O O   . ALA A 1 62  ? -10.742 -11.866 -6.303  1.00 12.89 ? 40  ALA A O   1 
ATOM   387  C CB  . ALA A 1 62  ? -12.935 -12.068 -8.732  1.00 15.85 ? 40  ALA A CB  1 
ATOM   388  N N   . GLN A 1 63  ? -10.130 -10.626 -8.055  1.00 11.61 ? 41  GLN A N   1 
ATOM   389  C CA  . GLN A 1 63  ? -8.724  -10.755 -7.675  1.00 12.65 ? 41  GLN A CA  1 
ATOM   390  C C   . GLN A 1 63  ? -8.410  -10.010 -6.374  1.00 11.49 ? 41  GLN A C   1 
ATOM   391  O O   . GLN A 1 63  ? -7.665  -10.492 -5.506  1.00 12.09 ? 41  GLN A O   1 
ATOM   392  C CB  . GLN A 1 63  ? -7.764  -10.298 -8.763  1.00 12.33 ? 41  GLN A CB  1 
ATOM   393  C CG  . GLN A 1 63  ? -7.767  -11.137 -10.035 1.00 13.04 ? 41  GLN A CG  1 
ATOM   394  C CD  . GLN A 1 63  ? -6.729  -10.671 -10.988 1.00 13.35 ? 41  GLN A CD  1 
ATOM   395  O OE1 . GLN A 1 63  ? -5.558  -10.915 -10.778 1.00 15.01 ? 41  GLN A OE1 1 
ATOM   396  N NE2 . GLN A 1 63  ? -7.110  -9.932  -12.019 1.00 13.84 ? 41  GLN A NE2 1 
ATOM   397  N N   . LEU A 1 64  ? -9.005  -8.828  -6.240  1.00 10.71 ? 42  LEU A N   1 
ATOM   398  C CA  . LEU A 1 64  ? -8.841  -8.086  -5.017  1.00 9.89  ? 42  LEU A CA  1 
ATOM   399  C C   . LEU A 1 64  ? -9.388  -8.837  -3.804  1.00 9.53  ? 42  LEU A C   1 
ATOM   400  O O   . LEU A 1 64  ? -8.743  -8.949  -2.749  1.00 11.12 ? 42  LEU A O   1 
ATOM   401  C CB  . LEU A 1 64  ? -9.451  -6.694  -5.130  1.00 9.89  ? 42  LEU A CB  1 
ATOM   402  C CG  . LEU A 1 64  ? -9.305  -5.796  -3.919  1.00 10.56 ? 42  LEU A CG  1 
ATOM   403  C CD1 . LEU A 1 64  ? -7.851  -5.541  -3.434  1.00 12.43 ? 42  LEU A CD1 1 
ATOM   404  C CD2 . LEU A 1 64  ? -9.996  -4.489  -4.139  1.00 11.43 ? 42  LEU A CD2 1 
ATOM   405  N N   . ALA A 1 65  ? -10.614 -9.359  -3.908  1.00 10.01 ? 43  ALA A N   1 
ATOM   406  C CA  . ALA A 1 65  ? -11.250 -10.094 -2.847  1.00 11.04 ? 43  ALA A CA  1 
ATOM   407  C C   . ALA A 1 65  ? -10.456 -11.338 -2.480  1.00 11.96 ? 43  ALA A C   1 
ATOM   408  O O   . ALA A 1 65  ? -10.361 -11.688 -1.282  1.00 12.82 ? 43  ALA A O   1 
ATOM   409  C CB  . ALA A 1 65  ? -12.687 -10.481 -3.279  1.00 11.21 ? 43  ALA A CB  1 
ATOM   410  N N   . ALA A 1 66  ? -9.825  -12.007 -3.454  1.00 12.80 ? 44  ALA A N   1 
ATOM   411  C CA  . ALA A 1 66  ? -9.002  -13.179 -3.158  1.00 14.42 ? 44  ALA A CA  1 
ATOM   412  C C   . ALA A 1 66  ? -7.803  -12.790 -2.297  1.00 14.81 ? 44  ALA A C   1 
ATOM   413  O O   . ALA A 1 66  ? -7.437  -13.508 -1.325  1.00 15.44 ? 44  ALA A O   1 
ATOM   414  C CB  . ALA A 1 66  ? -8.584  -13.857 -4.440  1.00 16.22 ? 44  ALA A CB  1 
ATOM   415  N N   . ALA A 1 67  ? -7.192  -11.654 -2.612  1.00 12.80 ? 45  ALA A N   1 
ATOM   416  C CA  . ALA A 1 67  ? -6.104  -11.170 -1.790  1.00 12.67 ? 45  ALA A CA  1 
ATOM   417  C C   . ALA A 1 67  ? -6.564  -10.863 -0.388  1.00 12.89 ? 45  ALA A C   1 
ATOM   418  O O   . ALA A 1 67  ? -5.899  -11.255 0.611   1.00 13.57 ? 45  ALA A O   1 
ATOM   419  C CB  . ALA A 1 67  ? -5.466  -9.923  -2.453  1.00 13.44 ? 45  ALA A CB  1 
ATOM   420  N N   . ILE A 1 68  ? -7.633  -10.133 -0.216  1.00 12.00 ? 46  ILE A N   1 
ATOM   421  C CA  . ILE A 1 68  ? -8.159  -9.810  1.090   1.00 12.71 ? 46  ILE A CA  1 
ATOM   422  C C   . ILE A 1 68  ? -8.399  -11.065 1.930   1.00 13.29 ? 46  ILE A C   1 
ATOM   423  O O   . ILE A 1 68  ? -8.023  -11.134 3.119   1.00 14.51 ? 46  ILE A O   1 
ATOM   424  C CB  . ILE A 1 68  ? -9.437  -8.955  0.954   1.00 12.85 ? 46  ILE A CB  1 
ATOM   425  C CG1 . ILE A 1 68  ? -9.101  -7.585  0.437   1.00 12.62 ? 46  ILE A CG1 1 
ATOM   426  C CG2 . ILE A 1 68  ? -10.164 -8.808  2.273   1.00 14.27 ? 46  ILE A CG2 1 
ATOM   427  C CD1 . ILE A 1 68  ? -10.321 -6.798  0.017   1.00 13.66 ? 46  ILE A CD1 1 
ATOM   428  N N   . ALA A 1 69  ? -8.990  -12.097 1.305   1.00 14.51 ? 47  ALA A N   1 
ATOM   429  C CA  . ALA A 1 69  ? -9.307  -13.337 2.019   1.00 16.01 ? 47  ALA A CA  1 
ATOM   430  C C   . ALA A 1 69  ? -8.057  -14.020 2.562   1.00 16.63 ? 47  ALA A C   1 
ATOM   431  O O   . ALA A 1 69  ? -8.120  -14.661 3.637   1.00 19.17 ? 47  ALA A O   1 
ATOM   432  C CB  . ALA A 1 69  ? -10.094 -14.286 1.107   1.00 16.49 ? 47  ALA A CB  1 
ATOM   433  N N   . GLU A 1 70  ? -6.939  -13.919 1.853   1.00 14.37 ? 48  GLU A N   1 
ATOM   434  C CA  . GLU A 1 70  ? -5.701  -14.582 2.210   1.00 18.33 ? 48  GLU A CA  1 
ATOM   435  C C   . GLU A 1 70  ? -4.810  -13.747 3.104   1.00 16.66 ? 48  GLU A C   1 
ATOM   436  O O   . GLU A 1 70  ? -3.776  -14.228 3.594   1.00 19.52 ? 48  GLU A O   1 
ATOM   437  C CB  . GLU A 1 70  ? -4.904  -14.899 0.919   1.00 20.03 ? 48  GLU A CB  1 
ATOM   438  C CG  . GLU A 1 70  ? -5.513  -15.949 0.042   1.00 28.19 ? 48  GLU A CG  1 
ATOM   439  C CD  . GLU A 1 70  ? -4.662  -16.212 -1.178  1.00 35.63 ? 48  GLU A CD  1 
ATOM   440  O OE1 . GLU A 1 70  ? -3.467  -16.540 -0.993  1.00 40.70 ? 48  GLU A OE1 1 
ATOM   441  O OE2 . GLU A 1 70  ? -5.187  -16.074 -2.311  1.00 43.51 ? 48  GLU A OE2 1 
ATOM   442  N N   . ARG A 1 71  ? -5.173  -12.487 3.316   1.00 13.15 ? 49  ARG A N   1 
ATOM   443  C CA  . ARG A 1 71  ? -4.310  -11.530 4.031   1.00 13.20 ? 49  ARG A CA  1 
ATOM   444  C C   . ARG A 1 71  ? -5.008  -11.059 5.297   1.00 12.83 ? 49  ARG A C   1 
ATOM   445  O O   . ARG A 1 71  ? -6.030  -11.624 5.706   1.00 14.61 ? 49  ARG A O   1 
ATOM   446  C CB  . ARG A 1 71  ? -3.976  -10.363 3.112   1.00 11.85 ? 49  ARG A CB  1 
ATOM   447  C CG  . ARG A 1 71  ? -3.057  -10.823 1.929   1.00 11.78 ? 49  ARG A CG  1 
ATOM   448  C CD  . ARG A 1 71  ? -2.756  -9.683  1.064   1.00 12.34 ? 49  ARG A CD  1 
ATOM   449  N NE  . ARG A 1 71  ? -2.003  -10.053 -0.142  1.00 13.61 ? 49  ARG A NE  1 
ATOM   450  C CZ  . ARG A 1 71  ? -1.168  -9.261  -0.780  1.00 14.29 ? 49  ARG A CZ  1 
ATOM   451  N NH1 . ARG A 1 71  ? -0.929  -8.045  -0.358  1.00 12.75 ? 49  ARG A NH1 1 
ATOM   452  N NH2 . ARG A 1 71  ? -0.572  -9.686  -1.893  1.00 17.21 ? 49  ARG A NH2 1 
ATOM   453  N N   . ARG A 1 72  ? -4.421  -10.085 5.981   1.00 12.17 ? 50  ARG A N   1 
ATOM   454  C CA  . ARG A 1 72  ? -4.974  -9.506  7.188   1.00 11.70 ? 50  ARG A CA  1 
ATOM   455  C C   . ARG A 1 72  ? -4.946  -8.011  7.166   1.00 11.17 ? 50  ARG A C   1 
ATOM   456  O O   . ARG A 1 72  ? -4.109  -7.405  6.529   1.00 10.70 ? 50  ARG A O   1 
ATOM   457  C CB  . ARG A 1 72  ? -4.220  -9.995  8.446   1.00 14.00 ? 50  ARG A CB  1 
ATOM   458  C CG  . ARG A 1 72  ? -4.244  -11.482 8.647   1.00 15.86 ? 50  ARG A CG  1 
ATOM   459  C CD  . ARG A 1 72  ? -5.568  -11.952 9.143   1.00 21.61 ? 50  ARG A CD  1 
ATOM   460  N NE  . ARG A 1 72  ? -5.484  -13.410 9.417   1.00 26.41 ? 50  ARG A NE  1 
ATOM   461  C CZ  . ARG A 1 72  ? -5.670  -14.368 8.494   1.00 29.50 ? 50  ARG A CZ  1 
ATOM   462  N NH1 . ARG A 1 72  ? -5.977  -14.079 7.212   1.00 28.10 ? 50  ARG A NH1 1 
ATOM   463  N NH2 . ARG A 1 72  ? -5.553  -15.637 8.863   1.00 31.77 ? 50  ARG A NH2 1 
ATOM   464  N N   . GLY A 1 73  ? -5.845  -7.396  7.894   1.00 11.06 ? 51  GLY A N   1 
ATOM   465  C CA  . GLY A 1 73  ? -5.756  -5.973  8.139   1.00 10.76 ? 51  GLY A CA  1 
ATOM   466  C C   . GLY A 1 73  ? -6.105  -5.073  6.958   1.00 9.84  ? 51  GLY A C   1 
ATOM   467  O O   . GLY A 1 73  ? -5.633  -3.936  6.924   1.00 10.82 ? 51  GLY A O   1 
ATOM   468  N N   . SER A 1 74  ? -6.942  -5.543  6.048   1.00 9.73  ? 52  SER A N   1 
ATOM   469  C CA  . SER A 1 74  ? -7.311  -4.748  4.872   1.00 8.73  ? 52  SER A CA  1 
ATOM   470  C C   . SER A 1 74  ? -8.083  -3.506  5.335   1.00 9.13  ? 52  SER A C   1 
ATOM   471  O O   . SER A 1 74  ? -9.135  -3.611  5.979   1.00 10.44 ? 52  SER A O   1 
ATOM   472  C CB  . SER A 1 74  ? -8.079  -5.559  3.896   1.00 9.20  ? 52  SER A CB  1 
ATOM   473  O OG  . SER A 1 74  ? -7.258  -6.493  3.207   1.00 10.87 ? 52  SER A OG  1 
ATOM   474  N N   . THR A 1 75  ? -7.534  -2.329  5.005   1.00 8.29  ? 53  THR A N   1 
ATOM   475  C CA  . THR A 1 75  ? -7.954  -1.033  5.552   1.00 8.81  ? 53  THR A CA  1 
ATOM   476  C C   . THR A 1 75  ? -8.057  -0.037  4.391   1.00 9.76  ? 53  THR A C   1 
ATOM   477  O O   . THR A 1 75  ? -7.205  -0.020  3.515   1.00 9.24  ? 53  THR A O   1 
ATOM   478  C CB  . THR A 1 75  ? -6.909  -0.566  6.582   1.00 9.45  ? 53  THR A CB  1 
ATOM   479  O OG1 . THR A 1 75  ? -6.779  -1.567  7.603   1.00 11.83 ? 53  THR A OG1 1 
ATOM   480  C CG2 . THR A 1 75  ? -7.275  0.727   7.240   1.00 11.42 ? 53  THR A CG2 1 
ATOM   481  N N   . VAL A 1 76  ? -9.067  0.814   4.471   1.00 9.64  ? 54  VAL A N   1 
ATOM   482  C CA  . VAL A 1 76  ? -9.185  1.939   3.533   1.00 10.05 ? 54  VAL A CA  1 
ATOM   483  C C   . VAL A 1 76  ? -8.947  3.258   4.255   1.00 9.92  ? 54  VAL A C   1 
ATOM   484  O O   . VAL A 1 76  ? -9.248  3.414   5.446   1.00 11.35 ? 54  VAL A O   1 
ATOM   485  C CB  . VAL A 1 76  ? -10.524 1.974   2.775   1.00 9.47  ? 54  VAL A CB  1 
ATOM   486  C CG1 . VAL A 1 76  ? -10.680 0.761   1.796   1.00 11.48 ? 54  VAL A CG1 1 
ATOM   487  C CG2 . VAL A 1 76  ? -11.701 2.009   3.743   1.00 11.16 ? 54  VAL A CG2 1 
ATOM   488  N N   . ALA A 1 77  ? -8.407  4.200   3.495   1.00 10.13 ? 55  ALA A N   1 
ATOM   489  C CA  . ALA A 1 77  ? -8.330  5.593   3.895   1.00 10.34 ? 55  ALA A CA  1 
ATOM   490  C C   . ALA A 1 77  ? -9.364  6.402   3.142   1.00 10.80 ? 55  ALA A C   1 
ATOM   491  O O   . ALA A 1 77  ? -9.519  6.215   1.922   1.00 11.12 ? 55  ALA A O   1 
ATOM   492  C CB  . ALA A 1 77  ? -6.953  6.186   3.596   1.00 11.68 ? 55  ALA A CB  1 
ATOM   493  N N   . VAL A 1 78  ? -10.062 7.284   3.868   1.00 11.68 ? 56  VAL A N   1 
ATOM   494  C CA  . VAL A 1 78  ? -11.178 8.061   3.363   1.00 12.24 ? 56  VAL A CA  1 
ATOM   495  C C   . VAL A 1 78  ? -10.942 9.534   3.557   1.00 12.49 ? 56  VAL A C   1 
ATOM   496  O O   . VAL A 1 78  ? -10.432 9.935   4.619   1.00 13.71 ? 56  VAL A O   1 
ATOM   497  C CB  . VAL A 1 78  ? -12.468 7.633   4.100   1.00 12.72 ? 56  VAL A CB  1 
ATOM   498  C CG1 . VAL A 1 78  ? -13.676 8.502   3.645   1.00 15.31 ? 56  VAL A CG1 1 
ATOM   499  C CG2 . VAL A 1 78  ? -12.756 6.122   3.905   1.00 14.29 ? 56  VAL A CG2 1 
ATOM   500  N N   . HIS A 1 79  ? -11.207 10.323  2.526   1.00 12.68 ? 57  HIS A N   1 
ATOM   501  C CA  . HIS A 1 79  ? -11.190 11.809  2.641   1.00 15.80 ? 57  HIS A CA  1 
ATOM   502  C C   . HIS A 1 79  ? -12.335 12.362  1.849   1.00 17.05 ? 57  HIS A C   1 
ATOM   503  O O   . HIS A 1 79  ? -12.584 11.967  0.739   1.00 15.55 ? 57  HIS A O   1 
ATOM   504  C CB  . HIS A 1 79  ? -9.854  12.389  2.125   1.00 17.20 ? 57  HIS A CB  1 
ATOM   505  C CG  . HIS A 1 79  ? -9.867  13.871  1.926   1.00 21.54 ? 57  HIS A CG  1 
ATOM   506  N ND1 . HIS A 1 79  ? -9.736  14.752  2.971   1.00 27.66 ? 57  HIS A ND1 1 
ATOM   507  C CD2 . HIS A 1 79  ? -9.948  14.617  0.803   1.00 28.92 ? 57  HIS A CD2 1 
ATOM   508  C CE1 . HIS A 1 79  ? -9.779  15.989  2.505   1.00 28.05 ? 57  HIS A CE1 1 
ATOM   509  N NE2 . HIS A 1 79  ? -9.899  15.936  1.193   1.00 28.62 ? 57  HIS A NE2 1 
ATOM   510  N N   . ASP A 1 80  ? -12.996 13.345  2.456   1.00 19.85 ? 58  ASP A N   1 
ATOM   511  C CA  . ASP A 1 80  ? -14.052 14.126  1.767   1.00 22.38 ? 58  ASP A CA  1 
ATOM   512  C C   . ASP A 1 80  ? -15.024 13.163  1.087   1.00 21.64 ? 58  ASP A C   1 
ATOM   513  O O   . ASP A 1 80  ? -15.360 13.328  -0.109  1.00 23.88 ? 58  ASP A O   1 
ATOM   514  C CB  . ASP A 1 80  ? -13.406 15.133  0.775   1.00 24.05 ? 58  ASP A CB  1 
ATOM   515  C CG  . ASP A 1 80  ? -14.356 16.213  0.318   1.00 30.38 ? 58  ASP A CG  1 
ATOM   516  O OD1 . ASP A 1 80  ? -15.319 16.476  1.057   1.00 34.25 ? 58  ASP A OD1 1 
ATOM   517  O OD2 . ASP A 1 80  ? -14.144 16.756  -0.793  1.00 33.10 ? 58  ASP A OD2 1 
ATOM   518  N N   . GLY A 1 81  ? -15.416 12.106  1.802   1.00 19.42 ? 59  GLY A N   1 
ATOM   519  C CA  . GLY A 1 81  ? -16.346 11.106  1.301   1.00 19.67 ? 59  GLY A CA  1 
ATOM   520  C C   . GLY A 1 81  ? -15.921 10.236  0.152   1.00 18.88 ? 59  GLY A C   1 
ATOM   521  O O   . GLY A 1 81  ? -16.750 9.775   -0.599  1.00 21.05 ? 59  GLY A O   1 
ATOM   522  N N   . GLN A 1 82  ? -14.628 9.999   -0.002  1.00 14.03 ? 60  GLN A N   1 
ATOM   523  C CA  . GLN A 1 82  ? -14.068 9.131   -1.038  1.00 13.90 ? 60  GLN A CA  1 
ATOM   524  C C   . GLN A 1 82  ? -13.049 8.179   -0.438  1.00 12.54 ? 60  GLN A C   1 
ATOM   525  O O   . GLN A 1 82  ? -12.248 8.569   0.396   1.00 12.26 ? 60  GLN A O   1 
ATOM   526  C CB  . GLN A 1 82  ? -13.323 9.977   -2.057  1.00 13.96 ? 60  GLN A CB  1 
ATOM   527  C CG  . GLN A 1 82  ? -14.153 11.071  -2.764  1.00 18.75 ? 60  GLN A CG  1 
ATOM   528  C CD  . GLN A 1 82  ? -13.429 11.674  -3.990  1.00 27.00 ? 60  GLN A CD  1 
ATOM   529  O OE1 . GLN A 1 82  ? -12.329 12.220  -3.887  1.00 27.70 ? 60  GLN A OE1 1 
ATOM   530  N NE2 . GLN A 1 82  ? -14.059 11.550  -5.160  1.00 31.31 ? 60  GLN A NE2 1 
ATOM   531  N N   . VAL A 1 83  ? -13.099 6.921   -0.840  1.00 10.93 ? 61  VAL A N   1 
ATOM   532  C CA  . VAL A 1 83  ? -12.048 5.919   -0.548  1.00 11.40 ? 61  VAL A CA  1 
ATOM   533  C C   . VAL A 1 83  ? -10.858 6.258   -1.473  1.00 11.03 ? 61  VAL A C   1 
ATOM   534  O O   . VAL A 1 83  ? -10.996 6.213   -2.703  1.00 11.59 ? 61  VAL A O   1 
ATOM   535  C CB  . VAL A 1 83  ? -12.535 4.514   -0.783  1.00 10.11 ? 61  VAL A CB  1 
ATOM   536  C CG1 . VAL A 1 83  ? -11.368 3.543   -0.699  1.00 13.38 ? 61  VAL A CG1 1 
ATOM   537  C CG2 . VAL A 1 83  ? -13.624 4.143   0.208   1.00 13.53 ? 61  VAL A CG2 1 
ATOM   538  N N   . LEU A 1 84  ? -9.731  6.658   -0.876  1.00 9.91  ? 62  LEU A N   1 
ATOM   539  C CA  . LEU A 1 84  ? -8.548  7.106   -1.612  1.00 9.85  ? 62  LEU A CA  1 
ATOM   540  C C   . LEU A 1 84  ? -7.353  6.194   -1.491  1.00 9.73  ? 62  LEU A C   1 
ATOM   541  O O   . LEU A 1 84  ? -6.392  6.338   -2.256  1.00 9.75  ? 62  LEU A O   1 
ATOM   542  C CB  . LEU A 1 84  ? -8.123  8.514   -1.202  1.00 10.64 ? 62  LEU A CB  1 
ATOM   543  C CG  . LEU A 1 84  ? -9.135  9.658   -1.450  1.00 12.42 ? 62  LEU A CG  1 
ATOM   544  C CD1 . LEU A 1 84  ? -8.511  10.965  -1.030  1.00 13.76 ? 62  LEU A CD1 1 
ATOM   545  C CD2 . LEU A 1 84  ? -9.623  9.634   -2.879  1.00 13.67 ? 62  LEU A CD2 1 
ATOM   546  N N   . GLY A 1 85  ? -7.351  5.288   -0.509  1.00 9.64  ? 63  GLY A N   1 
ATOM   547  C CA  . GLY A 1 85  ? -6.210  4.377   -0.283  1.00 8.94  ? 63  GLY A CA  1 
ATOM   548  C C   . GLY A 1 85  ? -6.611  3.072   0.300   1.00 8.31  ? 63  GLY A C   1 
ATOM   549  O O   . GLY A 1 85  ? -7.678  2.981   0.907   1.00 9.57  ? 63  GLY A O   1 
ATOM   550  N N   . PHE A 1 86  ? -5.765  2.077   0.082   1.00 8.20  ? 64  PHE A N   1 
ATOM   551  C CA  . PHE A 1 86  ? -5.997  0.744   0.560   1.00 7.87  ? 64  PHE A CA  1 
ATOM   552  C C   . PHE A 1 86  ? -4.654  0.097   0.883   1.00 8.26  ? 64  PHE A C   1 
ATOM   553  O O   . PHE A 1 86  ? -3.678  0.373   0.216   1.00 7.75  ? 64  PHE A O   1 
ATOM   554  C CB  . PHE A 1 86  ? -6.703  -0.088  -0.547  1.00 8.44  ? 64  PHE A CB  1 
ATOM   555  C CG  . PHE A 1 86  ? -6.922  -1.543  -0.224  1.00 8.08  ? 64  PHE A CG  1 
ATOM   556  C CD1 . PHE A 1 86  ? -8.063  -1.946  0.420   1.00 9.40  ? 64  PHE A CD1 1 
ATOM   557  C CD2 . PHE A 1 86  ? -5.995  -2.476  -0.619  1.00 8.04  ? 64  PHE A CD2 1 
ATOM   558  C CE1 . PHE A 1 86  ? -8.269  -3.283  0.719   1.00 9.76  ? 64  PHE A CE1 1 
ATOM   559  C CE2 . PHE A 1 86  ? -6.206  -3.810  -0.372  1.00 10.61 ? 64  PHE A CE2 1 
ATOM   560  C CZ  . PHE A 1 86  ? -7.330  -4.211  0.293   1.00 9.74  ? 64  PHE A CZ  1 
ATOM   561  N N   . ALA A 1 87  ? -4.623  -0.728  1.930   1.00 8.66  ? 65  ALA A N   1 
ATOM   562  C CA  . ALA A 1 87  ? -3.439  -1.514  2.270   1.00 8.24  ? 65  ALA A CA  1 
ATOM   563  C C   . ALA A 1 87  ? -3.840  -2.704  3.110   1.00 7.94  ? 65  ALA A C   1 
ATOM   564  O O   . ALA A 1 87  ? -4.920  -2.738  3.687   1.00 8.31  ? 65  ALA A O   1 
ATOM   565  C CB  . ALA A 1 87  ? -2.420  -0.698  3.053   1.00 11.30 ? 65  ALA A CB  1 
ATOM   566  N N   . ASN A 1 88  ? -2.965  -3.703  3.207   1.00 8.36  ? 66  ASN A N   1 
ATOM   567  C CA  . ASN A 1 88  ? -3.131  -4.852  4.097   1.00 8.79  ? 66  ASN A CA  1 
ATOM   568  C C   . ASN A 1 88  ? -1.761  -5.393  4.472   1.00 8.89  ? 66  ASN A C   1 
ATOM   569  O O   . ASN A 1 88  ? -0.732  -4.835  4.074   1.00 10.75 ? 66  ASN A O   1 
ATOM   570  C CB  . ASN A 1 88  ? -4.056  -5.901  3.456   1.00 8.83  ? 66  ASN A CB  1 
ATOM   571  C CG  . ASN A 1 88  ? -3.607  -6.334  2.082   1.00 9.23  ? 66  ASN A CG  1 
ATOM   572  O OD1 . ASN A 1 88  ? -2.427  -6.478  1.786   1.00 9.83  ? 66  ASN A OD1 1 
ATOM   573  N ND2 . ASN A 1 88  ? -4.593  -6.628  1.206   1.00 10.01 ? 66  ASN A ND2 1 
ATOM   574  N N   . PHE A 1 89  ? -1.789  -6.479  5.243   1.00 9.41  ? 67  PHE A N   1 
ATOM   575  C CA  . PHE A 1 89  ? -0.573  -7.237  5.547   1.00 10.06 ? 67  PHE A CA  1 
ATOM   576  C C   . PHE A 1 89  ? -0.578  -8.523  4.757   1.00 10.31 ? 67  PHE A C   1 
ATOM   577  O O   . PHE A 1 89  ? -1.507  -9.298  4.835   1.00 11.45 ? 67  PHE A O   1 
ATOM   578  C CB  . PHE A 1 89  ? -0.482  -7.595  7.039   1.00 10.00 ? 67  PHE A CB  1 
ATOM   579  C CG  . PHE A 1 89  ? -0.432  -6.421  7.995   1.00 9.39  ? 67  PHE A CG  1 
ATOM   580  C CD1 . PHE A 1 89  ? 0.435   -5.406  7.799   1.00 12.07 ? 67  PHE A CD1 1 
ATOM   581  C CD2 . PHE A 1 89  ? -1.295  -6.385  9.074   1.00 13.01 ? 67  PHE A CD2 1 
ATOM   582  C CE1 . PHE A 1 89  ? 0.482   -4.336  8.675   1.00 13.83 ? 67  PHE A CE1 1 
ATOM   583  C CE2 . PHE A 1 89  ? -1.194  -5.302  10.001  1.00 13.41 ? 67  PHE A CE2 1 
ATOM   584  C CZ  . PHE A 1 89  ? -0.313  -4.306  9.711   1.00 12.32 ? 67  PHE A CZ  1 
ATOM   585  N N   . TYR A 1 90  ? 0.529   -8.867  4.096   1.00 11.24 ? 68  TYR A N   1 
ATOM   586  C CA  . TYR A 1 90  ? 0.641   -10.189 3.486   1.00 12.99 ? 68  TYR A CA  1 
ATOM   587  C C   . TYR A 1 90  ? 1.446   -11.162 4.256   1.00 13.30 ? 68  TYR A C   1 
ATOM   588  O O   . TYR A 1 90  ? 1.440   -12.365 3.926   1.00 15.30 ? 68  TYR A O   1 
ATOM   589  C CB  . TYR A 1 90  ? 1.100   -10.156 2.037   1.00 13.41 ? 68  TYR A CB  1 
ATOM   590  C CG  . TYR A 1 90  ? 2.476   -9.664  1.877   1.00 15.04 ? 68  TYR A CG  1 
ATOM   591  C CD1 . TYR A 1 90  ? 3.504   -10.541 1.662   1.00 20.08 ? 68  TYR A CD1 1 
ATOM   592  C CD2 . TYR A 1 90  ? 2.728   -8.329  1.900   1.00 19.52 ? 68  TYR A CD2 1 
ATOM   593  C CE1 . TYR A 1 90  ? 4.824   -10.045 1.530   1.00 19.02 ? 68  TYR A CE1 1 
ATOM   594  C CE2 . TYR A 1 90  ? 3.960   -7.845  1.744   1.00 23.08 ? 68  TYR A CE2 1 
ATOM   595  C CZ  . TYR A 1 90  ? 4.979   -8.668  1.575   1.00 20.26 ? 68  TYR A CZ  1 
ATOM   596  O OH  . TYR A 1 90  ? 6.209   -8.018  1.422   1.00 26.12 ? 68  TYR A OH  1 
ATOM   597  N N   . GLN A 1 91  ? 2.171   -10.670 5.274   1.00 12.09 ? 69  GLN A N   1 
ATOM   598  C CA  . GLN A 1 91  ? 2.773   -11.531 6.286   1.00 13.36 ? 69  GLN A CA  1 
ATOM   599  C C   . GLN A 1 91  ? 2.558   -10.878 7.621   1.00 11.88 ? 69  GLN A C   1 
ATOM   600  O O   . GLN A 1 91  ? 2.522   -9.663  7.760   1.00 11.75 ? 69  GLN A O   1 
ATOM   601  C CB  . GLN A 1 91  ? 4.289   -11.705 6.129   1.00 14.77 ? 69  GLN A CB  1 
ATOM   602  C CG  . GLN A 1 91  ? 4.648   -12.302 4.857   1.00 17.24 ? 69  GLN A CG  1 
ATOM   603  C CD  . GLN A 1 91  ? 6.116   -12.442 4.703   1.00 23.29 ? 69  GLN A CD  1 
ATOM   604  O OE1 . GLN A 1 91  ? 6.881   -11.546 5.068   1.00 20.71 ? 69  GLN A OE1 1 
ATOM   605  N NE2 . GLN A 1 91  ? 6.550   -13.620 4.186   1.00 31.06 ? 69  GLN A NE2 1 
ATOM   606  N N   . TRP A 1 92  ? 2.396   -11.715 8.633   1.00 13.82 ? 70  TRP A N   1 
ATOM   607  C CA  . TRP A 1 92  ? 2.127   -11.283 10.006  1.00 14.37 ? 70  TRP A CA  1 
ATOM   608  C C   . TRP A 1 92  ? 2.675   -12.386 10.911  1.00 15.23 ? 70  TRP A C   1 
ATOM   609  O O   . TRP A 1 92  ? 2.513   -13.570 10.660  1.00 17.45 ? 70  TRP A O   1 
ATOM   610  C CB  . TRP A 1 92  ? 0.645   -10.984 10.261  1.00 15.76 ? 70  TRP A CB  1 
ATOM   611  C CG  . TRP A 1 92  ? -0.245  -12.110 9.960   1.00 15.81 ? 70  TRP A CG  1 
ATOM   612  C CD1 . TRP A 1 92  ? -0.727  -13.064 10.840  1.00 18.51 ? 70  TRP A CD1 1 
ATOM   613  C CD2 . TRP A 1 92  ? -0.793  -12.448 8.685   1.00 15.15 ? 70  TRP A CD2 1 
ATOM   614  N NE1 . TRP A 1 92  ? -1.497  -13.960 10.164  1.00 17.40 ? 70  TRP A NE1 1 
ATOM   615  C CE2 . TRP A 1 92  ? -1.562  -13.607 8.852   1.00 14.89 ? 70  TRP A CE2 1 
ATOM   616  C CE3 . TRP A 1 92  ? -0.703  -11.884 7.411   1.00 13.82 ? 70  TRP A CE3 1 
ATOM   617  C CZ2 . TRP A 1 92  ? -2.221  -14.228 7.799   1.00 15.84 ? 70  TRP A CZ2 1 
ATOM   618  C CZ3 . TRP A 1 92  ? -1.395  -12.473 6.353   1.00 14.70 ? 70  TRP A CZ3 1 
ATOM   619  C CH2 . TRP A 1 92  ? -2.136  -13.665 6.579   1.00 14.45 ? 70  TRP A CH2 1 
ATOM   620  N N   . GLN A 1 93  ? 3.450   -11.990 11.915  1.00 13.94 ? 71  GLN A N   1 
ATOM   621  C CA  . GLN A 1 93  ? 4.055   -12.934 12.846  1.00 15.37 ? 71  GLN A CA  1 
ATOM   622  C C   . GLN A 1 93  ? 4.019   -12.237 14.192  1.00 13.92 ? 71  GLN A C   1 
ATOM   623  O O   . GLN A 1 93  ? 4.771   -11.296 14.472  1.00 13.29 ? 71  GLN A O   1 
ATOM   624  C CB  . GLN A 1 93  ? 5.457   -13.264 12.407  1.00 15.96 ? 71  GLN A CB  1 
ATOM   625  C CG  . GLN A 1 93  ? 5.519   -13.983 11.031  1.00 23.05 ? 71  GLN A CG  1 
ATOM   626  C CD  . GLN A 1 93  ? 5.058   -15.410 11.127  1.00 30.54 ? 71  GLN A CD  1 
ATOM   627  O OE1 . GLN A 1 93  ? 5.345   -16.107 12.087  1.00 34.73 ? 71  GLN A OE1 1 
ATOM   628  N NE2 . GLN A 1 93  ? 4.338   -15.854 10.122  1.00 30.59 ? 71  GLN A NE2 1 
ATOM   629  N N   . HIS A 1 94  ? 3.138   -12.726 15.031  1.00 13.24 ? 72  HIS A N   1 
ATOM   630  C CA  . HIS A 1 94  ? 2.875   -12.114 16.298  1.00 13.16 ? 72  HIS A CA  1 
ATOM   631  C C   . HIS A 1 94  ? 4.136   -12.008 17.157  1.00 13.54 ? 72  HIS A C   1 
ATOM   632  O O   . HIS A 1 94  ? 4.922   -12.962 17.275  1.00 13.12 ? 72  HIS A O   1 
ATOM   633  C CB  . HIS A 1 94  ? 1.818   -12.933 17.076  1.00 14.78 ? 72  HIS A CB  1 
ATOM   634  C CG  . HIS A 1 94  ? 1.292   -12.231 18.246  1.00 16.84 ? 72  HIS A CG  1 
ATOM   635  N ND1 . HIS A 1 94  ? 0.172   -11.435 18.188  1.00 21.85 ? 72  HIS A ND1 1 
ATOM   636  C CD2 . HIS A 1 94  ? 1.759   -12.158 19.503  1.00 19.15 ? 72  HIS A CD2 1 
ATOM   637  C CE1 . HIS A 1 94  ? -0.036  -10.913 19.384  1.00 22.07 ? 72  HIS A CE1 1 
ATOM   638  N NE2 . HIS A 1 94  ? 0.893   -11.357 20.206  1.00 23.17 ? 72  HIS A NE2 1 
ATOM   639  N N   . GLY A 1 95  ? 4.369   -10.830 17.736  1.00 12.16 ? 73  GLY A N   1 
ATOM   640  C CA  . GLY A 1 95  ? 5.535   -10.564 18.535  1.00 12.53 ? 73  GLY A CA  1 
ATOM   641  C C   . GLY A 1 95  ? 6.783   -10.248 17.710  1.00 12.10 ? 73  GLY A C   1 
ATOM   642  O O   . GLY A 1 95  ? 7.868   -10.041 18.287  1.00 12.49 ? 73  GLY A O   1 
ATOM   643  N N   . ASP A 1 96  ? 6.671   -10.222 16.380  1.00 11.56 ? 74  ASP A N   1 
ATOM   644  C CA  . ASP A 1 96  ? 7.862   -10.201 15.524  1.00 11.76 ? 74  ASP A CA  1 
ATOM   645  C C   . ASP A 1 96  ? 7.726   -9.076  14.491  1.00 10.47 ? 74  ASP A C   1 
ATOM   646  O O   . ASP A 1 96  ? 8.310   -7.996  14.660  1.00 10.80 ? 74  ASP A O   1 
ATOM   647  C CB  . ASP A 1 96  ? 8.036   -11.583 14.838  1.00 13.17 ? 74  ASP A CB  1 
ATOM   648  C CG  . ASP A 1 96  ? 9.350   -11.784 14.172  1.00 14.17 ? 74  ASP A CG  1 
ATOM   649  O OD1 . ASP A 1 96  ? 10.173  -10.892 14.169  1.00 15.26 ? 74  ASP A OD1 1 
ATOM   650  O OD2 . ASP A 1 96  ? 9.510   -12.931 13.683  1.00 19.67 ? 74  ASP A OD2 1 
ATOM   651  N N   . PHE A 1 97  ? 6.978   -9.294  13.420  1.00 10.44 ? 75  PHE A N   1 
ATOM   652  C CA  . PHE A 1 97  ? 6.881   -8.326  12.325  1.00 10.26 ? 75  PHE A CA  1 
ATOM   653  C C   . PHE A 1 97  ? 5.591   -8.490  11.594  1.00 10.30 ? 75  PHE A C   1 
ATOM   654  O O   . PHE A 1 97  ? 4.964   -9.551  11.599  1.00 10.96 ? 75  PHE A O   1 
ATOM   655  C CB  . PHE A 1 97  ? 8.067   -8.452  11.354  1.00 10.72 ? 75  PHE A CB  1 
ATOM   656  C CG  . PHE A 1 97  ? 7.997   -9.651  10.470  1.00 11.57 ? 75  PHE A CG  1 
ATOM   657  C CD1 . PHE A 1 97  ? 7.428   -9.563  9.226   1.00 13.02 ? 75  PHE A CD1 1 
ATOM   658  C CD2 . PHE A 1 97  ? 8.528   -10.874 10.880  1.00 15.13 ? 75  PHE A CD2 1 
ATOM   659  C CE1 . PHE A 1 97  ? 7.327   -10.687 8.404   1.00 15.68 ? 75  PHE A CE1 1 
ATOM   660  C CE2 . PHE A 1 97  ? 8.428   -12.002 10.044  1.00 18.81 ? 75  PHE A CE2 1 
ATOM   661  C CZ  . PHE A 1 97  ? 7.827   -11.881 8.806   1.00 17.75 ? 75  PHE A CZ  1 
ATOM   662  N N   . CYS A 1 98  ? 5.250   -7.460  10.826  1.00 9.06  ? 76  CYS A N   1 
ATOM   663  C CA  . CYS A 1 98  ? 4.256   -7.568  9.735   1.00 8.92  ? 76  CYS A CA  1 
ATOM   664  C C   . CYS A 1 98  ? 4.894   -7.047  8.449   1.00 8.87  ? 76  CYS A C   1 
ATOM   665  O O   . CYS A 1 98  ? 5.876   -6.270  8.522   1.00 9.72  ? 76  CYS A O   1 
ATOM   666  C CB  . CYS A 1 98  ? 2.999   -6.776  10.021  1.00 8.71  ? 76  CYS A CB  1 
ATOM   667  S SG  . CYS A 1 98  ? 2.107   -7.369  11.489  1.00 11.81 ? 76  CYS A SG  1 
ATOM   668  N N   . ALA A 1 99  ? 4.390   -7.525  7.339   1.00 9.08  ? 77  ALA A N   1 
ATOM   669  C CA  . ALA A 1 99  ? 4.851   -7.056  6.001   1.00 9.26  ? 77  ALA A CA  1 
ATOM   670  C C   . ALA A 1 99  ? 3.665   -6.429  5.274   1.00 10.03 ? 77  ALA A C   1 
ATOM   671  O O   . ALA A 1 99  ? 2.599   -7.040  5.163   1.00 10.32 ? 77  ALA A O   1 
ATOM   672  C CB  . ALA A 1 99  ? 5.430   -8.178  5.162   1.00 10.35 ? 77  ALA A CB  1 
ATOM   673  N N   . LEU A 1 100 ? 3.835   -5.191  4.849   1.00 9.57  ? 78  LEU A N   1 
ATOM   674  C CA  . LEU A 1 100 ? 2.774   -4.396  4.204   1.00 11.36 ? 78  LEU A CA  1 
ATOM   675  C C   . LEU A 1 100 ? 2.601   -4.785  2.779   1.00 14.20 ? 78  LEU A C   1 
ATOM   676  O O   . LEU A 1 100 ? 3.615   -4.864  2.082   1.00 17.45 ? 78  LEU A O   1 
ATOM   677  C CB  . LEU A 1 100 ? 3.199   -2.923  4.190   1.00 15.45 ? 78  LEU A CB  1 
ATOM   678  C CG  . LEU A 1 100 ? 2.185   -1.931  3.583   1.00 17.80 ? 78  LEU A CG  1 
ATOM   679  C CD1 . LEU A 1 100 ? 1.260   -1.725  4.698   1.00 20.06 ? 78  LEU A CD1 1 
ATOM   680  C CD2 . LEU A 1 100 ? 2.907   -0.685  3.064   1.00 22.89 ? 78  LEU A CD2 1 
ATOM   681  N N   . GLY A 1 101 ? 1.382   -4.957  2.304   1.00 12.06 ? 79  GLY A N   1 
ATOM   682  C CA  . GLY A 1 101 ? 1.112   -5.284  0.891   1.00 15.09 ? 79  GLY A CA  1 
ATOM   683  C C   . GLY A 1 101 ? -0.060  -4.511  0.346   1.00 12.38 ? 79  GLY A C   1 
ATOM   684  O O   . GLY A 1 101 ? -0.802  -3.841  1.075   1.00 12.31 ? 79  GLY A O   1 
ATOM   685  N N   . ASN A 1 102 ? -0.243  -4.671  -0.967  1.00 12.85 ? 80  ASN A N   1 
ATOM   686  C CA  . ASN A 1 102 ? -1.339  -4.074  -1.688  1.00 11.56 ? 80  ASN A CA  1 
ATOM   687  C C   . ASN A 1 102 ? -1.521  -2.603  -1.402  1.00 11.12 ? 80  ASN A C   1 
ATOM   688  O O   . ASN A 1 102 ? -2.661  -2.116  -1.293  1.00 12.04 ? 80  ASN A O   1 
ATOM   689  C CB  . ASN A 1 102 ? -2.666  -4.790  -1.393  1.00 11.20 ? 80  ASN A CB  1 
ATOM   690  C CG  . ASN A 1 102 ? -2.828  -6.170  -1.988  1.00 13.58 ? 80  ASN A CG  1 
ATOM   691  O OD1 . ASN A 1 102 ? -3.687  -6.923  -1.511  1.00 13.02 ? 80  ASN A OD1 1 
ATOM   692  N ND2 . ASN A 1 102 ? -2.060  -6.549  -3.044  1.00 13.46 ? 80  ASN A ND2 1 
ATOM   693  N N   . MET A 1 103 ? -0.454  -1.843  -1.286  1.00 10.54 ? 81  MET A N   1 
ATOM   694  C CA  . MET A 1 103 ? -0.576  -0.423  -1.022  1.00 11.40 ? 81  MET A CA  1 
ATOM   695  C C   . MET A 1 103 ? -0.982  0.310   -2.320  1.00 12.44 ? 81  MET A C   1 
ATOM   696  O O   . MET A 1 103 ? -0.227  0.325   -3.295  1.00 14.36 ? 81  MET A O   1 
ATOM   697  C CB  . MET A 1 103 ? 0.797   0.114   -0.551  1.00 13.50 ? 81  MET A CB  1 
ATOM   698  C CG  . MET A 1 103 ? 0.866   1.608   -0.236  1.00 17.98 ? 81  MET A CG  1 
ATOM   699  S SD  . MET A 1 103 ? -0.020  2.175   1.224   1.00 19.47 ? 81  MET A SD  1 
ATOM   700  C CE  . MET A 1 103 ? -1.378  2.893   0.477   1.00 18.51 ? 81  MET A CE  1 
ATOM   701  N N   . MET A 1 104 ? -2.207  0.846   -2.347  1.00 10.48 ? 82  MET A N   1 
ATOM   702  C CA  . MET A 1 104 ? -2.840  1.368   -3.554  1.00 10.81 ? 82  MET A CA  1 
ATOM   703  C C   . MET A 1 104 ? -3.468  2.707   -3.231  1.00 9.94  ? 82  MET A C   1 
ATOM   704  O O   . MET A 1 104 ? -4.110  2.853   -2.186  1.00 10.94 ? 82  MET A O   1 
ATOM   705  C CB  . MET A 1 104 ? -3.966  0.396   -4.020  1.00 13.71 ? 82  MET A CB  1 
ATOM   706  C CG  . MET A 1 104 ? -3.530  -0.989  -4.316  1.00 14.48 ? 82  MET A CG  1 
ATOM   707  S SD  . MET A 1 104 ? -4.948  -1.870  -5.190  1.00 20.15 ? 82  MET A SD  1 
ATOM   708  C CE  . MET A 1 104 ? -4.397  -3.573  -4.749  1.00 19.28 ? 82  MET A CE  1 
ATOM   709  N N   . VAL A 1 105 ? -3.343  3.665   -4.144  1.00 10.39 ? 83  VAL A N   1 
ATOM   710  C CA  . VAL A 1 105 ? -3.853  5.037   -3.991  1.00 10.10 ? 83  VAL A CA  1 
ATOM   711  C C   . VAL A 1 105 ? -4.642  5.408   -5.239  1.00 9.89  ? 83  VAL A C   1 
ATOM   712  O O   . VAL A 1 105 ? -4.195  5.133   -6.373  1.00 10.87 ? 83  VAL A O   1 
ATOM   713  C CB  . VAL A 1 105 ? -2.717  6.038   -3.750  1.00 11.25 ? 83  VAL A CB  1 
ATOM   714  C CG1 . VAL A 1 105 ? -3.242  7.477   -3.624  1.00 12.72 ? 83  VAL A CG1 1 
ATOM   715  C CG2 . VAL A 1 105 ? -1.902  5.623   -2.472  1.00 12.66 ? 83  VAL A CG2 1 
ATOM   716  N N   . ALA A 1 106 ? -5.766  6.087   -5.046  1.00 10.42 ? 84  ALA A N   1 
ATOM   717  C CA  . ALA A 1 106 ? -6.566  6.569   -6.146  1.00 10.68 ? 84  ALA A CA  1 
ATOM   718  C C   . ALA A 1 106 ? -5.746  7.490   -7.051  1.00 11.44 ? 84  ALA A C   1 
ATOM   719  O O   . ALA A 1 106 ? -5.001  8.353   -6.556  1.00 11.63 ? 84  ALA A O   1 
ATOM   720  C CB  . ALA A 1 106 ? -7.783  7.359   -5.616  1.00 11.76 ? 84  ALA A CB  1 
ATOM   721  N N   . PRO A 1 107 ? -5.942  7.379   -8.378  1.00 13.39 ? 85  PRO A N   1 
ATOM   722  C CA  . PRO A 1 107 ? -5.124  8.189   -9.280  1.00 15.00 ? 85  PRO A CA  1 
ATOM   723  C C   . PRO A 1 107 ? -5.346  9.688   -9.202  1.00 15.84 ? 85  PRO A C   1 
ATOM   724  O O   . PRO A 1 107 ? -4.414  10.417  -9.516  1.00 19.65 ? 85  PRO A O   1 
ATOM   725  C CB  . PRO A 1 107 ? -5.500  7.650   -10.666 1.00 16.05 ? 85  PRO A CB  1 
ATOM   726  C CG  . PRO A 1 107 ? -6.801  6.959   -10.515 1.00 19.49 ? 85  PRO A CG  1 
ATOM   727  C CD  . PRO A 1 107 ? -6.749  6.397   -9.126  1.00 14.29 ? 85  PRO A CD  1 
ATOM   728  N N   . ALA A 1 108 ? -6.480  10.142  -8.705  1.00 15.83 ? 86  ALA A N   1 
ATOM   729  C CA  . ALA A 1 108 ? -6.672  11.572  -8.523  1.00 18.02 ? 86  ALA A CA  1 
ATOM   730  C C   . ALA A 1 108 ? -6.058  12.101  -7.263  1.00 17.97 ? 86  ALA A C   1 
ATOM   731  O O   . ALA A 1 108 ? -6.019  13.307  -7.068  1.00 20.97 ? 86  ALA A O   1 
ATOM   732  C CB  . ALA A 1 108 ? -8.144  11.926  -8.587  1.00 20.70 ? 86  ALA A CB  1 
ATOM   733  N N   . ALA A 1 109 ? -5.595  11.226  -6.379  1.00 14.12 ? 87  ALA A N   1 
ATOM   734  C CA  . ALA A 1 109 ? -5.070  11.588  -5.104  1.00 13.83 ? 87  ALA A CA  1 
ATOM   735  C C   . ALA A 1 109 ? -3.623  11.156  -4.862  1.00 13.71 ? 87  ALA A C   1 
ATOM   736  O O   . ALA A 1 109 ? -3.249  10.930  -3.767  1.00 15.80 ? 87  ALA A O   1 
ATOM   737  C CB  . ALA A 1 109 ? -5.986  11.026  -4.003  1.00 15.53 ? 87  ALA A CB  1 
ATOM   738  N N   . ARG A 1 110 ? -2.837  11.029  -5.903  1.00 13.38 ? 88  ARG A N   1 
ATOM   739  C CA  . ARG A 1 110 ? -1.437  10.647  -5.790  1.00 12.92 ? 88  ARG A CA  1 
ATOM   740  C C   . ARG A 1 110 ? -0.598  11.850  -5.255  1.00 12.34 ? 88  ARG A C   1 
ATOM   741  O O   . ARG A 1 110 ? -0.804  12.996  -5.669  1.00 13.66 ? 88  ARG A O   1 
ATOM   742  C CB  . ARG A 1 110 ? -0.941  10.235  -7.165  1.00 13.06 ? 88  ARG A CB  1 
ATOM   743  C CG  . ARG A 1 110 ? -1.673  9.078   -7.865  1.00 15.04 ? 88  ARG A CG  1 
ATOM   744  C CD  . ARG A 1 110 ? -1.355  7.807   -7.161  1.00 15.22 ? 88  ARG A CD  1 
ATOM   745  N NE  . ARG A 1 110 ? -2.132  6.640   -7.665  1.00 13.40 ? 88  ARG A NE  1 
ATOM   746  C CZ  . ARG A 1 110 ? -1.881  5.948   -8.765  1.00 13.73 ? 88  ARG A CZ  1 
ATOM   747  N NH1 . ARG A 1 110 ? -0.842  6.181   -9.530  1.00 14.19 ? 88  ARG A NH1 1 
ATOM   748  N NH2 . ARG A 1 110 ? -2.695  4.957   -9.095  1.00 13.45 ? 88  ARG A NH2 1 
ATOM   749  N N   . GLY A 1 111 ? 0.343   11.544  -4.377  1.00 12.84 ? 89  GLY A N   1 
ATOM   750  C CA  . GLY A 1 111 ? 1.258   12.571  -3.885  1.00 13.16 ? 89  GLY A CA  1 
ATOM   751  C C   . GLY A 1 111 ? 0.677   13.487  -2.862  1.00 14.52 ? 89  GLY A C   1 
ATOM   752  O O   . GLY A 1 111 ? 1.337   14.474  -2.523  1.00 16.15 ? 89  GLY A O   1 
ATOM   753  N N   . LEU A 1 112 ? -0.514  13.194  -2.322  1.00 13.34 ? 90  LEU A N   1 
ATOM   754  C CA  . LEU A 1 112 ? -1.198  14.066  -1.374  1.00 14.86 ? 90  LEU A CA  1 
ATOM   755  C C   . LEU A 1 112 ? -1.156  13.599  0.076   1.00 15.73 ? 90  LEU A C   1 
ATOM   756  O O   . LEU A 1 112 ? -1.834  14.190  0.954   1.00 18.09 ? 90  LEU A O   1 
ATOM   757  C CB  . LEU A 1 112 ? -2.648  14.154  -1.789  1.00 13.97 ? 90  LEU A CB  1 
ATOM   758  C CG  . LEU A 1 112 ? -2.910  14.610  -3.203  1.00 16.60 ? 90  LEU A CG  1 
ATOM   759  C CD1 . LEU A 1 112 ? -4.434  14.775  -3.422  1.00 18.09 ? 90  LEU A CD1 1 
ATOM   760  C CD2 . LEU A 1 112 ? -2.154  15.865  -3.640  1.00 20.13 ? 90  LEU A CD2 1 
ATOM   761  N N   . GLY A 1 113 ? -0.337  12.597  0.370   1.00 12.78 ? 91  GLY A N   1 
ATOM   762  C CA  . GLY A 1 113 ? -0.184  12.103  1.727   1.00 13.67 ? 91  GLY A CA  1 
ATOM   763  C C   . GLY A 1 113 ? -1.071  10.923  2.109   1.00 12.00 ? 91  GLY A C   1 
ATOM   764  O O   . GLY A 1 113 ? -1.022  10.488  3.273   1.00 12.18 ? 91  GLY A O   1 
ATOM   765  N N   . VAL A 1 114 ? -1.780  10.331  1.146   1.00 12.07 ? 92  VAL A N   1 
ATOM   766  C CA  . VAL A 1 114 ? -2.680  9.217   1.466   1.00 11.63 ? 92  VAL A CA  1 
ATOM   767  C C   . VAL A 1 114 ? -1.878  7.985   1.840   1.00 10.50 ? 92  VAL A C   1 
ATOM   768  O O   . VAL A 1 114 ? -2.199  7.333   2.860   1.00 10.50 ? 92  VAL A O   1 
ATOM   769  C CB  . VAL A 1 114 ? -3.588  8.874   0.284   1.00 10.98 ? 92  VAL A CB  1 
ATOM   770  C CG1 . VAL A 1 114 ? -4.479  7.676   0.627   1.00 12.26 ? 92  VAL A CG1 1 
ATOM   771  C CG2 . VAL A 1 114 ? -4.526  10.089  -0.058  1.00 13.00 ? 92  VAL A CG2 1 
ATOM   772  N N   . ALA A 1 115 ? -0.844  7.615   1.096   1.00 10.48 ? 93  ALA A N   1 
ATOM   773  C CA  . ALA A 1 115 ? -0.059  6.437   1.460   1.00 10.26 ? 93  ALA A CA  1 
ATOM   774  C C   . ALA A 1 115 ? 0.678   6.665   2.772   1.00 10.31 ? 93  ALA A C   1 
ATOM   775  O O   . ALA A 1 115 ? 0.699   5.789   3.620   1.00 10.81 ? 93  ALA A O   1 
ATOM   776  C CB  . ALA A 1 115 ? 0.893   6.041   0.321   1.00 10.95 ? 93  ALA A CB  1 
ATOM   777  N N   A ARG A 1 116 ? 1.233   7.858   2.978   0.50 11.33 ? 94  ARG A N   1 
ATOM   778  N N   B ARG A 1 116 ? 1.245   7.847   2.979   0.50 11.10 ? 94  ARG A N   1 
ATOM   779  C CA  A ARG A 1 116 ? 1.908   8.204   4.215   0.50 12.69 ? 94  ARG A CA  1 
ATOM   780  C CA  B ARG A 1 116 ? 1.923   8.156   4.221   0.50 12.39 ? 94  ARG A CA  1 
ATOM   781  C C   A ARG A 1 116 ? 0.996   8.007   5.418   0.50 11.59 ? 94  ARG A C   1 
ATOM   782  C C   B ARG A 1 116 ? 0.997   8.002   5.423   0.50 11.35 ? 94  ARG A C   1 
ATOM   783  O O   A ARG A 1 116 ? 1.358   7.389   6.426   0.50 11.93 ? 94  ARG A O   1 
ATOM   784  O O   B ARG A 1 116 ? 1.347   7.387   6.438   0.50 11.44 ? 94  ARG A O   1 
ATOM   785  C CB  A ARG A 1 116 ? 2.330   9.672   4.114   0.50 14.90 ? 94  ARG A CB  1 
ATOM   786  C CB  B ARG A 1 116 ? 2.469   9.574   4.098   0.50 14.58 ? 94  ARG A CB  1 
ATOM   787  C CG  A ARG A 1 116 ? 3.141   10.199  5.217   0.50 21.38 ? 94  ARG A CG  1 
ATOM   788  C CG  B ARG A 1 116 ? 2.957   10.238  5.310   0.50 21.56 ? 94  ARG A CG  1 
ATOM   789  C CD  A ARG A 1 116 ? 3.657   11.607  4.850   0.50 23.63 ? 94  ARG A CD  1 
ATOM   790  C CD  B ARG A 1 116 ? 3.289   11.711  4.957   0.50 25.12 ? 94  ARG A CD  1 
ATOM   791  N NE  A ARG A 1 116 ? 4.142   11.760  3.463   0.50 24.76 ? 94  ARG A NE  1 
ATOM   792  N NE  B ARG A 1 116 ? 4.521   11.898  4.177   0.50 28.17 ? 94  ARG A NE  1 
ATOM   793  C CZ  A ARG A 1 116 ? 5.428   11.972  3.135   0.50 24.33 ? 94  ARG A CZ  1 
ATOM   794  C CZ  B ARG A 1 116 ? 4.608   11.884  2.839   0.50 28.53 ? 94  ARG A CZ  1 
ATOM   795  N NH1 A ARG A 1 116 ? 6.359   11.991  4.078   0.50 22.46 ? 94  ARG A NH1 1 
ATOM   796  N NH1 B ARG A 1 116 ? 3.546   11.659  2.061   0.50 22.26 ? 94  ARG A NH1 1 
ATOM   797  N NH2 A ARG A 1 116 ? 5.795   12.137  1.856   0.50 27.99 ? 94  ARG A NH2 1 
ATOM   798  N NH2 B ARG A 1 116 ? 5.792   12.096  2.263   0.50 30.77 ? 94  ARG A NH2 1 
ATOM   799  N N   . TYR A 1 117 ? -0.227  8.514   5.307   1.00 11.14 ? 95  TYR A N   1 
ATOM   800  C CA  . TYR A 1 117 ? -1.221  8.369   6.338   1.00 11.59 ? 95  TYR A CA  1 
ATOM   801  C C   . TYR A 1 117 ? -1.550  6.908   6.603   1.00 10.24 ? 95  TYR A C   1 
ATOM   802  O O   . TYR A 1 117 ? -1.548  6.444   7.745   1.00 11.01 ? 95  TYR A O   1 
ATOM   803  C CB  . TYR A 1 117 ? -2.499  9.095   5.920   1.00 12.11 ? 95  TYR A CB  1 
ATOM   804  C CG  . TYR A 1 117 ? -3.691  8.799   6.813   1.00 12.62 ? 95  TYR A CG  1 
ATOM   805  C CD1 . TYR A 1 117 ? -3.802  9.399   8.046   1.00 13.58 ? 95  TYR A CD1 1 
ATOM   806  C CD2 . TYR A 1 117 ? -4.657  7.895   6.401   1.00 11.06 ? 95  TYR A CD2 1 
ATOM   807  C CE1 . TYR A 1 117 ? -4.877  9.123   8.891   1.00 13.59 ? 95  TYR A CE1 1 
ATOM   808  C CE2 . TYR A 1 117 ? -5.726  7.594   7.240   1.00 13.60 ? 95  TYR A CE2 1 
ATOM   809  C CZ  . TYR A 1 117 ? -5.828  8.205   8.449   1.00 14.54 ? 95  TYR A CZ  1 
ATOM   810  O OH  . TYR A 1 117 ? -6.903  7.942   9.320   1.00 17.53 ? 95  TYR A OH  1 
ATOM   811  N N   . LEU A 1 118 ? -1.847  6.145   5.568   1.00 10.14 ? 96  LEU A N   1 
ATOM   812  C CA  . LEU A 1 118 ? -2.272  4.778   5.739   1.00 10.89 ? 96  LEU A CA  1 
ATOM   813  C C   . LEU A 1 118 ? -1.112  3.926   6.237   1.00 10.36 ? 96  LEU A C   1 
ATOM   814  O O   . LEU A 1 118 ? -1.362  3.026   7.072   1.00 11.21 ? 96  LEU A O   1 
ATOM   815  C CB  . LEU A 1 118 ? -2.895  4.265   4.447   1.00 11.82 ? 96  LEU A CB  1 
ATOM   816  C CG  . LEU A 1 118 ? -3.651  2.990   4.510   1.00 14.49 ? 96  LEU A CG  1 
ATOM   817  C CD1 . LEU A 1 118 ? -4.687  2.946   5.599   1.00 15.32 ? 96  LEU A CD1 1 
ATOM   818  C CD2 . LEU A 1 118 ? -4.303  2.736   3.140   1.00 15.08 ? 96  LEU A CD2 1 
ATOM   819  N N   . ILE A 1 119 ? 0.105   4.176   5.810   1.00 10.21 ? 97  ILE A N   1 
ATOM   820  C CA  . ILE A 1 119 ? 1.267   3.443   6.374   1.00 10.85 ? 97  ILE A CA  1 
ATOM   821  C C   . ILE A 1 119 ? 1.345   3.665   7.896   1.00 10.76 ? 97  ILE A C   1 
ATOM   822  O O   . ILE A 1 119 ? 1.557   2.701   8.680   1.00 10.62 ? 97  ILE A O   1 
ATOM   823  C CB  . ILE A 1 119 ? 2.552   3.721   5.641   1.00 12.00 ? 97  ILE A CB  1 
ATOM   824  C CG1 . ILE A 1 119 ? 2.435   3.204   4.177   1.00 13.91 ? 97  ILE A CG1 1 
ATOM   825  C CG2 . ILE A 1 119 ? 3.767   3.062   6.382   1.00 13.66 ? 97  ILE A CG2 1 
ATOM   826  C CD1 . ILE A 1 119 ? 3.414   3.797   3.218   1.00 18.08 ? 97  ILE A CD1 1 
ATOM   827  N N   . GLY A 1 120 ? 1.129   4.904   8.366   1.00 10.43 ? 98  GLY A N   1 
ATOM   828  C CA  . GLY A 1 120 ? 1.130   5.167   9.791   1.00 10.61 ? 98  GLY A CA  1 
ATOM   829  C C   . GLY A 1 120 ? 0.038   4.411   10.513  1.00 9.70  ? 98  GLY A C   1 
ATOM   830  O O   . GLY A 1 120 ? 0.253   3.856   11.599  1.00 11.15 ? 98  GLY A O   1 
ATOM   831  N N   . VAL A 1 121 ? -1.144  4.337   9.912   1.00 10.18 ? 99  VAL A N   1 
ATOM   832  C CA  . VAL A 1 121 ? -2.214  3.536   10.503  1.00 10.80 ? 99  VAL A CA  1 
ATOM   833  C C   . VAL A 1 121 ? -1.829  2.047   10.583  1.00 11.10 ? 99  VAL A C   1 
ATOM   834  O O   . VAL A 1 121 ? -2.064  1.377   11.605  1.00 10.89 ? 99  VAL A O   1 
ATOM   835  C CB  . VAL A 1 121 ? -3.494  3.693   9.648   1.00 10.94 ? 99  VAL A CB  1 
ATOM   836  C CG1 . VAL A 1 121 ? -4.590  2.720   10.097  1.00 13.26 ? 99  VAL A CG1 1 
ATOM   837  C CG2 . VAL A 1 121 ? -3.980  5.148   9.755   1.00 13.05 ? 99  VAL A CG2 1 
ATOM   838  N N   . MET A 1 122 ? -1.208  1.525   9.536   1.00 9.36  ? 100 MET A N   1 
ATOM   839  C CA  . MET A 1 122 ? -0.834  0.125   9.491   1.00 9.49  ? 100 MET A CA  1 
ATOM   840  C C   . MET A 1 122 ? 0.300   -0.167  10.491  1.00 9.18  ? 100 MET A C   1 
ATOM   841  O O   . MET A 1 122 ? 0.320   -1.241  11.092  1.00 10.03 ? 100 MET A O   1 
ATOM   842  C CB  . MET A 1 122 ? -0.450  -0.315  8.079   1.00 9.72  ? 100 MET A CB  1 
ATOM   843  C CG  . MET A 1 122 ? -1.537  -0.200  7.067   1.00 9.86  ? 100 MET A CG  1 
ATOM   844  S SD  . MET A 1 122 ? -3.070  -1.074  7.414   1.00 11.98 ? 100 MET A SD  1 
ATOM   845  C CE  . MET A 1 122 ? -2.517  -2.748  7.113   1.00 12.81 ? 100 MET A CE  1 
ATOM   846  N N   . GLU A 1 123 ? 1.220   0.780   10.678  1.00 9.61  ? 101 GLU A N   1 
ATOM   847  C CA  . GLU A 1 123 ? 2.244   0.654   11.696  1.00 9.78  ? 101 GLU A CA  1 
ATOM   848  C C   . GLU A 1 123 ? 1.608   0.553   13.061  1.00 10.52 ? 101 GLU A C   1 
ATOM   849  O O   . GLU A 1 123 ? 2.020   -0.315  13.871  1.00 11.10 ? 101 GLU A O   1 
ATOM   850  C CB  . GLU A 1 123 ? 3.227   1.835   11.634  1.00 9.88  ? 101 GLU A CB  1 
ATOM   851  C CG  . GLU A 1 123 ? 4.110   1.793   10.409  1.00 9.82  ? 101 GLU A CG  1 
ATOM   852  C CD  . GLU A 1 123 ? 4.909   3.050   10.236  1.00 12.93 ? 101 GLU A CD  1 
ATOM   853  O OE1 . GLU A 1 123 ? 4.588   4.101   10.844  1.00 16.88 ? 101 GLU A OE1 1 
ATOM   854  O OE2 . GLU A 1 123 ? 5.820   3.074   9.380   1.00 12.90 ? 101 GLU A OE2 1 
ATOM   855  N N   . ASN A 1 124 ? 0.657   1.406   13.372  1.00 11.13 ? 102 ASN A N   1 
ATOM   856  C CA  . ASN A 1 124 ? -0.054  1.290   14.633  1.00 13.35 ? 102 ASN A CA  1 
ATOM   857  C C   . ASN A 1 124 ? -0.782  -0.040  14.772  1.00 10.95 ? 102 ASN A C   1 
ATOM   858  O O   . ASN A 1 124 ? -0.732  -0.652  15.857  1.00 12.91 ? 102 ASN A O   1 
ATOM   859  C CB  . ASN A 1 124 ? -1.055  2.416   14.773  1.00 13.16 ? 102 ASN A CB  1 
ATOM   860  C CG  . ASN A 1 124 ? -0.437  3.751   15.060  1.00 20.06 ? 102 ASN A CG  1 
ATOM   861  O OD1 . ASN A 1 124 ? 0.732   3.847   15.489  1.00 25.27 ? 102 ASN A OD1 1 
ATOM   862  N ND2 . ASN A 1 124 ? -1.204  4.799   14.801  1.00 26.60 ? 102 ASN A ND2 1 
ATOM   863  N N   . LEU A 1 125 ? -1.429  -0.535  13.723  1.00 11.47 ? 103 LEU A N   1 
ATOM   864  C CA  . LEU A 1 125 ? -2.092  -1.821  13.779  1.00 11.24 ? 103 LEU A CA  1 
ATOM   865  C C   . LEU A 1 125 ? -1.131  -2.940  14.039  1.00 12.08 ? 103 LEU A C   1 
ATOM   866  O O   . LEU A 1 125 ? -1.385  -3.836  14.867  1.00 13.48 ? 103 LEU A O   1 
ATOM   867  C CB  . LEU A 1 125 ? -2.845  -2.066  12.471  1.00 11.89 ? 103 LEU A CB  1 
ATOM   868  C CG  . LEU A 1 125 ? -3.638  -3.346  12.386  1.00 13.52 ? 103 LEU A CG  1 
ATOM   869  C CD1 . LEU A 1 125 ? -4.743  -3.387  13.426  1.00 17.77 ? 103 LEU A CD1 1 
ATOM   870  C CD2 . LEU A 1 125 ? -4.260  -3.401  10.995  1.00 17.28 ? 103 LEU A CD2 1 
ATOM   871  N N   . ALA A 1 126 ? 0.008   -2.927  13.366  1.00 10.81 ? 104 ALA A N   1 
ATOM   872  C CA  . ALA A 1 126 ? 1.037   -3.942  13.586  1.00 11.32 ? 104 ALA A CA  1 
ATOM   873  C C   . ALA A 1 126 ? 1.527   -3.961  15.016  1.00 13.12 ? 104 ALA A C   1 
ATOM   874  O O   . ALA A 1 126 ? 1.643   -5.030  15.637  1.00 12.39 ? 104 ALA A O   1 
ATOM   875  C CB  . ALA A 1 126 ? 2.232   -3.738  12.624  1.00 10.68 ? 104 ALA A CB  1 
ATOM   876  N N   . ARG A 1 127 ? 1.783   -2.778  15.558  1.00 12.80 ? 105 ARG A N   1 
ATOM   877  C CA  . ARG A 1 127 ? 2.194   -2.636  16.978  1.00 15.79 ? 105 ARG A CA  1 
ATOM   878  C C   . ARG A 1 127 ? 1.162   -3.113  17.918  1.00 17.99 ? 105 ARG A C   1 
ATOM   879  O O   . ARG A 1 127 ? 1.494   -3.832  18.884  1.00 19.69 ? 105 ARG A O   1 
ATOM   880  C CB  . ARG A 1 127 ? 2.435   -1.158  17.293  1.00 18.46 ? 105 ARG A CB  1 
ATOM   881  C CG  . ARG A 1 127 ? 3.676   -0.719  16.913  1.00 22.03 ? 105 ARG A CG  1 
ATOM   882  C CD  . ARG A 1 127 ? 4.025   0.678   17.600  1.00 30.47 ? 105 ARG A CD  1 
ATOM   883  N NE  . ARG A 1 127 ? 3.330   1.751   16.907  1.00 32.73 ? 105 ARG A NE  1 
ATOM   884  C CZ  . ARG A 1 127 ? 3.817   2.485   15.890  1.00 34.77 ? 105 ARG A CZ  1 
ATOM   885  N NH1 . ARG A 1 127 ? 5.056   2.350   15.434  1.00 34.44 ? 105 ARG A NH1 1 
ATOM   886  N NH2 . ARG A 1 127 ? 3.050   3.417   15.341  1.00 35.19 ? 105 ARG A NH2 1 
ATOM   887  N N   . GLU A 1 128 ? -0.067  -2.711  17.721  1.00 17.76 ? 106 GLU A N   1 
ATOM   888  C CA  . GLU A 1 128 ? -1.099  -2.899  18.737  1.00 18.63 ? 106 GLU A CA  1 
ATOM   889  C C   . GLU A 1 128 ? -1.682  -4.284  18.642  1.00 19.32 ? 106 GLU A C   1 
ATOM   890  O O   . GLU A 1 128 ? -1.794  -4.977  19.688  1.00 21.77 ? 106 GLU A O   1 
ATOM   891  C CB  . GLU A 1 128 ? -2.147  -1.828  18.595  1.00 19.03 ? 106 GLU A CB  1 
ATOM   892  C CG  . GLU A 1 128 ? -1.593  -0.462  18.951  1.00 24.24 ? 106 GLU A CG  1 
ATOM   893  C CD  . GLU A 1 128 ? -2.401  0.717   18.352  1.00 33.21 ? 106 GLU A CD  1 
ATOM   894  O OE1 . GLU A 1 128 ? -3.592  0.546   18.002  1.00 38.85 ? 106 GLU A OE1 1 
ATOM   895  O OE2 . GLU A 1 128 ? -1.835  1.837   18.254  1.00 40.27 ? 106 GLU A OE2 1 
ATOM   896  N N   . GLN A 1 129 ? -2.054  -4.749  17.465  1.00 17.70 ? 107 GLN A N   1 
ATOM   897  C CA  . GLN A 1 129 ? -2.681  -6.035  17.266  1.00 18.39 ? 107 GLN A CA  1 
ATOM   898  C C   . GLN A 1 129 ? -1.674  -7.188  17.258  1.00 17.71 ? 107 GLN A C   1 
ATOM   899  O O   . GLN A 1 129 ? -1.919  -8.247  17.844  1.00 19.39 ? 107 GLN A O   1 
ATOM   900  C CB  . GLN A 1 129 ? -3.551  -6.098  16.012  1.00 20.28 ? 107 GLN A CB  1 
ATOM   901  C CG  . GLN A 1 129 ? -4.245  -7.461  15.855  1.00 26.13 ? 107 GLN A CG  1 
ATOM   902  C CD  . GLN A 1 129 ? -5.190  -7.588  14.646  1.00 32.78 ? 107 GLN A CD  1 
ATOM   903  O OE1 . GLN A 1 129 ? -5.503  -6.611  13.976  1.00 36.50 ? 107 GLN A OE1 1 
ATOM   904  N NE2 . GLN A 1 129 ? -5.633  -8.820  14.369  1.00 35.25 ? 107 GLN A NE2 1 
ATOM   905  N N   . TYR A 1 130 ? -0.555  -7.025  16.583  1.00 13.51 ? 108 TYR A N   1 
ATOM   906  C CA  . TYR A 1 130 ? 0.378   -8.097  16.356  1.00 13.72 ? 108 TYR A CA  1 
ATOM   907  C C   . TYR A 1 130 ? 1.608   -8.018  17.255  1.00 14.20 ? 108 TYR A C   1 
ATOM   908  O O   . TYR A 1 130 ? 2.461   -8.900  17.158  1.00 13.97 ? 108 TYR A O   1 
ATOM   909  C CB  . TYR A 1 130 ? 0.792   -8.157  14.841  1.00 14.01 ? 108 TYR A CB  1 
ATOM   910  C CG  . TYR A 1 130 ? -0.360  -8.571  13.971  1.00 15.30 ? 108 TYR A CG  1 
ATOM   911  C CD1 . TYR A 1 130 ? -0.718  -9.912  13.892  1.00 20.99 ? 108 TYR A CD1 1 
ATOM   912  C CD2 . TYR A 1 130 ? -1.162  -7.618  13.365  1.00 17.75 ? 108 TYR A CD2 1 
ATOM   913  C CE1 . TYR A 1 130 ? -1.843  -10.334 13.149  1.00 22.07 ? 108 TYR A CE1 1 
ATOM   914  C CE2 . TYR A 1 130 ? -2.304  -8.027  12.613  1.00 19.74 ? 108 TYR A CE2 1 
ATOM   915  C CZ  . TYR A 1 130 ? -2.588  -9.386  12.519  1.00 21.72 ? 108 TYR A CZ  1 
ATOM   916  O OH  . TYR A 1 130 ? -3.711  -9.856  11.840  1.00 24.66 ? 108 TYR A OH  1 
ATOM   917  N N   . LYS A 1 131 ? 1.729   -6.958  18.061  1.00 12.48 ? 109 LYS A N   1 
ATOM   918  C CA  . LYS A 1 131 ? 2.896   -6.757  18.929  1.00 12.56 ? 109 LYS A CA  1 
ATOM   919  C C   . LYS A 1 131 ? 4.163   -6.828  18.085  1.00 11.84 ? 109 LYS A C   1 
ATOM   920  O O   . LYS A 1 131 ? 5.216   -7.267  18.559  1.00 12.89 ? 109 LYS A O   1 
ATOM   921  C CB  . LYS A 1 131 ? 2.896   -7.762  20.119  1.00 14.29 ? 109 LYS A CB  1 
ATOM   922  C CG  . LYS A 1 131 ? 1.611   -7.771  20.916  1.00 14.15 ? 109 LYS A CG  1 
ATOM   923  C CD  . LYS A 1 131 ? 1.176   -6.416  21.447  1.00 16.19 ? 109 LYS A CD  1 
ATOM   924  C CE  . LYS A 1 131 ? -0.148  -6.612  22.223  1.00 20.65 ? 109 LYS A CE  1 
ATOM   925  N NZ  . LYS A 1 131 ? -0.894  -5.358  22.339  1.00 27.35 ? 109 LYS A NZ  1 
ATOM   926  N N   . ALA A 1 132 ? 4.104   -6.290  16.868  1.00 11.68 ? 110 ALA A N   1 
ATOM   927  C CA  . ALA A 1 132 ? 5.249   -6.315  15.991  1.00 10.55 ? 110 ALA A CA  1 
ATOM   928  C C   . ALA A 1 132 ? 6.326   -5.351  16.500  1.00 11.73 ? 110 ALA A C   1 
ATOM   929  O O   . ALA A 1 132 ? 6.007   -4.219  16.876  1.00 13.71 ? 110 ALA A O   1 
ATOM   930  C CB  . ALA A 1 132 ? 4.824   -5.948  14.542  1.00 12.17 ? 110 ALA A CB  1 
ATOM   931  N N   . ARG A 1 133 ? 7.588   -5.742  16.346  1.00 10.68 ? 111 ARG A N   1 
ATOM   932  C CA  . ARG A 1 133 ? 8.719   -4.841  16.566  1.00 11.42 ? 111 ARG A CA  1 
ATOM   933  C C   . ARG A 1 133 ? 9.236   -4.212  15.271  1.00 11.77 ? 111 ARG A C   1 
ATOM   934  O O   . ARG A 1 133 ? 10.018  -3.262  15.301  1.00 15.34 ? 111 ARG A O   1 
ATOM   935  C CB  . ARG A 1 133 ? 9.867   -5.598  17.225  1.00 12.16 ? 111 ARG A CB  1 
ATOM   936  C CG  . ARG A 1 133 ? 9.736   -5.689  18.731  1.00 11.71 ? 111 ARG A CG  1 
ATOM   937  C CD  . ARG A 1 133 ? 8.681   -6.702  19.172  1.00 12.35 ? 111 ARG A CD  1 
ATOM   938  N NE  . ARG A 1 133 ? 8.937   -7.090  20.533  1.00 12.05 ? 111 ARG A NE  1 
ATOM   939  C CZ  . ARG A 1 133 ? 8.097   -7.735  21.308  1.00 11.87 ? 111 ARG A CZ  1 
ATOM   940  N NH1 . ARG A 1 133 ? 6.902   -8.082  20.851  1.00 14.24 ? 111 ARG A NH1 1 
ATOM   941  N NH2 . ARG A 1 133 ? 8.442   -8.042  22.551  1.00 13.21 ? 111 ARG A NH2 1 
ATOM   942  N N   . LEU A 1 134 ? 8.805   -4.756  14.138  1.00 9.85  ? 112 LEU A N   1 
ATOM   943  C CA  . LEU A 1 134 ? 9.350   -4.400  12.831  1.00 10.67 ? 112 LEU A CA  1 
ATOM   944  C C   . LEU A 1 134 ? 8.229   -4.427  11.797  1.00 9.77  ? 112 LEU A C   1 
ATOM   945  O O   . LEU A 1 134 ? 7.361   -5.296  11.831  1.00 10.93 ? 112 LEU A O   1 
ATOM   946  C CB  . LEU A 1 134 ? 10.427  -5.423  12.450  1.00 11.80 ? 112 LEU A CB  1 
ATOM   947  C CG  . LEU A 1 134 ? 11.281  -5.090  11.235  1.00 12.90 ? 112 LEU A CG  1 
ATOM   948  C CD1 . LEU A 1 134 ? 12.445  -4.164  11.665  1.00 14.33 ? 112 LEU A CD1 1 
ATOM   949  C CD2 . LEU A 1 134 ? 11.857  -6.349  10.655  1.00 17.42 ? 112 LEU A CD2 1 
ATOM   950  N N   . MET A 1 135 ? 8.253   -3.459  10.879  1.00 9.63  ? 113 MET A N   1 
ATOM   951  C CA  . MET A 1 135 ? 7.463   -3.518  9.650   1.00 9.04  ? 113 MET A CA  1 
ATOM   952  C C   . MET A 1 135 ? 8.416   -3.725  8.486   1.00 10.03 ? 113 MET A C   1 
ATOM   953  O O   . MET A 1 135 ? 9.407   -3.036  8.364   1.00 9.99  ? 113 MET A O   1 
ATOM   954  C CB  . MET A 1 135 ? 6.689   -2.238  9.424   1.00 10.29 ? 113 MET A CB  1 
ATOM   955  C CG  . MET A 1 135 ? 5.744   -2.288  8.219   1.00 11.17 ? 113 MET A CG  1 
ATOM   956  S SD  . MET A 1 135 ? 4.241   -3.215  8.559   1.00 13.42 ? 113 MET A SD  1 
ATOM   957  C CE  . MET A 1 135 ? 3.357   -1.871  9.332   1.00 14.34 ? 113 MET A CE  1 
ATOM   958  N N   . LYS A 1 136 ? 8.100   -4.709  7.656   1.00 9.40  ? 114 LYS A N   1 
ATOM   959  C CA  . LYS A 1 136 ? 8.778   -4.953  6.367   1.00 9.84  ? 114 LYS A CA  1 
ATOM   960  C C   . LYS A 1 136 ? 7.967   -4.383  5.228   1.00 9.13  ? 114 LYS A C   1 
ATOM   961  O O   . LYS A 1 136 ? 6.745   -4.528  5.190   1.00 9.82  ? 114 LYS A O   1 
ATOM   962  C CB  . LYS A 1 136 ? 8.967   -6.454  6.138   1.00 10.04 ? 114 LYS A CB  1 
ATOM   963  C CG  . LYS A 1 136 ? 9.817   -7.164  7.155   1.00 11.87 ? 114 LYS A CG  1 
ATOM   964  C CD  . LYS A 1 136 ? 10.086  -8.644  6.808   1.00 14.41 ? 114 LYS A CD  1 
ATOM   965  C CE  . LYS A 1 136 ? 10.800  -9.340  7.936   1.00 17.10 ? 114 LYS A CE  1 
ATOM   966  N NZ  . LYS A 1 136 ? 11.322  -10.713 7.483   1.00 20.49 ? 114 LYS A NZ  1 
ATOM   967  N N   . ILE A 1 137 ? 8.649   -3.717  4.288   1.00 8.74  ? 115 ILE A N   1 
ATOM   968  C CA  . ILE A 1 137 ? 8.028   -3.280  3.036   1.00 8.28  ? 115 ILE A CA  1 
ATOM   969  C C   . ILE A 1 137 ? 9.023   -3.639  1.953   1.00 10.23 ? 115 ILE A C   1 
ATOM   970  O O   . ILE A 1 137 ? 10.195  -3.248  2.077   1.00 10.66 ? 115 ILE A O   1 
ATOM   971  C CB  . ILE A 1 137 ? 7.740   -1.778  3.039   1.00 9.92  ? 115 ILE A CB  1 
ATOM   972  C CG1 . ILE A 1 137 ? 6.749   -1.392  4.146   1.00 11.81 ? 115 ILE A CG1 1 
ATOM   973  C CG2 . ILE A 1 137 ? 7.247   -1.287  1.663   1.00 13.78 ? 115 ILE A CG2 1 
ATOM   974  C CD1 . ILE A 1 137 ? 6.426   0.135   4.161   1.00 16.32 ? 115 ILE A CD1 1 
ATOM   975  N N   . SER A 1 138 ? 8.551   -4.229  0.871   1.00 10.12 ? 116 SER A N   1 
ATOM   976  C CA  . SER A 1 138 ? 9.384   -4.556  -0.282  1.00 10.41 ? 116 SER A CA  1 
ATOM   977  C C   . SER A 1 138 ? 8.856   -3.779  -1.436  1.00 10.29 ? 116 SER A C   1 
ATOM   978  O O   . SER A 1 138 ? 7.663   -3.710  -1.654  1.00 13.33 ? 116 SER A O   1 
ATOM   979  C CB  . SER A 1 138 ? 9.384   -6.020  -0.582  1.00 11.76 ? 116 SER A CB  1 
ATOM   980  O OG  . SER A 1 138 ? 9.954   -6.707  0.543   1.00 14.55 ? 116 SER A OG  1 
ATOM   981  N N   . CYS A 1 139 ? 9.721   -3.147  -2.205  1.00 8.53  ? 117 CYS A N   1 
ATOM   982  C CA  . CYS A 1 139 ? 9.351   -2.303  -3.308  1.00 8.40  ? 117 CYS A CA  1 
ATOM   983  C C   . CYS A 1 139 ? 10.158  -2.640  -4.554  1.00 7.57  ? 117 CYS A C   1 
ATOM   984  O O   . CYS A 1 139 ? 11.372  -2.730  -4.502  1.00 8.26  ? 117 CYS A O   1 
ATOM   985  C CB  . CYS A 1 139 ? 9.671   -0.846  -2.916  1.00 10.54 ? 117 CYS A CB  1 
ATOM   986  S SG  . CYS A 1 139 ? 9.100   0.417   -3.998  1.00 12.75 ? 117 CYS A SG  1 
ATOM   987  N N   . PHE A 1 140 ? 9.515   -2.743  -5.726  1.00 8.04  ? 118 PHE A N   1 
ATOM   988  C CA  . PHE A 1 140 ? 10.174  -2.996  -6.953  1.00 8.00  ? 118 PHE A CA  1 
ATOM   989  C C   . PHE A 1 140 ? 10.980  -1.815  -7.373  1.00 7.55  ? 118 PHE A C   1 
ATOM   990  O O   . PHE A 1 140 ? 10.624  -0.647  -7.141  1.00 8.28  ? 118 PHE A O   1 
ATOM   991  C CB  . PHE A 1 140 ? 9.198   -3.424  -8.052  1.00 8.90  ? 118 PHE A CB  1 
ATOM   992  C CG  . PHE A 1 140 ? 8.638   -4.814  -7.817  1.00 8.67  ? 118 PHE A CG  1 
ATOM   993  C CD1 . PHE A 1 140 ? 9.375   -5.955  -8.086  1.00 9.85  ? 118 PHE A CD1 1 
ATOM   994  C CD2 . PHE A 1 140 ? 7.349   -4.985  -7.299  1.00 11.00 ? 118 PHE A CD2 1 
ATOM   995  C CE1 . PHE A 1 140 ? 8.841   -7.209  -7.845  1.00 11.86 ? 118 PHE A CE1 1 
ATOM   996  C CE2 . PHE A 1 140 ? 6.827   -6.235  -7.097  1.00 11.72 ? 118 PHE A CE2 1 
ATOM   997  C CZ  . PHE A 1 140 ? 7.550   -7.332  -7.351  1.00 11.17 ? 118 PHE A CZ  1 
ATOM   998  N N   . ASN A 1 141 ? 12.103  -2.118  -7.999  1.00 7.84  ? 119 ASN A N   1 
ATOM   999  C CA  . ASN A 1 141 ? 13.089  -1.072  -8.346  1.00 8.57  ? 119 ASN A CA  1 
ATOM   1000 C C   . ASN A 1 141 ? 12.524  0.030   -9.198  1.00 8.35  ? 119 ASN A C   1 
ATOM   1001 O O   . ASN A 1 141 ? 12.939  1.184   -9.021  1.00 8.90  ? 119 ASN A O   1 
ATOM   1002 C CB  . ASN A 1 141 ? 14.319  -1.663  -9.020  1.00 8.56  ? 119 ASN A CB  1 
ATOM   1003 C CG  . ASN A 1 141 ? 14.056  -2.197  -10.360 1.00 9.88  ? 119 ASN A CG  1 
ATOM   1004 O OD1 . ASN A 1 141 ? 13.546  -3.335  -10.524 1.00 9.68  ? 119 ASN A OD1 1 
ATOM   1005 N ND2 . ASN A 1 141 ? 14.380  -1.441  -11.387 1.00 9.48  ? 119 ASN A ND2 1 
ATOM   1006 N N   . ALA A 1 142 ? 11.576  -0.231  -10.086 1.00 8.75  ? 120 ALA A N   1 
ATOM   1007 C CA  . ALA A 1 142 ? 11.088  0.804   -10.979 1.00 8.48  ? 120 ALA A CA  1 
ATOM   1008 C C   . ALA A 1 142 ? 10.227  1.802   -10.273 1.00 9.45  ? 120 ALA A C   1 
ATOM   1009 O O   . ALA A 1 142 ? 9.993   2.917   -10.793 1.00 11.90 ? 120 ALA A O   1 
ATOM   1010 C CB  . ALA A 1 142 ? 10.359  0.228   -12.203 1.00 10.41 ? 120 ALA A CB  1 
ATOM   1011 N N   . ASN A 1 143 ? 9.715   1.501   -9.104  1.00 8.66  ? 121 ASN A N   1 
ATOM   1012 C CA  . ASN A 1 143 ? 8.777   2.360   -8.391  1.00 10.29 ? 121 ASN A CA  1 
ATOM   1013 C C   . ASN A 1 143 ? 9.547   3.373   -7.503  1.00 10.18 ? 121 ASN A C   1 
ATOM   1014 O O   . ASN A 1 143 ? 9.633   3.246   -6.315  1.00 10.28 ? 121 ASN A O   1 
ATOM   1015 C CB  . ASN A 1 143 ? 7.802   1.476   -7.533  1.00 11.03 ? 121 ASN A CB  1 
ATOM   1016 C CG  . ASN A 1 143 ? 6.745   2.238   -6.830  1.00 14.02 ? 121 ASN A CG  1 
ATOM   1017 O OD1 . ASN A 1 143 ? 6.594   3.459   -7.047  1.00 16.54 ? 121 ASN A OD1 1 
ATOM   1018 N ND2 . ASN A 1 143 ? 6.058   1.531   -5.922  1.00 16.34 ? 121 ASN A ND2 1 
ATOM   1019 N N   . ALA A 1 144 ? 10.107  4.370   -8.191  1.00 10.67 ? 122 ALA A N   1 
ATOM   1020 C CA  . ALA A 1 144 ? 10.869  5.439   -7.474  1.00 11.96 ? 122 ALA A CA  1 
ATOM   1021 C C   . ALA A 1 144 ? 10.060  6.167   -6.433  1.00 11.28 ? 122 ALA A C   1 
ATOM   1022 O O   . ALA A 1 144 ? 10.527  6.430   -5.360  1.00 11.44 ? 122 ALA A O   1 
ATOM   1023 C CB  . ALA A 1 144 ? 11.419  6.426   -8.478  1.00 13.37 ? 122 ALA A CB  1 
ATOM   1024 N N   . ALA A 1 145 ? 8.794   6.438   -6.745  1.00 12.58 ? 123 ALA A N   1 
ATOM   1025 C CA  . ALA A 1 145 ? 7.958   7.117   -5.804  1.00 13.42 ? 123 ALA A CA  1 
ATOM   1026 C C   . ALA A 1 145 ? 7.794   6.387   -4.512  1.00 11.68 ? 123 ALA A C   1 
ATOM   1027 O O   . ALA A 1 145 ? 7.851   6.946   -3.412  1.00 13.15 ? 123 ALA A O   1 
ATOM   1028 C CB  . ALA A 1 145 ? 6.587   7.446   -6.404  1.00 15.07 ? 123 ALA A CB  1 
ATOM   1029 N N   . GLY A 1 146 ? 7.622   5.072   -4.652  1.00 12.45 ? 124 GLY A N   1 
ATOM   1030 C CA  . GLY A 1 146 ? 7.517   4.186   -3.486  1.00 11.69 ? 124 GLY A CA  1 
ATOM   1031 C C   . GLY A 1 146 ? 8.817   4.177   -2.669  1.00 10.82 ? 124 GLY A C   1 
ATOM   1032 O O   . GLY A 1 146 ? 8.853   4.354   -1.483  1.00 11.37 ? 124 GLY A O   1 
ATOM   1033 N N   . LEU A 1 147 ? 9.937   4.014   -3.392  1.00 10.20 ? 125 LEU A N   1 
ATOM   1034 C CA  . LEU A 1 147 ? 11.221  3.949   -2.678  1.00 9.31  ? 125 LEU A CA  1 
ATOM   1035 C C   . LEU A 1 147 ? 11.477  5.222   -1.891  1.00 9.66  ? 125 LEU A C   1 
ATOM   1036 O O   . LEU A 1 147 ? 11.970  5.180   -0.776  1.00 10.12 ? 125 LEU A O   1 
ATOM   1037 C CB  . LEU A 1 147 ? 12.363  3.718   -3.695  1.00 9.41  ? 125 LEU A CB  1 
ATOM   1038 C CG  . LEU A 1 147 ? 12.360  2.346   -4.354  1.00 8.96  ? 125 LEU A CG  1 
ATOM   1039 C CD1 . LEU A 1 147 ? 13.339  2.374   -5.561  1.00 11.58 ? 125 LEU A CD1 1 
ATOM   1040 C CD2 . LEU A 1 147 ? 12.711  1.279   -3.392  1.00 11.99 ? 125 LEU A CD2 1 
ATOM   1041 N N   . LEU A 1 148 ? 11.183  6.374   -2.502  1.00 10.14 ? 126 LEU A N   1 
ATOM   1042 C CA  . LEU A 1 148 ? 11.358  7.655   -1.832  1.00 10.30 ? 126 LEU A CA  1 
ATOM   1043 C C   . LEU A 1 148 ? 10.390  7.870   -0.659  1.00 11.37 ? 126 LEU A C   1 
ATOM   1044 O O   . LEU A 1 148 ? 10.826  8.320   0.416   1.00 11.45 ? 126 LEU A O   1 
ATOM   1045 C CB  . LEU A 1 148 ? 11.275  8.786   -2.847  1.00 12.33 ? 126 LEU A CB  1 
ATOM   1046 C CG  . LEU A 1 148 ? 12.369  8.769   -3.898  1.00 11.99 ? 126 LEU A CG  1 
ATOM   1047 C CD1 . LEU A 1 148 ? 12.125  9.884   -4.938  1.00 14.37 ? 126 LEU A CD1 1 
ATOM   1048 C CD2 . LEU A 1 148 ? 13.718  8.828   -3.287  1.00 12.51 ? 126 LEU A CD2 1 
ATOM   1049 N N   . LEU A 1 149 ? 9.131   7.477   -0.844  1.00 11.96 ? 127 LEU A N   1 
ATOM   1050 C CA  . LEU A 1 149 ? 8.195   7.556   0.256   1.00 13.56 ? 127 LEU A CA  1 
ATOM   1051 C C   . LEU A 1 149 ? 8.633   6.702   1.454   1.00 11.99 ? 127 LEU A C   1 
ATOM   1052 O O   . LEU A 1 149 ? 8.675   7.152   2.574   1.00 12.74 ? 127 LEU A O   1 
ATOM   1053 C CB  . LEU A 1 149 ? 6.826   7.118   -0.203  1.00 14.44 ? 127 LEU A CB  1 
ATOM   1054 C CG  . LEU A 1 149 ? 5.868   7.147   1.057   1.00 18.22 ? 127 LEU A CG  1 
ATOM   1055 C CD1 . LEU A 1 149 ? 5.685   8.513   1.770   1.00 21.84 ? 127 LEU A CD1 1 
ATOM   1056 C CD2 . LEU A 1 149 ? 4.600   6.530   0.645   1.00 23.82 ? 127 LEU A CD2 1 
ATOM   1057 N N   . TYR A 1 150 ? 8.966   5.442   1.195   1.00 10.76 ? 128 TYR A N   1 
ATOM   1058 C CA  . TYR A 1 150 ? 9.343   4.577   2.292   1.00 11.11 ? 128 TYR A CA  1 
ATOM   1059 C C   . TYR A 1 150 ? 10.581  5.112   3.015   1.00 9.14  ? 128 TYR A C   1 
ATOM   1060 O O   . TYR A 1 150 ? 10.712  5.039   4.242   1.00 10.15 ? 128 TYR A O   1 
ATOM   1061 C CB  . TYR A 1 150 ? 9.438   3.087   1.852   1.00 11.58 ? 128 TYR A CB  1 
ATOM   1062 C CG  . TYR A 1 150 ? 8.182   2.526   1.109   1.00 12.52 ? 128 TYR A CG  1 
ATOM   1063 C CD1 . TYR A 1 150 ? 6.922   2.779   1.599   1.00 17.70 ? 128 TYR A CD1 1 
ATOM   1064 C CD2 . TYR A 1 150 ? 8.255   1.788   -0.099  1.00 12.86 ? 128 TYR A CD2 1 
ATOM   1065 C CE1 . TYR A 1 150 ? 5.777   2.276   0.942   1.00 18.92 ? 128 TYR A CE1 1 
ATOM   1066 C CE2 . TYR A 1 150 ? 7.118   1.366   -0.769  1.00 15.84 ? 128 TYR A CE2 1 
ATOM   1067 C CZ  . TYR A 1 150 ? 5.922   1.588   -0.236  1.00 18.45 ? 128 TYR A CZ  1 
ATOM   1068 O OH  . TYR A 1 150 ? 4.719   1.172   -0.824  1.00 22.62 ? 128 TYR A OH  1 
ATOM   1069 N N   . THR A 1 151 ? 11.520  5.642   2.238   1.00 11.07 ? 129 THR A N   1 
ATOM   1070 C CA  . THR A 1 151 ? 12.710  6.272   2.811   1.00 11.17 ? 129 THR A CA  1 
ATOM   1071 C C   . THR A 1 151 ? 12.358  7.452   3.733   1.00 12.47 ? 129 THR A C   1 
ATOM   1072 O O   . THR A 1 151 ? 12.867  7.570   4.853   1.00 13.03 ? 129 THR A O   1 
ATOM   1073 C CB  . THR A 1 151 ? 13.671  6.714   1.679   1.00 11.71 ? 129 THR A CB  1 
ATOM   1074 O OG1 . THR A 1 151 ? 14.103  5.555   0.965   1.00 10.78 ? 129 THR A OG1 1 
ATOM   1075 C CG2 . THR A 1 151 ? 14.907  7.372   2.251   1.00 11.99 ? 129 THR A CG2 1 
ATOM   1076 N N   . GLN A 1 152 ? 11.439  8.295   3.252   1.00 12.29 ? 130 GLN A N   1 
ATOM   1077 C CA  . GLN A 1 152 ? 10.976  9.442   4.049   1.00 14.80 ? 130 GLN A CA  1 
ATOM   1078 C C   . GLN A 1 152 ? 10.359  8.973   5.333   1.00 14.06 ? 130 GLN A C   1 
ATOM   1079 O O   . GLN A 1 152 ? 10.491  9.681   6.357   1.00 15.85 ? 130 GLN A O   1 
ATOM   1080 C CB  . GLN A 1 152 ? 9.979   10.283  3.254   1.00 15.85 ? 130 GLN A CB  1 
ATOM   1081 C CG  . GLN A 1 152 ? 10.596  11.115  2.193   1.00 19.08 ? 130 GLN A CG  1 
ATOM   1082 C CD  . GLN A 1 152 ? 9.527   11.728  1.276   1.00 25.32 ? 130 GLN A CD  1 
ATOM   1083 O OE1 . GLN A 1 152 ? 8.368   11.926  1.682   1.00 29.00 ? 130 GLN A OE1 1 
ATOM   1084 N NE2 . GLN A 1 152 ? 9.900   12.037  0.066   1.00 26.81 ? 130 GLN A NE2 1 
ATOM   1085 N N   . LEU A 1 153 ? 9.698   7.821   5.311   1.00 12.69 ? 131 LEU A N   1 
ATOM   1086 C CA  . LEU A 1 153 ? 9.039   7.314   6.504   1.00 12.59 ? 131 LEU A CA  1 
ATOM   1087 C C   . LEU A 1 153 ? 9.981   6.543   7.436   1.00 13.47 ? 131 LEU A C   1 
ATOM   1088 O O   . LEU A 1 153 ? 9.508   6.001   8.428   1.00 14.13 ? 131 LEU A O   1 
ATOM   1089 C CB  . LEU A 1 153 ? 7.844   6.481   6.122   1.00 13.02 ? 131 LEU A CB  1 
ATOM   1090 C CG  . LEU A 1 153 ? 6.775   7.238   5.369   1.00 15.02 ? 131 LEU A CG  1 
ATOM   1091 C CD1 . LEU A 1 153 ? 5.689   6.279   4.971   1.00 17.10 ? 131 LEU A CD1 1 
ATOM   1092 C CD2 . LEU A 1 153 ? 6.332   8.459   6.240   1.00 21.32 ? 131 LEU A CD2 1 
ATOM   1093 N N   . GLY A 1 154 ? 11.276  6.447   7.120   1.00 13.04 ? 132 GLY A N   1 
ATOM   1094 C CA  . GLY A 1 154 ? 12.217  5.823   8.072   1.00 14.00 ? 132 GLY A CA  1 
ATOM   1095 C C   . GLY A 1 154 ? 12.535  4.388   7.757   1.00 13.19 ? 132 GLY A C   1 
ATOM   1096 O O   . GLY A 1 154 ? 13.228  3.747   8.525   1.00 14.93 ? 132 GLY A O   1 
ATOM   1097 N N   . TYR A 1 155 ? 12.031  3.856   6.643   1.00 11.02 ? 133 TYR A N   1 
ATOM   1098 C CA  . TYR A 1 155 ? 12.414  2.519   6.186   1.00 10.19 ? 133 TYR A CA  1 
ATOM   1099 C C   . TYR A 1 155 ? 13.812  2.527   5.610   1.00 10.74 ? 133 TYR A C   1 
ATOM   1100 O O   . TYR A 1 155 ? 14.167  3.472   4.891   1.00 13.14 ? 133 TYR A O   1 
ATOM   1101 C CB  . TYR A 1 155 ? 11.380  1.922   5.207   1.00 10.04 ? 133 TYR A CB  1 
ATOM   1102 C CG  . TYR A 1 155 ? 10.031  1.663   5.862   1.00 9.78  ? 133 TYR A CG  1 
ATOM   1103 C CD1 . TYR A 1 155 ? 9.695   0.392   6.251   1.00 9.31  ? 133 TYR A CD1 1 
ATOM   1104 C CD2 . TYR A 1 155 ? 9.132   2.685   6.119   1.00 10.21 ? 133 TYR A CD2 1 
ATOM   1105 C CE1 . TYR A 1 155 ? 8.512   0.138   6.918   1.00 9.13  ? 133 TYR A CE1 1 
ATOM   1106 C CE2 . TYR A 1 155 ? 7.965   2.446   6.816   1.00 10.53 ? 133 TYR A CE2 1 
ATOM   1107 C CZ  . TYR A 1 155 ? 7.683   1.164   7.234   1.00 10.17 ? 133 TYR A CZ  1 
ATOM   1108 O OH  . TYR A 1 155 ? 6.522   0.922   7.960   1.00 12.16 ? 133 TYR A OH  1 
ATOM   1109 N N   . GLN A 1 156 ? 14.580  1.482   5.889   1.00 10.72 ? 134 GLN A N   1 
ATOM   1110 C CA  . GLN A 1 156 ? 15.943  1.348   5.379   1.00 11.79 ? 134 GLN A CA  1 
ATOM   1111 C C   . GLN A 1 156 ? 16.046  0.100   4.547   1.00 11.06 ? 134 GLN A C   1 
ATOM   1112 O O   . GLN A 1 156 ? 15.448  -0.931  4.863   1.00 10.39 ? 134 GLN A O   1 
ATOM   1113 C CB  . GLN A 1 156 ? 16.934  1.282   6.518   1.00 14.16 ? 134 GLN A CB  1 
ATOM   1114 C CG  . GLN A 1 156 ? 17.036  2.628   7.247   1.00 19.60 ? 134 GLN A CG  1 
ATOM   1115 C CD  . GLN A 1 156 ? 18.046  2.624   8.302   1.00 25.97 ? 134 GLN A CD  1 
ATOM   1116 O OE1 . GLN A 1 156 ? 17.778  2.192   9.430   1.00 28.64 ? 134 GLN A OE1 1 
ATOM   1117 N NE2 . GLN A 1 156 ? 19.224  3.111   7.983   1.00 28.17 ? 134 GLN A NE2 1 
ATOM   1118 N N   . PRO A 1 157 ? 16.845  0.143   3.485   1.00 9.71  ? 135 PRO A N   1 
ATOM   1119 C CA  . PRO A 1 157 ? 17.009  -1.041  2.661   1.00 9.63  ? 135 PRO A CA  1 
ATOM   1120 C C   . PRO A 1 157 ? 17.899  -2.082  3.321   1.00 10.87 ? 135 PRO A C   1 
ATOM   1121 O O   . PRO A 1 157 ? 18.942  -1.727  3.933   1.00 14.16 ? 135 PRO A O   1 
ATOM   1122 C CB  . PRO A 1 157 ? 17.650  -0.476  1.367   1.00 10.29 ? 135 PRO A CB  1 
ATOM   1123 C CG  . PRO A 1 157 ? 18.488  0.629   1.870   1.00 11.00 ? 135 PRO A CG  1 
ATOM   1124 C CD  . PRO A 1 157 ? 17.659  1.271   2.969   1.00 10.86 ? 135 PRO A CD  1 
ATOM   1125 N N   . ARG A 1 158 ? 17.524  -3.328  3.236   1.00 9.85  ? 136 ARG A N   1 
ATOM   1126 C CA  . ARG A 1 158 ? 18.243  -4.403  3.900   1.00 10.49 ? 136 ARG A CA  1 
ATOM   1127 C C   . ARG A 1 158 ? 18.782  -5.403  2.882   1.00 10.62 ? 136 ARG A C   1 
ATOM   1128 O O   . ARG A 1 158 ? 19.909  -5.896  3.046   1.00 11.98 ? 136 ARG A O   1 
ATOM   1129 C CB  . ARG A 1 158 ? 17.357  -5.141  4.878   1.00 11.25 ? 136 ARG A CB  1 
ATOM   1130 C CG  . ARG A 1 158 ? 16.878  -4.243  5.976   1.00 13.16 ? 136 ARG A CG  1 
ATOM   1131 C CD  . ARG A 1 158 ? 18.048  -3.730  6.833   1.00 16.64 ? 136 ARG A CD  1 
ATOM   1132 N NE  . ARG A 1 158 ? 17.633  -2.898  7.976   1.00 16.63 ? 136 ARG A NE  1 
ATOM   1133 C CZ  . ARG A 1 158 ? 18.483  -2.245  8.739   1.00 21.70 ? 136 ARG A CZ  1 
ATOM   1134 N NH1 . ARG A 1 158 ? 19.788  -2.349  8.509   1.00 22.96 ? 136 ARG A NH1 1 
ATOM   1135 N NH2 . ARG A 1 158 ? 18.022  -1.538  9.764   1.00 23.63 ? 136 ARG A NH2 1 
ATOM   1136 N N   . ALA A 1 159 ? 18.072  -5.679  1.797   1.00 10.22 ? 137 ALA A N   1 
ATOM   1137 C CA  . ALA A 1 159 ? 18.522  -6.625  0.791   1.00 9.14  ? 137 ALA A CA  1 
ATOM   1138 C C   . ALA A 1 159 ? 17.844  -6.313  -0.528  1.00 9.46  ? 137 ALA A C   1 
ATOM   1139 O O   . ALA A 1 159 ? 16.834  -5.594  -0.577  1.00 9.69  ? 137 ALA A O   1 
ATOM   1140 C CB  . ALA A 1 159 ? 18.254  -8.114  1.229   1.00 11.63 ? 137 ALA A CB  1 
ATOM   1141 N N   . ILE A 1 160 ? 18.370  -6.942  -1.573  1.00 9.45  ? 138 ILE A N   1 
ATOM   1142 C CA  . ILE A 1 160 ? 17.774  -6.889  -2.908  1.00 9.19  ? 138 ILE A CA  1 
ATOM   1143 C C   . ILE A 1 160 ? 17.649  -8.308  -3.378  1.00 10.46 ? 138 ILE A C   1 
ATOM   1144 O O   . ILE A 1 160 ? 18.623  -9.097  -3.289  1.00 12.34 ? 138 ILE A O   1 
ATOM   1145 C CB  . ILE A 1 160 ? 18.660  -6.075  -3.874  1.00 8.79  ? 138 ILE A CB  1 
ATOM   1146 C CG1 . ILE A 1 160 ? 18.876  -4.674  -3.350  1.00 10.43 ? 138 ILE A CG1 1 
ATOM   1147 C CG2 . ILE A 1 160 ? 18.036  -6.072  -5.306  1.00 11.63 ? 138 ILE A CG2 1 
ATOM   1148 C CD1 . ILE A 1 160 ? 19.714  -3.723  -4.248  1.00 12.09 ? 138 ILE A CD1 1 
ATOM   1149 N N   . ALA A 1 161 ? 16.468  -8.626  -3.872  1.00 10.10 ? 139 ALA A N   1 
ATOM   1150 C CA  . ALA A 1 161 ? 16.181  -9.967  -4.414  1.00 11.17 ? 139 ALA A CA  1 
ATOM   1151 C C   . ALA A 1 161 ? 15.780  -9.854  -5.871  1.00 11.45 ? 139 ALA A C   1 
ATOM   1152 O O   . ALA A 1 161 ? 15.110  -8.926  -6.290  1.00 12.23 ? 139 ALA A O   1 
ATOM   1153 C CB  . ALA A 1 161 ? 15.057  -10.605 -3.632  1.00 14.36 ? 139 ALA A CB  1 
ATOM   1154 N N   . GLU A 1 162 ? 16.190  -10.825 -6.663  1.00 11.58 ? 140 GLU A N   1 
ATOM   1155 C CA  . GLU A 1 162 ? 15.769  -10.937 -8.035  1.00 11.15 ? 140 GLU A CA  1 
ATOM   1156 C C   . GLU A 1 162 ? 14.352  -11.484 -8.136  1.00 11.42 ? 140 GLU A C   1 
ATOM   1157 O O   . GLU A 1 162 ? 14.071  -12.578 -7.573  1.00 14.95 ? 140 GLU A O   1 
ATOM   1158 C CB  . GLU A 1 162 ? 16.734  -11.835 -8.833  1.00 12.52 ? 140 GLU A CB  1 
ATOM   1159 C CG  . GLU A 1 162 ? 16.308  -12.018 -10.292 1.00 12.54 ? 140 GLU A CG  1 
ATOM   1160 C CD  . GLU A 1 162 ? 17.299  -12.723 -11.178 1.00 15.65 ? 140 GLU A CD  1 
ATOM   1161 O OE1 . GLU A 1 162 ? 16.818  -13.475 -12.018 1.00 17.82 ? 140 GLU A OE1 1 
ATOM   1162 O OE2 . GLU A 1 162 ? 18.503  -12.483 -11.085 1.00 17.99 ? 140 GLU A OE2 1 
ATOM   1163 N N   . ARG A 1 163 ? 13.470  -10.773 -8.833  1.00 10.25 ? 141 ARG A N   1 
ATOM   1164 C CA  . ARG A 1 163 ? 12.125  -11.272 -9.106  1.00 10.58 ? 141 ARG A CA  1 
ATOM   1165 C C   . ARG A 1 163 ? 11.799  -11.125 -10.587 1.00 11.59 ? 141 ARG A C   1 
ATOM   1166 O O   . ARG A 1 163 ? 12.445  -10.358 -11.302 1.00 13.07 ? 141 ARG A O   1 
ATOM   1167 C CB  . ARG A 1 163 ? 11.077  -10.577 -8.230  1.00 12.44 ? 141 ARG A CB  1 
ATOM   1168 C CG  . ARG A 1 163 ? 11.331  -10.780 -6.729  1.00 15.92 ? 141 ARG A CG  1 
ATOM   1169 C CD  . ARG A 1 163 ? 11.046  -12.228 -6.191  1.00 17.44 ? 141 ARG A CD  1 
ATOM   1170 N NE  . ARG A 1 163 ? 11.409  -12.465 -4.772  1.00 19.37 ? 141 ARG A NE  1 
ATOM   1171 C CZ  . ARG A 1 163 ? 12.546  -13.018 -4.380  1.00 16.55 ? 141 ARG A CZ  1 
ATOM   1172 N NH1 . ARG A 1 163 ? 13.446  -13.399 -5.278  1.00 22.16 ? 141 ARG A NH1 1 
ATOM   1173 N NH2 . ARG A 1 163 ? 12.790  -13.194 -3.089  1.00 25.70 ? 141 ARG A NH2 1 
ATOM   1174 N N   . HIS A 1 164 ? 10.804  -11.874 -11.045 1.00 13.30 ? 142 HIS A N   1 
ATOM   1175 C CA  . HIS A 1 164 ? 10.515  -11.971 -12.434 1.00 13.60 ? 142 HIS A CA  1 
ATOM   1176 C C   . HIS A 1 164 ? 9.129   -11.375 -12.714 1.00 15.70 ? 142 HIS A C   1 
ATOM   1177 O O   . HIS A 1 164 ? 8.178   -11.729 -11.948 1.00 17.40 ? 142 HIS A O   1 
ATOM   1178 C CB  . HIS A 1 164 ? 10.639  -13.473 -12.856 1.00 15.91 ? 142 HIS A CB  1 
ATOM   1179 C CG  . HIS A 1 164 ? 12.023  -14.064 -12.602 1.00 15.00 ? 142 HIS A CG  1 
ATOM   1180 N ND1 . HIS A 1 164 ? 12.259  -15.437 -12.477 1.00 19.71 ? 142 HIS A ND1 1 
ATOM   1181 C CD2 . HIS A 1 164 ? 13.232  -13.474 -12.498 1.00 16.16 ? 142 HIS A CD2 1 
ATOM   1182 C CE1 . HIS A 1 164 ? 13.553  -15.631 -12.293 1.00 20.73 ? 142 HIS A CE1 1 
ATOM   1183 N NE2 . HIS A 1 164 ? 14.162  -14.455 -12.284 1.00 18.51 ? 142 HIS A NE2 1 
ATOM   1184 N N   . ASP A 1 165 ? 9.053   -10.446 -13.638 1.00 13.22 ? 143 ASP A N   1 
ATOM   1185 C CA  . ASP A 1 165 ? 7.826   -9.731  -13.973 1.00 14.61 ? 143 ASP A CA  1 
ATOM   1186 C C   . ASP A 1 165 ? 6.946   -10.486 -14.944 1.00 16.26 ? 143 ASP A C   1 
ATOM   1187 O O   . ASP A 1 165 ? 7.338   -11.534 -15.431 1.00 15.94 ? 143 ASP A O   1 
ATOM   1188 C CB  . ASP A 1 165 ? 8.118   -8.282  -14.323 1.00 14.63 ? 143 ASP A CB  1 
ATOM   1189 C CG  . ASP A 1 165 ? 8.537   -8.028  -15.764 1.00 15.81 ? 143 ASP A CG  1 
ATOM   1190 O OD1 . ASP A 1 165 ? 8.495   -8.939  -16.658 1.00 13.38 ? 143 ASP A OD1 1 
ATOM   1191 O OD2 . ASP A 1 165 ? 8.966   -6.944  -16.092 1.00 17.25 ? 143 ASP A OD2 1 
ATOM   1192 N N   . PRO A 1 166 ? 5.765   -10.005 -15.274 1.00 16.24 ? 144 PRO A N   1 
ATOM   1193 C CA  . PRO A 1 166 ? 4.862   -10.808 -16.087 1.00 17.48 ? 144 PRO A CA  1 
ATOM   1194 C C   . PRO A 1 166 ? 5.365   -11.064 -17.487 1.00 17.29 ? 144 PRO A C   1 
ATOM   1195 O O   . PRO A 1 166 ? 4.867   -12.003 -18.161 1.00 19.65 ? 144 PRO A O   1 
ATOM   1196 C CB  . PRO A 1 166 ? 3.572   -9.947  -16.091 1.00 17.40 ? 144 PRO A CB  1 
ATOM   1197 C CG  . PRO A 1 166 ? 3.627   -9.235  -14.837 1.00 17.92 ? 144 PRO A CG  1 
ATOM   1198 C CD  . PRO A 1 166 ? 5.075   -8.869  -14.626 1.00 16.62 ? 144 PRO A CD  1 
ATOM   1199 N N   . ASP A 1 167 ? 6.333   -10.304 -17.996 1.00 15.33 ? 145 ASP A N   1 
ATOM   1200 C CA  . ASP A 1 167 ? 6.962   -10.495 -19.315 1.00 15.96 ? 145 ASP A CA  1 
ATOM   1201 C C   . ASP A 1 167 ? 8.187   -11.391 -19.213 1.00 14.52 ? 145 ASP A C   1 
ATOM   1202 O O   . ASP A 1 167 ? 8.911   -11.549 -20.201 1.00 15.51 ? 145 ASP A O   1 
ATOM   1203 C CB  . ASP A 1 167 ? 7.306   -9.165  -19.970 1.00 17.15 ? 145 ASP A CB  1 
ATOM   1204 C CG  . ASP A 1 167 ? 6.067   -8.278  -20.130 1.00 20.97 ? 145 ASP A CG  1 
ATOM   1205 O OD1 . ASP A 1 167 ? 5.236   -8.677  -20.949 1.00 24.64 ? 145 ASP A OD1 1 
ATOM   1206 O OD2 . ASP A 1 167 ? 5.942   -7.252  -19.428 1.00 23.39 ? 145 ASP A OD2 1 
ATOM   1207 N N   . GLY A 1 168 ? 8.419   -11.924 -18.029 1.00 14.15 ? 146 GLY A N   1 
ATOM   1208 C CA  . GLY A 1 168 ? 9.605   -12.743 -17.813 1.00 14.49 ? 146 GLY A CA  1 
ATOM   1209 C C   . GLY A 1 168 ? 10.846  -11.942 -17.720 1.00 14.41 ? 146 GLY A C   1 
ATOM   1210 O O   . GLY A 1 168 ? 11.920  -12.551 -17.779 1.00 15.38 ? 146 GLY A O   1 
ATOM   1211 N N   . ARG A 1 169 ? 10.793  -10.634 -17.483 1.00 13.29 ? 147 ARG A N   1 
ATOM   1212 C CA  . ARG A 1 169 ? 11.965  -9.847  -17.308 1.00 12.38 ? 147 ARG A CA  1 
ATOM   1213 C C   . ARG A 1 169 ? 12.385  -9.770  -15.842 1.00 12.15 ? 147 ARG A C   1 
ATOM   1214 O O   . ARG A 1 169 ? 11.547  -9.870  -14.910 1.00 13.15 ? 147 ARG A O   1 
ATOM   1215 C CB  . ARG A 1 169 ? 11.768  -8.442  -17.832 1.00 13.28 ? 147 ARG A CB  1 
ATOM   1216 C CG  . ARG A 1 169 ? 11.395  -8.386  -19.317 1.00 14.39 ? 147 ARG A CG  1 
ATOM   1217 C CD  . ARG A 1 169 ? 11.365  -6.964  -19.849 1.00 15.91 ? 147 ARG A CD  1 
ATOM   1218 N NE  . ARG A 1 169 ? 11.162  -6.956  -21.297 1.00 16.79 ? 147 ARG A NE  1 
ATOM   1219 C CZ  . ARG A 1 169 ? 10.035  -6.746  -21.933 1.00 18.54 ? 147 ARG A CZ  1 
ATOM   1220 N NH1 . ARG A 1 169 ? 8.936   -6.432  -21.265 1.00 21.01 ? 147 ARG A NH1 1 
ATOM   1221 N NH2 . ARG A 1 169 ? 10.038  -6.797  -23.261 1.00 20.06 ? 147 ARG A NH2 1 
ATOM   1222 N N   . ARG A 1 170 ? 13.680  -9.682  -15.609 1.00 11.12 ? 148 ARG A N   1 
ATOM   1223 C CA  . ARG A 1 170 ? 14.279  -9.691  -14.307 1.00 10.03 ? 148 ARG A CA  1 
ATOM   1224 C C   . ARG A 1 170 ? 14.231  -8.284  -13.708 1.00 11.66 ? 148 ARG A C   1 
ATOM   1225 O O   . ARG A 1 170 ? 14.718  -7.328  -14.312 1.00 13.85 ? 148 ARG A O   1 
ATOM   1226 C CB  . ARG A 1 170 ? 15.719  -10.230 -14.420 1.00 13.90 ? 148 ARG A CB  1 
ATOM   1227 C CG  . ARG A 1 170 ? 15.663  -11.693 -14.902 1.00 15.43 ? 148 ARG A CG  1 
ATOM   1228 C CD  . ARG A 1 170 ? 16.844  -12.344 -15.571 1.00 18.71 ? 148 ARG A CD  1 
ATOM   1229 N NE  . ARG A 1 170 ? 17.887  -12.420 -14.591 1.00 18.97 ? 148 ARG A NE  1 
ATOM   1230 C CZ  . ARG A 1 170 ? 19.199  -12.495 -14.847 1.00 19.34 ? 148 ARG A CZ  1 
ATOM   1231 N NH1 . ARG A 1 170 ? 20.022  -12.549 -13.804 1.00 22.63 ? 148 ARG A NH1 1 
ATOM   1232 N NH2 . ARG A 1 170 ? 19.681  -12.434 -16.090 1.00 20.67 ? 148 ARG A NH2 1 
ATOM   1233 N N   . VAL A 1 171 ? 13.628  -8.168  -12.524 1.00 9.41  ? 149 VAL A N   1 
ATOM   1234 C CA  . VAL A 1 171 ? 13.534  -6.940  -11.758 1.00 9.41  ? 149 VAL A CA  1 
ATOM   1235 C C   . VAL A 1 171 ? 14.185  -7.156  -10.417 1.00 8.46  ? 149 VAL A C   1 
ATOM   1236 O O   . VAL A 1 171 ? 14.464  -8.251  -9.976  1.00 9.46  ? 149 VAL A O   1 
ATOM   1237 C CB  . VAL A 1 171 ? 12.102  -6.450  -11.634 1.00 9.37  ? 149 VAL A CB  1 
ATOM   1238 C CG1 . VAL A 1 171 ? 11.511  -6.083  -12.985 1.00 11.59 ? 149 VAL A CG1 1 
ATOM   1239 C CG2 . VAL A 1 171 ? 11.190  -7.469  -10.900 1.00 11.58 ? 149 VAL A CG2 1 
ATOM   1240 N N   . ALA A 1 172 ? 14.441  -6.045  -9.730  1.00 8.64  ? 150 ALA A N   1 
ATOM   1241 C CA  . ALA A 1 172 ? 15.062  -6.026  -8.399  1.00 8.05  ? 150 ALA A CA  1 
ATOM   1242 C C   . ALA A 1 172 ? 14.076  -5.607  -7.356  1.00 9.85  ? 150 ALA A C   1 
ATOM   1243 O O   . ALA A 1 172 ? 13.492  -4.535  -7.434  1.00 11.53 ? 150 ALA A O   1 
ATOM   1244 C CB  . ALA A 1 172 ? 16.259  -5.126  -8.425  1.00 8.95  ? 150 ALA A CB  1 
ATOM   1245 N N   . LEU A 1 173 ? 13.825  -6.458  -6.380  1.00 8.84  ? 151 LEU A N   1 
ATOM   1246 C CA  . LEU A 1 173 ? 12.924  -6.155  -5.273  1.00 9.26  ? 151 LEU A CA  1 
ATOM   1247 C C   . LEU A 1 173 ? 13.750  -5.658  -4.121  1.00 9.12  ? 151 LEU A C   1 
ATOM   1248 O O   . LEU A 1 173 ? 14.624  -6.388  -3.604  1.00 10.41 ? 151 LEU A O   1 
ATOM   1249 C CB  . LEU A 1 173 ? 12.176  -7.422  -4.876  1.00 10.04 ? 151 LEU A CB  1 
ATOM   1250 C CG  . LEU A 1 173 ? 11.118  -7.193  -3.789  1.00 10.97 ? 151 LEU A CG  1 
ATOM   1251 C CD1 . LEU A 1 173 ? 9.965   -6.397  -4.231  1.00 10.15 ? 151 LEU A CD1 1 
ATOM   1252 C CD2 . LEU A 1 173 ? 10.688  -8.542  -3.193  1.00 13.99 ? 151 LEU A CD2 1 
ATOM   1253 N N   A ILE A 1 174 ? 13.501  -4.421  -3.708  0.50 8.30  ? 152 ILE A N   1 
ATOM   1254 N N   B ILE A 1 174 ? 13.524  -4.399  -3.736  0.50 7.85  ? 152 ILE A N   1 
ATOM   1255 C CA  A ILE A 1 174 ? 14.274  -3.800  -2.621  0.50 9.39  ? 152 ILE A CA  1 
ATOM   1256 C CA  B ILE A 1 174 ? 14.265  -3.745  -2.637  0.50 8.66  ? 152 ILE A CA  1 
ATOM   1257 C C   A ILE A 1 174 ? 13.529  -4.042  -1.343  0.50 8.29  ? 152 ILE A C   1 
ATOM   1258 C C   B ILE A 1 174 ? 13.528  -4.044  -1.351  0.50 7.81  ? 152 ILE A C   1 
ATOM   1259 O O   A ILE A 1 174 ? 12.393  -3.583  -1.164  0.50 9.01  ? 152 ILE A O   1 
ATOM   1260 O O   B ILE A 1 174 ? 12.388  -3.599  -1.168  0.50 8.46  ? 152 ILE A O   1 
ATOM   1261 C CB  A ILE A 1 174 ? 14.521  -2.313  -2.897  0.50 8.95  ? 152 ILE A CB  1 
ATOM   1262 C CB  B ILE A 1 174 ? 14.369  -2.202  -2.840  0.50 7.76  ? 152 ILE A CB  1 
ATOM   1263 C CG1 A ILE A 1 174 ? 15.340  -2.192  -4.204  0.50 11.44 ? 152 ILE A CG1 1 
ATOM   1264 C CG1 B ILE A 1 174 ? 14.777  -1.840  -4.304  0.50 8.42  ? 152 ILE A CG1 1 
ATOM   1265 C CG2 A ILE A 1 174 ? 15.198  -1.660  -1.708  0.50 9.89  ? 152 ILE A CG2 1 
ATOM   1266 C CG2 B ILE A 1 174 ? 15.309  -1.616  -1.816  0.50 9.25  ? 152 ILE A CG2 1 
ATOM   1267 C CD1 A ILE A 1 174 ? 15.192  -0.936  -4.951  0.50 16.23 ? 152 ILE A CD1 1 
ATOM   1268 C CD1 B ILE A 1 174 ? 16.026  -2.512  -4.756  0.50 9.49  ? 152 ILE A CD1 1 
ATOM   1269 N N   . GLN A 1 175 ? 14.121  -4.833  -0.466  1.00 8.37  ? 153 GLN A N   1 
ATOM   1270 C CA  . GLN A 1 175 ? 13.485  -5.286  0.785   1.00 8.16  ? 153 GLN A CA  1 
ATOM   1271 C C   . GLN A 1 175 ? 13.907  -4.347  1.865   1.00 8.92  ? 153 GLN A C   1 
ATOM   1272 O O   . GLN A 1 175 ? 15.094  -4.238  2.174   1.00 10.22 ? 153 GLN A O   1 
ATOM   1273 C CB  . GLN A 1 175 ? 13.897  -6.752  1.038   1.00 9.52  ? 153 GLN A CB  1 
ATOM   1274 C CG  . GLN A 1 175 ? 13.446  -7.686  -0.098  1.00 12.11 ? 153 GLN A CG  1 
ATOM   1275 C CD  . GLN A 1 175 ? 14.040  -9.058  -0.038  1.00 14.44 ? 153 GLN A CD  1 
ATOM   1276 O OE1 . GLN A 1 175 ? 15.261  -9.195  -0.019  1.00 19.19 ? 153 GLN A OE1 1 
ATOM   1277 N NE2 . GLN A 1 175 ? 13.182  -10.080 -0.104  1.00 17.31 ? 153 GLN A NE2 1 
ATOM   1278 N N   . MET A 1 176 ? 12.979  -3.652  2.466   1.00 9.95  ? 154 MET A N   1 
ATOM   1279 C CA  . MET A 1 176 ? 13.223  -2.613  3.453   1.00 10.12 ? 154 MET A CA  1 
ATOM   1280 C C   . MET A 1 176 ? 12.544  -2.941  4.767   1.00 10.54 ? 154 MET A C   1 
ATOM   1281 O O   . MET A 1 176 ? 11.610  -3.763  4.816   1.00 10.16 ? 154 MET A O   1 
ATOM   1282 C CB  . MET A 1 176 ? 12.686  -1.260  2.977   1.00 11.03 ? 154 MET A CB  1 
ATOM   1283 C CG  . MET A 1 176 ? 13.111  -0.906  1.556   1.00 10.65 ? 154 MET A CG  1 
ATOM   1284 S SD  . MET A 1 176 ? 12.430  0.607   0.857   1.00 13.73 ? 154 MET A SD  1 
ATOM   1285 C CE  . MET A 1 176 ? 13.377  1.781   1.798   1.00 14.73 ? 154 MET A CE  1 
ATOM   1286 N N   . ASP A 1 177 ? 12.943  -2.316  5.858   1.00 9.90  ? 155 ASP A N   1 
ATOM   1287 C CA  . ASP A 1 177 ? 12.258  -2.495  7.124   1.00 10.19 ? 155 ASP A CA  1 
ATOM   1288 C C   . ASP A 1 177 ? 12.429  -1.259  8.013   1.00 11.42 ? 155 ASP A C   1 
ATOM   1289 O O   . ASP A 1 177 ? 13.215  -0.377  7.721   1.00 10.77 ? 155 ASP A O   1 
ATOM   1290 C CB  . ASP A 1 177 ? 12.635  -3.817  7.789   1.00 10.98 ? 155 ASP A CB  1 
ATOM   1291 C CG  . ASP A 1 177 ? 14.058  -3.906  8.222   1.00 14.38 ? 155 ASP A CG  1 
ATOM   1292 O OD1 . ASP A 1 177 ? 14.771  -2.896  8.353   1.00 14.27 ? 155 ASP A OD1 1 
ATOM   1293 O OD2 . ASP A 1 177 ? 14.511  -5.102  8.414   1.00 17.95 ? 155 ASP A OD2 1 
ATOM   1294 N N   . LYS A 1 178 ? 11.669  -1.204  9.101   1.00 10.78 ? 156 LYS A N   1 
ATOM   1295 C CA  . LYS A 1 178 ? 11.704  -0.097  10.055  1.00 11.78 ? 156 LYS A CA  1 
ATOM   1296 C C   . LYS A 1 178 ? 11.322  -0.650  11.424  1.00 11.67 ? 156 LYS A C   1 
ATOM   1297 O O   . LYS A 1 178 ? 10.318  -1.352  11.529  1.00 12.11 ? 156 LYS A O   1 
ATOM   1298 C CB  . LYS A 1 178 ? 10.630  0.906   9.617   1.00 12.42 ? 156 LYS A CB  1 
ATOM   1299 C CG  . LYS A 1 178 ? 10.498  2.182   10.460  1.00 17.21 ? 156 LYS A CG  1 
ATOM   1300 C CD  . LYS A 1 178 ? 9.175   2.931   10.061  1.00 18.25 ? 156 LYS A CD  1 
ATOM   1301 C CE  . LYS A 1 178 ? 8.807   3.962   11.012  1.00 21.16 ? 156 LYS A CE  1 
ATOM   1302 N NZ  . LYS A 1 178 ? 7.811   4.792   10.310  1.00 20.74 ? 156 LYS A NZ  1 
ATOM   1303 N N   . PRO A 1 179 ? 12.024  -0.289  12.485  1.00 13.07 ? 157 PRO A N   1 
ATOM   1304 C CA  . PRO A 1 179 ? 11.552  -0.656  13.807  1.00 13.76 ? 157 PRO A CA  1 
ATOM   1305 C C   . PRO A 1 179 ? 10.312  0.161   14.199  1.00 13.41 ? 157 PRO A C   1 
ATOM   1306 O O   . PRO A 1 179 ? 10.189  1.354   13.855  1.00 14.80 ? 157 PRO A O   1 
ATOM   1307 C CB  . PRO A 1 179 ? 12.697  -0.261  14.714  1.00 15.43 ? 157 PRO A CB  1 
ATOM   1308 C CG  . PRO A 1 179 ? 13.548  0.624   13.919  1.00 20.25 ? 157 PRO A CG  1 
ATOM   1309 C CD  . PRO A 1 179 ? 13.233  0.546   12.523  1.00 15.45 ? 157 PRO A CD  1 
ATOM   1310 N N   . LEU A 1 180 ? 9.404   -0.463  14.942  1.00 15.11 ? 158 LEU A N   1 
ATOM   1311 C CA  . LEU A 1 180 ? 8.129   0.206   15.319  1.00 16.55 ? 158 LEU A CA  1 
ATOM   1312 C C   . LEU A 1 180 ? 8.102   0.877   16.693  1.00 22.78 ? 158 LEU A C   1 
ATOM   1313 O O   . LEU A 1 180 ? 7.272   1.780   16.918  1.00 25.73 ? 158 LEU A O   1 
ATOM   1314 C CB  . LEU A 1 180 ? 6.966   -0.824  15.162  1.00 15.17 ? 158 LEU A CB  1 
ATOM   1315 C CG  . LEU A 1 180 ? 6.775   -1.226  13.691  1.00 13.59 ? 158 LEU A CG  1 
ATOM   1316 C CD1 . LEU A 1 180 ? 5.623   -2.193  13.531  1.00 17.86 ? 158 LEU A CD1 1 
ATOM   1317 C CD2 . LEU A 1 180 ? 6.579   0.001   12.819  1.00 18.78 ? 158 LEU A CD2 1 
ATOM   1318 N N   . GLU A 1 181 ? 8.938   0.426   17.606  1.00 26.84 ? 159 GLU A N   1 
ATOM   1319 C CA  . GLU A 1 181 ? 9.161   1.132   18.919  1.00 32.44 ? 159 GLU A CA  1 
ATOM   1320 C C   . GLU A 1 181 ? 8.453   0.415   20.085  1.00 34.30 ? 159 GLU A C   1 
ATOM   1321 O O   . GLU A 1 181 ? 8.557   0.795   21.283  1.00 39.53 ? 159 GLU A O   1 
ATOM   1322 C CB  . GLU A 1 181 ? 8.722   2.615   18.861  1.00 36.15 ? 159 GLU A CB  1 
ATOM   1323 C CG  . GLU A 1 181 ? 9.454   3.455   17.849  1.00 37.07 ? 159 GLU A CG  1 
ATOM   1324 C CD  . GLU A 1 181 ? 10.462  4.452   18.411  1.00 45.29 ? 159 GLU A CD  1 
ATOM   1325 O OE1 . GLU A 1 181 ? 10.228  5.052   19.488  1.00 52.24 ? 159 GLU A OE1 1 
ATOM   1326 O OE2 . GLU A 1 181 ? 11.489  4.663   17.722  1.00 48.96 ? 159 GLU A OE2 1 
HETATM 1327 S S   . SO4 B 2 .   ? 9.544   -12.472 -1.350  0.50 13.50 ? 161 SO4 A S   1 
HETATM 1328 O O1  . SO4 B 2 .   ? 10.971  -12.532 -1.019  0.50 16.68 ? 161 SO4 A O1  1 
HETATM 1329 O O2  . SO4 B 2 .   ? 9.422   -12.350 -2.855  0.50 12.44 ? 161 SO4 A O2  1 
HETATM 1330 O O3  . SO4 B 2 .   ? 8.951   -11.304 -0.769  0.50 14.29 ? 161 SO4 A O3  1 
HETATM 1331 O O4  . SO4 B 2 .   ? 8.852   -13.656 -0.918  0.50 15.42 ? 161 SO4 A O4  1 
HETATM 1332 S S   . SO4 C 2 .   ? 1.701   9.677   -0.657  1.00 14.07 ? 162 SO4 A S   1 
HETATM 1333 O O1  . SO4 C 2 .   ? 2.876   9.032   -1.266  1.00 15.34 ? 162 SO4 A O1  1 
HETATM 1334 O O2  . SO4 C 2 .   ? 1.748   9.624   0.795   1.00 13.93 ? 162 SO4 A O2  1 
HETATM 1335 O O3  . SO4 C 2 .   ? 1.564   11.118  -1.126  1.00 14.28 ? 162 SO4 A O3  1 
HETATM 1336 O O4  . SO4 C 2 .   ? 0.472   8.937   -1.130  1.00 13.55 ? 162 SO4 A O4  1 
HETATM 1337 C C1  . EDO D 3 .   ? -1.973  2.130   -7.364  1.00 27.01 ? 163 EDO A C1  1 
HETATM 1338 O O1  . EDO D 3 .   ? -1.475  2.970   -6.285  1.00 21.76 ? 163 EDO A O1  1 
HETATM 1339 C C2  . EDO D 3 .   ? -1.275  0.769   -7.392  1.00 30.04 ? 163 EDO A C2  1 
HETATM 1340 O O2  . EDO D 3 .   ? 0.156   0.927   -7.585  1.00 33.10 ? 163 EDO A O2  1 
HETATM 1341 C C1  . EDO E 3 .   ? 5.186   -10.410 22.689  1.00 21.61 ? 164 EDO A C1  1 
HETATM 1342 O O1  . EDO E 3 .   ? 5.005   -8.999  22.884  1.00 16.88 ? 164 EDO A O1  1 
HETATM 1343 C C2  . EDO E 3 .   ? 3.984   -11.064 22.020  1.00 24.99 ? 164 EDO A C2  1 
HETATM 1344 O O2  . EDO E 3 .   ? 2.877   -11.077 22.938  1.00 31.61 ? 164 EDO A O2  1 
HETATM 1345 C C1  . EDO F 3 .   ? 13.493  11.975  -0.045  1.00 35.24 ? 165 EDO A C1  1 
HETATM 1346 O O1  . EDO F 3 .   ? 12.443  11.689  -0.949  1.00 29.09 ? 165 EDO A O1  1 
HETATM 1347 C C2  . EDO F 3 .   ? 14.073  10.635  0.381   1.00 35.67 ? 165 EDO A C2  1 
HETATM 1348 O O2  . EDO F 3 .   ? 15.127  10.890  1.319   1.00 39.14 ? 165 EDO A O2  1 
HETATM 1349 C C1  . EDO G 3 .   ? 0.955   -16.014 6.657   1.00 37.02 ? 166 EDO A C1  1 
HETATM 1350 O O1  . EDO G 3 .   ? 1.231   -17.422 6.695   1.00 40.69 ? 166 EDO A O1  1 
HETATM 1351 C C2  . EDO G 3 .   ? 1.507   -15.379 7.922   1.00 34.93 ? 166 EDO A C2  1 
HETATM 1352 O O2  . EDO G 3 .   ? 2.664   -14.561 7.665   1.00 28.34 ? 166 EDO A O2  1 
HETATM 1353 C C1  . EDO H 3 .   ? -16.881 5.072   -3.082  1.00 22.14 ? 167 EDO A C1  1 
HETATM 1354 O O1  . EDO H 3 .   ? -16.309 3.726   -2.974  1.00 19.58 ? 167 EDO A O1  1 
HETATM 1355 C C2  . EDO H 3 .   ? -16.044 6.079   -2.290  1.00 20.88 ? 167 EDO A C2  1 
HETATM 1356 O O2  . EDO H 3 .   ? -14.838 6.351   -2.986  1.00 18.76 ? 167 EDO A O2  1 
HETATM 1357 C C1  . EDO I 3 .   ? -2.473  -15.903 13.239  1.00 53.11 ? 168 EDO A C1  1 
HETATM 1358 O O1  . EDO I 3 .   ? -3.351  -14.774 13.242  1.00 53.05 ? 168 EDO A O1  1 
HETATM 1359 C C2  . EDO I 3 .   ? -2.815  -16.778 12.045  1.00 53.62 ? 168 EDO A C2  1 
HETATM 1360 O O2  . EDO I 3 .   ? -3.538  -16.023 11.062  1.00 52.92 ? 168 EDO A O2  1 
HETATM 1361 C C1  . EDO J 3 .   ? -0.062  -8.761  -15.397 1.00 24.80 ? 169 EDO A C1  1 
HETATM 1362 O O1  . EDO J 3 .   ? 0.550   -7.767  -16.175 1.00 28.96 ? 169 EDO A O1  1 
HETATM 1363 C C2  . EDO J 3 .   ? -0.247  -10.067 -16.155 1.00 28.16 ? 169 EDO A C2  1 
HETATM 1364 O O2  . EDO J 3 .   ? -1.429  -9.925  -16.925 1.00 27.19 ? 169 EDO A O2  1 
HETATM 1365 C C1  . EDO K 3 .   ? -2.717  -12.389 -2.863  1.00 26.74 ? 170 EDO A C1  1 
HETATM 1366 O O1  . EDO K 3 .   ? -2.586  -12.495 -1.427  1.00 24.68 ? 170 EDO A O1  1 
HETATM 1367 C C2  . EDO K 3 .   ? -1.521  -13.013 -3.593  1.00 28.58 ? 170 EDO A C2  1 
HETATM 1368 O O2  . EDO K 3 .   ? -0.343  -12.241 -3.369  1.00 27.81 ? 170 EDO A O2  1 
HETATM 1369 C C1  . EDO L 3 .   ? 5.789   -4.407  -14.622 1.00 29.93 ? 171 EDO A C1  1 
HETATM 1370 O O1  . EDO L 3 .   ? 4.730   -4.462  -15.590 1.00 32.45 ? 171 EDO A O1  1 
HETATM 1371 C C2  . EDO L 3 .   ? 7.147   -4.354  -15.316 1.00 29.68 ? 171 EDO A C2  1 
HETATM 1372 O O2  . EDO L 3 .   ? 8.149   -4.909  -14.459 1.00 25.65 ? 171 EDO A O2  1 
HETATM 1373 C C1  . EDO M 3 .   ? -11.374 3.012   -14.316 1.00 36.98 ? 172 EDO A C1  1 
HETATM 1374 O O1  . EDO M 3 .   ? -11.743 4.358   -14.660 1.00 40.87 ? 172 EDO A O1  1 
HETATM 1375 C C2  . EDO M 3 .   ? -10.036 3.017   -13.588 1.00 35.70 ? 172 EDO A C2  1 
HETATM 1376 O O2  . EDO M 3 .   ? -9.210  4.009   -14.190 1.00 37.36 ? 172 EDO A O2  1 
HETATM 1377 C C1  . EDO N 3 .   ? -16.980 3.920   -7.436  1.00 47.95 ? 173 EDO A C1  1 
HETATM 1378 O O1  . EDO N 3 .   ? -15.924 4.774   -6.972  1.00 46.90 ? 173 EDO A O1  1 
HETATM 1379 C C2  . EDO N 3 .   ? -16.388 2.617   -7.972  1.00 46.93 ? 173 EDO A C2  1 
HETATM 1380 O O2  . EDO N 3 .   ? -16.989 2.186   -9.207  1.00 48.23 ? 173 EDO A O2  1 
HETATM 1381 C C1  . EDO O 3 .   ? 2.665   3.410   -2.590  1.00 34.03 ? 174 EDO A C1  1 
HETATM 1382 O O1  . EDO O 3 .   ? 1.768   4.387   -3.102  1.00 35.29 ? 174 EDO A O1  1 
HETATM 1383 C C2  . EDO O 3 .   ? 3.946   3.500   -3.409  1.00 31.61 ? 174 EDO A C2  1 
HETATM 1384 O O2  . EDO O 3 .   ? 3.681   3.127   -4.771  1.00 31.12 ? 174 EDO A O2  1 
HETATM 1385 C C1  . EDO P 3 .   ? 3.355   -8.654  -2.370  1.00 22.39 ? 175 EDO A C1  1 
HETATM 1386 O O1  . EDO P 3 .   ? 2.635   -9.799  -2.871  1.00 25.38 ? 175 EDO A O1  1 
HETATM 1387 C C2  . EDO P 3 .   ? 2.516   -7.792  -1.437  1.00 21.39 ? 175 EDO A C2  1 
HETATM 1388 O O2  . EDO P 3 .   ? 1.483   -7.112  -2.183  1.00 16.14 ? 175 EDO A O2  1 
HETATM 1389 C C1  . EDO Q 3 .   ? 4.800   -2.112  -1.896  1.00 21.93 ? 176 EDO A C1  1 
HETATM 1390 O O1  . EDO Q 3 .   ? 4.622   -0.834  -2.621  1.00 25.69 ? 176 EDO A O1  1 
HETATM 1391 C C2  . EDO Q 3 .   ? 3.634   -2.402  -0.931  1.00 22.44 ? 176 EDO A C2  1 
HETATM 1392 O O2  . EDO Q 3 .   ? 2.407   -2.697  -1.654  1.00 17.22 ? 176 EDO A O2  1 
HETATM 1393 C C1  . EDO R 3 .   ? -2.548  8.011   -12.983 1.00 37.42 ? 177 EDO A C1  1 
HETATM 1394 O O1  . EDO R 3 .   ? -3.308  7.581   -14.112 1.00 39.55 ? 177 EDO A O1  1 
HETATM 1395 C C2  . EDO R 3 .   ? -1.559  6.930   -12.575 1.00 37.12 ? 177 EDO A C2  1 
HETATM 1396 O O2  . EDO R 3 .   ? -0.770  6.445   -13.664 1.00 36.24 ? 177 EDO A O2  1 
HETATM 1397 C C1  . EDO S 3 .   ? -8.369  -9.494  8.571   1.00 28.05 ? 178 EDO A C1  1 
HETATM 1398 O O1  . EDO S 3 .   ? -8.288  -9.154  9.953   1.00 29.32 ? 178 EDO A O1  1 
HETATM 1399 C C2  . EDO S 3 .   ? -9.244  -8.436  7.896   1.00 28.68 ? 178 EDO A C2  1 
HETATM 1400 O O2  . EDO S 3 .   ? -8.822  -7.961  6.589   1.00 22.55 ? 178 EDO A O2  1 
HETATM 1401 C C1  . EDO T 3 .   ? -17.850 -4.418  -4.911  1.00 23.39 ? 179 EDO A C1  1 
HETATM 1402 O O1  . EDO T 3 .   ? -17.529 -3.105  -4.608  1.00 13.20 ? 179 EDO A O1  1 
HETATM 1403 C C2  . EDO T 3 .   ? -19.064 -4.480  -5.773  1.00 27.55 ? 179 EDO A C2  1 
HETATM 1404 O O2  . EDO T 3 .   ? -18.458 -5.260  -6.785  1.00 28.93 ? 179 EDO A O2  1 
HETATM 1405 O O   . HOH U 4 .   ? 0.921   2.155   18.471  1.00 39.48 ? 180 HOH A O   1 
HETATM 1406 O O   . HOH U 4 .   ? 11.120  -3.189  -18.186 1.00 50.63 ? 181 HOH A O   1 
HETATM 1407 O O   . HOH U 4 .   ? 0.202   10.567  -10.801 1.00 22.67 ? 182 HOH A O   1 
HETATM 1408 O O   . HOH U 4 .   ? 15.529  -7.374  12.220  1.00 34.11 ? 183 HOH A O   1 
HETATM 1409 O O   . HOH U 4 .   ? -5.857  13.420  8.841   1.00 45.97 ? 184 HOH A O   1 
HETATM 1410 O O   . HOH U 4 .   ? -21.595 -3.319  -2.503  1.00 35.11 ? 185 HOH A O   1 
HETATM 1411 O O   . HOH U 4 .   ? 12.850  -3.147  17.042  1.00 35.75 ? 186 HOH A O   1 
HETATM 1412 O O   . HOH U 4 .   ? 11.527  3.867   13.695  1.00 38.24 ? 187 HOH A O   1 
HETATM 1413 O O   . HOH U 4 .   ? 9.749   -4.578  -26.293 1.00 50.69 ? 188 HOH A O   1 
HETATM 1414 O O   . HOH U 4 .   ? -7.089  5.260   15.164  1.00 53.14 ? 189 HOH A O   1 
HETATM 1415 O O   . HOH U 4 .   ? -19.029 -3.895  -8.813  1.00 40.49 ? 190 HOH A O   1 
HETATM 1416 O O   . HOH U 4 .   ? -4.791  -15.178 -4.739  1.00 51.66 ? 191 HOH A O   1 
HETATM 1417 O O   . HOH U 4 .   ? -17.847 -6.010  3.956   1.00 24.34 ? 192 HOH A O   1 
HETATM 1418 O O   . HOH U 4 .   ? -19.820 -4.926  4.133   0.50 32.00 ? 193 HOH A O   1 
HETATM 1419 O O   . HOH U 4 .   ? -22.283 -1.157  -3.542  0.50 23.67 ? 194 HOH A O   1 
HETATM 1420 O O   . HOH U 4 .   ? -21.753 -0.633  -1.867  0.50 25.39 ? 195 HOH A O   1 
HETATM 1421 O O   . HOH U 4 .   ? -18.263 0.265   1.734   0.50 16.42 ? 196 HOH A O   1 
HETATM 1422 O O   . HOH U 4 .   ? -19.822 -0.419  2.315   0.50 15.13 ? 197 HOH A O   1 
HETATM 1423 O O   . HOH U 4 .   ? -9.329  0.551   10.455  1.00 22.41 ? 198 HOH A O   1 
HETATM 1424 O O   . HOH U 4 .   ? -8.766  -1.963  9.423   1.00 25.63 ? 199 HOH A O   1 
HETATM 1425 O O   . HOH U 4 .   ? -13.893 6.116   8.352   1.00 49.11 ? 200 HOH A O   1 
HETATM 1426 O O   . HOH U 4 .   ? 12.954  -7.639  4.572   1.00 36.58 ? 201 HOH A O   1 
HETATM 1427 O O   . HOH U 4 .   ? 13.603  -7.314  7.218   1.00 24.78 ? 202 HOH A O   1 
HETATM 1428 O O   . HOH U 4 .   ? 3.224   13.172  0.312   1.00 37.18 ? 203 HOH A O   1 
HETATM 1429 O O   . HOH U 4 .   ? -1.149  -13.678 14.553  1.00 43.63 ? 204 HOH A O   1 
HETATM 1430 O O   . HOH U 4 .   ? 10.821  -2.912  -11.010 1.00 11.89 ? 205 HOH A O   1 
HETATM 1431 O O   . HOH U 4 .   ? -7.091  -3.293  -14.630 1.00 13.06 ? 206 HOH A O   1 
HETATM 1432 O O   . HOH U 4 .   ? 15.725  4.013   2.668   1.00 12.60 ? 207 HOH A O   1 
HETATM 1433 O O   . HOH U 4 .   ? 0.576   -7.963  -11.464 1.00 13.60 ? 208 HOH A O   1 
HETATM 1434 O O   . HOH U 4 .   ? -7.286  -8.833  4.585   1.00 14.55 ? 209 HOH A O   1 
HETATM 1435 O O   . HOH U 4 .   ? 6.545   -1.851  -5.343  1.00 14.86 ? 210 HOH A O   1 
HETATM 1436 O O   . HOH U 4 .   ? 21.096  -7.939  -0.879  1.00 13.31 ? 211 HOH A O   1 
HETATM 1437 O O   . HOH U 4 .   ? 0.401   8.707   -3.879  1.00 16.03 ? 212 HOH A O   1 
HETATM 1438 O O   . HOH U 4 .   ? -20.160 -3.247  1.837   1.00 16.44 ? 213 HOH A O   1 
HETATM 1439 O O   . HOH U 4 .   ? 5.888   -5.234  0.925   1.00 16.15 ? 214 HOH A O   1 
HETATM 1440 O O   . HOH U 4 .   ? -1.610  10.571  -1.740  1.00 13.85 ? 215 HOH A O   1 
HETATM 1441 O O   . HOH U 4 .   ? 14.543  -12.598 -18.383 1.00 13.47 ? 216 HOH A O   1 
HETATM 1442 O O   . HOH U 4 .   ? 15.429  -9.776  -17.951 1.00 16.72 ? 217 HOH A O   1 
HETATM 1443 O O   . HOH U 4 .   ? -9.092  8.792   -8.606  1.00 21.48 ? 218 HOH A O   1 
HETATM 1444 O O   . HOH U 4 .   ? -0.930  8.028   9.987   1.00 20.61 ? 219 HOH A O   1 
HETATM 1445 O O   . HOH U 4 .   ? -14.491 -9.521  -10.562 1.00 23.80 ? 220 HOH A O   1 
HETATM 1446 O O   . HOH U 4 .   ? -11.584 3.810   -8.625  1.00 20.20 ? 221 HOH A O   1 
HETATM 1447 O O   . HOH U 4 .   ? -10.318 7.291   11.401  1.00 22.82 ? 222 HOH A O   1 
HETATM 1448 O O   . HOH U 4 .   ? 0.509   -6.442  -13.842 1.00 16.61 ? 223 HOH A O   1 
HETATM 1449 O O   . HOH U 4 .   ? 7.742   6.322   -9.528  1.00 22.09 ? 224 HOH A O   1 
HETATM 1450 O O   . HOH U 4 .   ? -14.094 -6.346  -11.470 1.00 18.49 ? 225 HOH A O   1 
HETATM 1451 O O   . HOH U 4 .   ? -13.360 -0.237  -10.689 1.00 22.54 ? 226 HOH A O   1 
HETATM 1452 O O   . HOH U 4 .   ? -11.872 7.266   -5.156  1.00 19.33 ? 227 HOH A O   1 
HETATM 1453 O O   . HOH U 4 .   ? 20.496  -0.098  5.548   1.00 21.07 ? 228 HOH A O   1 
HETATM 1454 O O   . HOH U 4 .   ? 1.073   -10.542 -4.984  1.00 22.87 ? 229 HOH A O   1 
HETATM 1455 O O   . HOH U 4 .   ? 8.234   -6.019  -18.523 1.00 21.17 ? 230 HOH A O   1 
HETATM 1456 O O   . HOH U 4 .   ? 9.611   -2.891  -13.551 1.00 20.84 ? 231 HOH A O   1 
HETATM 1457 O O   . HOH U 4 .   ? -15.463 -0.953  8.051   1.00 18.41 ? 232 HOH A O   1 
HETATM 1458 O O   . HOH U 4 .   ? 14.809  1.915   9.750   1.00 21.03 ? 233 HOH A O   1 
HETATM 1459 O O   . HOH U 4 .   ? -0.688  -1.415  -19.069 1.00 21.01 ? 234 HOH A O   1 
HETATM 1460 O O   . HOH U 4 .   ? 10.286  -9.437  0.328   1.00 20.35 ? 235 HOH A O   1 
HETATM 1461 O O   . HOH U 4 .   ? -12.644 -11.442 0.393   1.00 20.38 ? 236 HOH A O   1 
HETATM 1462 O O   . HOH U 4 .   ? -18.530 11.926  -1.657  1.00 24.85 ? 237 HOH A O   1 
HETATM 1463 O O   . HOH U 4 .   ? 5.102   6.462   9.594   1.00 28.41 ? 238 HOH A O   1 
HETATM 1464 O O   . HOH U 4 .   ? 3.142   7.979   8.404   1.00 21.71 ? 239 HOH A O   1 
HETATM 1465 O O   . HOH U 4 .   ? 19.541  3.928   5.295   1.00 19.48 ? 240 HOH A O   1 
HETATM 1466 O O   . HOH U 4 .   ? 5.509   -5.403  -1.760  1.00 20.95 ? 241 HOH A O   1 
HETATM 1467 O O   . HOH U 4 .   ? -22.195 -3.599  -0.076  1.00 24.77 ? 242 HOH A O   1 
HETATM 1468 O O   . HOH U 4 .   ? 15.218  -0.900  10.105  1.00 23.27 ? 243 HOH A O   1 
HETATM 1469 O O   . HOH U 4 .   ? 2.725   6.926   -2.826  1.00 21.72 ? 244 HOH A O   1 
HETATM 1470 O O   . HOH U 4 .   ? 9.522   -12.182 5.668   1.00 24.90 ? 245 HOH A O   1 
HETATM 1471 O O   . HOH U 4 .   ? 3.220   -5.041  -3.170  1.00 16.65 ? 246 HOH A O   1 
HETATM 1472 O O   . HOH U 4 .   ? 11.131  -5.021  -16.436 1.00 26.61 ? 247 HOH A O   1 
HETATM 1473 O O   . HOH U 4 .   ? -4.322  1.563   13.387  1.00 23.93 ? 248 HOH A O   1 
HETATM 1474 O O   . HOH U 4 .   ? 17.793  -12.987 -5.574  1.00 22.86 ? 249 HOH A O   1 
HETATM 1475 O O   . HOH U 4 .   ? -5.659  -7.270  11.400  1.00 30.41 ? 250 HOH A O   1 
HETATM 1476 O O   . HOH U 4 .   ? 11.031  -1.822  17.780  1.00 24.54 ? 251 HOH A O   1 
HETATM 1477 O O   . HOH U 4 .   ? 3.426   -14.293 -18.029 1.00 22.95 ? 252 HOH A O   1 
HETATM 1478 O O   . HOH U 4 .   ? 1.172   8.280   -9.519  1.00 24.60 ? 253 HOH A O   1 
HETATM 1479 O O   . HOH U 4 .   ? 21.543  -4.050  6.778   1.00 24.44 ? 254 HOH A O   1 
HETATM 1480 O O   . HOH U 4 .   ? -12.751 11.358  6.257   1.00 24.13 ? 255 HOH A O   1 
HETATM 1481 O O   . HOH U 4 .   ? 7.387   9.722   -3.282  1.00 27.69 ? 256 HOH A O   1 
HETATM 1482 O O   . HOH U 4 .   ? -12.451 -13.902 -5.277  1.00 25.78 ? 257 HOH A O   1 
HETATM 1483 O O   . HOH U 4 .   ? -6.482  15.816  -7.825  1.00 29.39 ? 258 HOH A O   1 
HETATM 1484 O O   . HOH U 4 .   ? -0.448  12.309  5.332   1.00 25.43 ? 259 HOH A O   1 
HETATM 1485 O O   . HOH U 4 .   ? 14.856  6.002   5.928   1.00 23.01 ? 260 HOH A O   1 
HETATM 1486 O O   . HOH U 4 .   ? 11.286  -8.196  14.807  1.00 25.09 ? 261 HOH A O   1 
HETATM 1487 O O   . HOH U 4 .   ? 11.368  3.445   -13.348 1.00 29.85 ? 262 HOH A O   1 
HETATM 1488 O O   . HOH U 4 .   ? -3.889  4.612   13.823  1.00 33.27 ? 263 HOH A O   1 
HETATM 1489 O O   . HOH U 4 .   ? 2.339   -0.477  -4.017  1.00 24.69 ? 264 HOH A O   1 
HETATM 1490 O O   . HOH U 4 .   ? -8.804  -12.174 5.874   1.00 27.05 ? 265 HOH A O   1 
HETATM 1491 O O   . HOH U 4 .   ? -14.653 7.435   -5.381  1.00 24.76 ? 266 HOH A O   1 
HETATM 1492 O O   . HOH U 4 .   ? 12.285  -10.398 12.722  1.00 30.28 ? 267 HOH A O   1 
HETATM 1493 O O   . HOH U 4 .   ? -2.673  14.619  -7.355  1.00 35.59 ? 268 HOH A O   1 
HETATM 1494 O O   . HOH U 4 .   ? 13.404  -2.035  -14.140 1.00 24.95 ? 269 HOH A O   1 
HETATM 1495 O O   . HOH U 4 .   ? 1.205   -14.734 14.059  1.00 27.26 ? 270 HOH A O   1 
HETATM 1496 O O   . HOH U 4 .   ? -12.444 -14.478 -2.586  1.00 30.10 ? 271 HOH A O   1 
HETATM 1497 O O   . HOH U 4 .   ? 2.608   5.054   -12.317 1.00 28.22 ? 272 HOH A O   1 
HETATM 1498 O O   . HOH U 4 .   ? -3.180  0.586   -19.225 1.00 31.85 ? 273 HOH A O   1 
HETATM 1499 O O   . HOH U 4 .   ? -4.459  -12.688 12.272  1.00 33.09 ? 274 HOH A O   1 
HETATM 1500 O O   . HOH U 4 .   ? 8.216   -15.306 13.483  1.00 30.88 ? 275 HOH A O   1 
HETATM 1501 O O   . HOH U 4 .   ? 2.480   -0.409  -17.723 1.00 31.94 ? 276 HOH A O   1 
HETATM 1502 O O   . HOH U 4 .   ? 0.896   -13.902 -16.522 1.00 35.90 ? 277 HOH A O   1 
HETATM 1503 O O   . HOH U 4 .   ? 11.141  -6.283  3.327   1.00 20.12 ? 278 HOH A O   1 
HETATM 1504 O O   . HOH U 4 .   ? -12.555 14.394  4.967   1.00 28.95 ? 279 HOH A O   1 
HETATM 1505 O O   . HOH U 4 .   ? -4.764  -10.795 16.174  1.00 47.95 ? 280 HOH A O   1 
HETATM 1506 O O   . HOH U 4 .   ? 14.931  -5.878  -18.608 1.00 30.05 ? 281 HOH A O   1 
HETATM 1507 O O   . HOH U 4 .   ? -10.664 0.898   12.604  1.00 31.09 ? 282 HOH A O   1 
HETATM 1508 O O   . HOH U 4 .   ? -11.575 -6.652  -15.035 1.00 24.91 ? 283 HOH A O   1 
HETATM 1509 O O   . HOH U 4 .   ? 20.937  -0.625  11.406  1.00 51.96 ? 284 HOH A O   1 
HETATM 1510 O O   . HOH U 4 .   ? 7.783   -1.026  -13.929 1.00 30.94 ? 285 HOH A O   1 
HETATM 1511 O O   . HOH U 4 .   ? -5.017  -13.082 -8.995  1.00 36.86 ? 286 HOH A O   1 
HETATM 1512 O O   . HOH U 4 .   ? 13.752  -5.681  -16.189 1.00 30.16 ? 287 HOH A O   1 
HETATM 1513 O O   . HOH U 4 .   ? 6.953   -2.241  18.555  1.00 31.18 ? 288 HOH A O   1 
HETATM 1514 O O   . HOH U 4 .   ? 9.407   -7.073  -26.834 1.00 33.98 ? 289 HOH A O   1 
HETATM 1515 O O   . HOH U 4 .   ? 16.659  -11.432 0.042   1.00 33.95 ? 290 HOH A O   1 
HETATM 1516 O O   . HOH U 4 .   ? 5.231   10.420  -1.953  1.00 32.00 ? 291 HOH A O   1 
HETATM 1517 O O   . HOH U 4 .   ? 7.374   6.280   12.696  1.00 40.41 ? 292 HOH A O   1 
HETATM 1518 O O   . HOH U 4 .   ? -16.695 0.408   -4.756  1.00 29.77 ? 293 HOH A O   1 
HETATM 1519 O O   . HOH U 4 .   ? 2.914   7.609   -11.515 1.00 37.77 ? 294 HOH A O   1 
HETATM 1520 O O   . HOH U 4 .   ? 16.231  -5.315  10.570  1.00 32.64 ? 295 HOH A O   1 
HETATM 1521 O O   . HOH U 4 .   ? -8.401  -16.271 -1.486  1.00 33.36 ? 296 HOH A O   1 
HETATM 1522 O O   . HOH U 4 .   ? -5.780  -11.302 -18.749 1.00 39.55 ? 297 HOH A O   1 
HETATM 1523 O O   . HOH U 4 .   ? 7.890   -6.966  2.418   1.00 28.72 ? 298 HOH A O   1 
HETATM 1524 O O   . HOH U 4 .   ? -2.409  10.256  -11.304 1.00 30.98 ? 299 HOH A O   1 
HETATM 1525 O O   . HOH U 4 .   ? -10.274 -5.819  7.213   0.50 18.63 ? 300 HOH A O   1 
HETATM 1526 O O   . HOH U 4 .   ? -7.036  8.911   11.728  1.00 33.90 ? 301 HOH A O   1 
HETATM 1527 O O   . HOH U 4 .   ? 9.780   0.258   -15.839 1.00 41.03 ? 302 HOH A O   1 
HETATM 1528 O O   . HOH U 4 .   ? 2.887   5.167   12.895  1.00 43.99 ? 303 HOH A O   1 
HETATM 1529 O O   . HOH U 4 .   ? -9.330  -4.942  8.480   0.50 21.75 ? 304 HOH A O   1 
HETATM 1530 O O   . HOH U 4 .   ? 12.830  -10.503 5.017   1.00 35.87 ? 305 HOH A O   1 
HETATM 1531 O O   . HOH U 4 .   ? 12.607  -11.369 10.148  1.00 32.84 ? 306 HOH A O   1 
HETATM 1532 O O   . HOH U 4 .   ? -10.644 9.581   -6.363  1.00 28.80 ? 307 HOH A O   1 
HETATM 1533 O O   . HOH U 4 .   ? 5.535   -15.062 7.396   1.00 43.60 ? 308 HOH A O   1 
HETATM 1534 O O   . HOH U 4 .   ? -11.675 13.250  -1.793  1.00 36.04 ? 309 HOH A O   1 
HETATM 1535 O O   . HOH U 4 .   ? -1.701  -12.062 16.494  1.00 32.21 ? 310 HOH A O   1 
HETATM 1536 O O   . HOH U 4 .   ? 4.592   -15.604 16.406  1.00 33.12 ? 311 HOH A O   1 
HETATM 1537 O O   . HOH U 4 .   ? -13.518 2.372   -10.623 1.00 34.97 ? 312 HOH A O   1 
HETATM 1538 O O   . HOH U 4 .   ? 8.707   3.673   14.608  1.00 40.36 ? 313 HOH A O   1 
HETATM 1539 O O   . HOH U 4 .   ? -3.270  12.516  -8.545  1.00 28.04 ? 314 HOH A O   1 
HETATM 1540 O O   . HOH U 4 .   ? -19.216 1.356   -10.554 1.00 34.82 ? 315 HOH A O   1 
HETATM 1541 O O   . HOH U 4 .   ? 21.135  -10.777 -1.387  1.00 39.29 ? 316 HOH A O   1 
HETATM 1542 O O   . HOH U 4 .   ? 7.059   3.530   -12.743 1.00 36.57 ? 317 HOH A O   1 
HETATM 1543 O O   . HOH U 4 .   ? -0.792  -13.736 2.421   1.00 30.76 ? 318 HOH A O   1 
HETATM 1544 O O   . HOH U 4 .   ? -8.430  -4.089  10.941  1.00 41.50 ? 319 HOH A O   1 
HETATM 1545 O O   . HOH U 4 .   ? 3.025   3.980   -14.848 1.00 35.10 ? 320 HOH A O   1 
HETATM 1546 O O   . HOH U 4 .   ? 9.871   6.837   -11.648 1.00 30.63 ? 321 HOH A O   1 
HETATM 1547 O O   . HOH U 4 .   ? -16.732 -5.556  -11.027 1.00 37.56 ? 322 HOH A O   1 
HETATM 1548 O O   . HOH U 4 .   ? -10.769 -16.554 -2.366  1.00 36.64 ? 323 HOH A O   1 
HETATM 1549 O O   . HOH U 4 .   ? -12.184 -14.734 4.341   1.00 45.45 ? 324 HOH A O   1 
HETATM 1550 O O   . HOH U 4 .   ? -11.473 -11.227 5.101   1.00 34.87 ? 325 HOH A O   1 
HETATM 1551 O O   . HOH U 4 .   ? -8.580  14.081  -3.811  1.00 48.18 ? 326 HOH A O   1 
HETATM 1552 O O   . HOH U 4 .   ? 1.276   -15.924 11.893  1.00 38.39 ? 327 HOH A O   1 
HETATM 1553 O O   . HOH U 4 .   ? 8.437   -9.580  3.234   1.00 40.85 ? 328 HOH A O   1 
HETATM 1554 O O   . HOH U 4 .   ? -2.681  7.704   12.445  1.00 44.63 ? 329 HOH A O   1 
HETATM 1555 O O   . HOH U 4 .   ? 15.622  -2.285  12.482  1.00 38.92 ? 330 HOH A O   1 
HETATM 1556 O O   . HOH U 4 .   ? 14.262  11.178  3.699   1.00 41.61 ? 331 HOH A O   1 
HETATM 1557 O O   . HOH U 4 .   ? 21.609  6.183   5.952   1.00 48.11 ? 332 HOH A O   1 
HETATM 1558 O O   . HOH U 4 .   ? 15.459  -8.397  3.792   1.00 41.68 ? 333 HOH A O   1 
HETATM 1559 O O   . HOH U 4 .   ? -12.390 3.104   11.944  1.00 35.64 ? 334 HOH A O   1 
HETATM 1560 O O   . HOH U 4 .   ? -16.004 -3.885  8.876   1.00 40.77 ? 335 HOH A O   1 
HETATM 1561 O O   . HOH U 4 .   ? -15.660 -5.340  6.533   1.00 36.87 ? 336 HOH A O   1 
HETATM 1562 O O   . HOH U 4 .   ? -10.711 6.410   -7.595  1.00 33.84 ? 337 HOH A O   1 
HETATM 1563 O O   . HOH U 4 .   ? 1.568   -7.918  -18.127 1.00 37.09 ? 338 HOH A O   1 
HETATM 1564 O O   . HOH U 4 .   ? 8.500   -3.446  -18.746 1.00 40.05 ? 339 HOH A O   1 
HETATM 1565 O O   . HOH U 4 .   ? 6.643   -5.476  -22.831 1.00 44.38 ? 340 HOH A O   1 
HETATM 1566 O O   . HOH U 4 .   ? -10.998 -11.865 -12.176 1.00 39.55 ? 341 HOH A O   1 
HETATM 1567 O O   . HOH U 4 .   ? -8.439  -10.452 -15.571 1.00 37.00 ? 342 HOH A O   1 
HETATM 1568 O O   . HOH U 4 .   ? -12.610 -11.532 3.167   1.00 33.21 ? 343 HOH A O   1 
HETATM 1569 O O   . HOH U 4 .   ? -6.645  0.078   12.535  1.00 37.21 ? 344 HOH A O   1 
HETATM 1570 O O   . HOH U 4 .   ? -10.248 12.587  -5.447  1.00 40.02 ? 345 HOH A O   1 
HETATM 1571 O O   . HOH U 4 .   ? -3.182  -8.399  20.351  1.00 39.40 ? 346 HOH A O   1 
HETATM 1572 O O   . HOH U 4 .   ? 6.146   12.163  6.544   1.00 35.05 ? 347 HOH A O   1 
HETATM 1573 O O   . HOH U 4 .   ? 4.465   10.678  8.144   1.00 41.29 ? 348 HOH A O   1 
HETATM 1574 O O   . HOH U 4 .   ? 1.561   8.789   10.421  1.00 42.19 ? 349 HOH A O   1 
HETATM 1575 O O   . HOH U 4 .   ? 7.218   8.184   10.007  1.00 46.90 ? 350 HOH A O   1 
HETATM 1576 O O   . HOH U 4 .   ? -14.165 -9.643  -0.260  1.00 36.74 ? 351 HOH A O   1 
HETATM 1577 O O   . HOH U 4 .   ? 1.779   -13.783 -2.140  1.00 54.35 ? 352 HOH A O   1 
HETATM 1578 O O   . HOH U 4 .   ? 11.837  -13.048 1.369   1.00 38.92 ? 353 HOH A O   1 
HETATM 1579 O O   . HOH U 4 .   ? -0.289  11.489  7.871   1.00 45.59 ? 354 HOH A O   1 
HETATM 1580 O O   . HOH U 4 .   ? -4.291  0.003   15.729  1.00 35.04 ? 355 HOH A O   1 
HETATM 1581 O O   . HOH U 4 .   ? 17.643  -6.834  -15.243 1.00 34.54 ? 356 HOH A O   1 
HETATM 1582 O O   . HOH U 4 .   ? -13.251 -6.958  3.066   1.00 48.71 ? 357 HOH A O   1 
HETATM 1583 O O   . HOH U 4 .   ? 7.443   -7.379  -24.670 1.00 43.86 ? 358 HOH A O   1 
HETATM 1584 O O   . HOH U 4 .   ? 1.577   2.700   -19.114 1.00 50.31 ? 359 HOH A O   1 
HETATM 1585 O O   . HOH U 4 .   ? 2.148   -11.068 -19.978 1.00 49.05 ? 360 HOH A O   1 
HETATM 1586 O O   . HOH U 4 .   ? 11.530  -14.345 13.040  1.00 45.54 ? 361 HOH A O   1 
HETATM 1587 O O   . HOH U 4 .   ? 2.637   8.264   -5.574  1.00 32.19 ? 362 HOH A O   1 
HETATM 1588 O O   . HOH U 4 .   ? 0.354   4.617   -6.574  1.00 38.22 ? 363 HOH A O   1 
HETATM 1589 O O   . HOH U 4 .   ? 19.566  -11.716 -3.783  1.00 38.65 ? 364 HOH A O   1 
HETATM 1590 O O   . HOH U 4 .   ? -16.436 10.231  -5.329  1.00 40.89 ? 365 HOH A O   1 
HETATM 1591 O O   . HOH U 4 .   ? -20.381 -1.744  -8.715  1.00 39.89 ? 366 HOH A O   1 
HETATM 1592 O O   . HOH U 4 .   ? -9.761  5.026   -10.448 1.00 38.70 ? 367 HOH A O   1 
HETATM 1593 O O   . HOH U 4 .   ? -6.594  -16.199 5.611   1.00 54.14 ? 368 HOH A O   1 
HETATM 1594 O O   . HOH U 4 .   ? -3.088  -16.888 4.056   1.00 39.64 ? 369 HOH A O   1 
HETATM 1595 O O   . HOH U 4 .   ? 8.322   -11.472 1.802   1.00 41.00 ? 370 HOH A O   1 
HETATM 1596 O O   . HOH U 4 .   ? 2.782   1.014   -6.064  1.00 32.11 ? 371 HOH A O   1 
HETATM 1597 O O   . HOH U 4 .   ? 3.772   10.581  -5.442  1.00 40.23 ? 372 HOH A O   1 
HETATM 1598 O O   . HOH U 4 .   ? -11.497 -6.582  5.394   1.00 51.04 ? 373 HOH A O   1 
HETATM 1599 O O   . HOH U 4 .   ? 9.775   -13.278 3.242   1.00 46.08 ? 374 HOH A O   1 
HETATM 1600 O O   . HOH U 4 .   ? 4.662   -15.736 3.841   1.00 42.72 ? 375 HOH A O   1 
HETATM 1601 O O   . HOH U 4 .   ? 3.066   9.013   -7.789  1.00 43.84 ? 376 HOH A O   1 
HETATM 1602 O O   . HOH U 4 .   ? 14.885  -15.429 -9.002  1.00 47.73 ? 377 HOH A O   1 
HETATM 1603 O O   . HOH U 4 .   ? -2.745  3.178   -19.769 1.00 47.55 ? 378 HOH A O   1 
HETATM 1604 O O   . HOH U 4 .   ? 7.506   8.981   -9.646  1.00 32.21 ? 379 HOH A O   1 
HETATM 1605 O O   . HOH U 4 .   ? -13.249 -8.515  -15.017 1.00 48.48 ? 380 HOH A O   1 
HETATM 1606 O O   . HOH U 4 .   ? 2.155   4.159   -8.474  1.00 50.37 ? 381 HOH A O   1 
HETATM 1607 O O   . HOH U 4 .   ? -0.589  5.091   -16.217 1.00 42.70 ? 382 HOH A O   1 
HETATM 1608 O O   . HOH U 4 .   ? -2.249  -9.954  -18.797 0.50 28.67 ? 383 HOH A O   1 
HETATM 1609 O O   . HOH U 4 .   ? -2.429  -10.269 21.959  1.00 53.34 ? 384 HOH A O   1 
HETATM 1610 O O   . HOH U 4 .   ? -9.916  9.234   -11.153 1.00 37.33 ? 385 HOH A O   1 
HETATM 1611 O O   . HOH U 4 .   ? 14.153  -12.794 0.295   0.50 30.79 ? 386 HOH A O   1 
HETATM 1612 O O   . HOH U 4 .   ? 15.914  -14.450 -3.807  1.00 39.78 ? 387 HOH A O   1 
HETATM 1613 O O   . HOH U 4 .   ? 14.687  -14.045 -1.473  1.00 38.31 ? 388 HOH A O   1 
HETATM 1614 O O   . HOH U 4 .   ? 17.713  -13.436 -2.912  1.00 38.24 ? 389 HOH A O   1 
# 
loop_
_pdbx_poly_seq_scheme.asym_id 
_pdbx_poly_seq_scheme.entity_id 
_pdbx_poly_seq_scheme.seq_id 
_pdbx_poly_seq_scheme.mon_id 
_pdbx_poly_seq_scheme.ndb_seq_num 
_pdbx_poly_seq_scheme.pdb_seq_num 
_pdbx_poly_seq_scheme.auth_seq_num 
_pdbx_poly_seq_scheme.pdb_mon_id 
_pdbx_poly_seq_scheme.auth_mon_id 
_pdbx_poly_seq_scheme.pdb_strand_id 
_pdbx_poly_seq_scheme.pdb_ins_code 
_pdbx_poly_seq_scheme.hetero 
A 1 1   MET 1   -21 ?   ?   ?   A . n 
A 1 2   GLY 2   -20 ?   ?   ?   A . n 
A 1 3   SER 3   -19 ?   ?   ?   A . n 
A 1 4   SER 4   -18 -18 SER SER A . n 
A 1 5   HIS 5   -17 -17 HIS HIS A . n 
A 1 6   HIS 6   -16 -16 HIS HIS A . n 
A 1 7   HIS 7   -15 -15 HIS HIS A . n 
A 1 8   HIS 8   -14 -14 HIS HIS A . n 
A 1 9   HIS 9   -13 -13 HIS HIS A . n 
A 1 10  HIS 10  -12 -12 HIS HIS A . n 
A 1 11  SER 11  -11 ?   ?   ?   A . n 
A 1 12  SER 12  -10 ?   ?   ?   A . n 
A 1 13  GLY 13  -9  ?   ?   ?   A . n 
A 1 14  ARG 14  -8  ?   ?   ?   A . n 
A 1 15  GLU 15  -7  ?   ?   ?   A . n 
A 1 16  ASN 16  -6  ?   ?   ?   A . n 
A 1 17  LEU 17  -5  ?   ?   ?   A . n 
A 1 18  TYR 18  -4  ?   ?   ?   A . n 
A 1 19  PHE 19  -3  ?   ?   ?   A . n 
A 1 20  GLN 20  -2  ?   ?   ?   A . n 
A 1 21  GLY 21  -1  ?   ?   ?   A . n 
A 1 22  HIS 22  0   ?   ?   ?   A . n 
A 1 23  MET 23  1   1   MET MET A . n 
A 1 24  GLN 24  2   2   GLN GLN A . n 
A 1 25  LEU 25  3   3   LEU LEU A . n 
A 1 26  SER 26  4   4   SER SER A . n 
A 1 27  HIS 27  5   5   HIS HIS A . n 
A 1 28  ARG 28  6   6   ARG ARG A . n 
A 1 29  PRO 29  7   7   PRO PRO A . n 
A 1 30  ALA 30  8   8   ALA ALA A . n 
A 1 31  GLU 31  9   9   GLU GLU A . n 
A 1 32  THR 32  10  10  THR THR A . n 
A 1 33  GLY 33  11  11  GLY GLY A . n 
A 1 34  ASP 34  12  12  ASP ASP A . n 
A 1 35  LEU 35  13  13  LEU LEU A . n 
A 1 36  GLU 36  14  14  GLU GLU A . n 
A 1 37  THR 37  15  15  THR THR A . n 
A 1 38  VAL 38  16  16  VAL VAL A . n 
A 1 39  ALA 39  17  17  ALA ALA A . n 
A 1 40  GLY 40  18  18  GLY GLY A . n 
A 1 41  PHE 41  19  19  PHE PHE A . n 
A 1 42  PRO 42  20  20  PRO PRO A . n 
A 1 43  GLN 43  21  21  GLN GLN A . n 
A 1 44  ASP 44  22  22  ASP ASP A . n 
A 1 45  ARG 45  23  23  ARG ARG A . n 
A 1 46  ASP 46  24  24  ASP ASP A . n 
A 1 47  GLU 47  25  25  GLU GLU A . n 
A 1 48  LEU 48  26  26  LEU LEU A . n 
A 1 49  PHE 49  27  27  PHE PHE A . n 
A 1 50  TYR 50  28  28  TYR TYR A . n 
A 1 51  CYS 51  29  29  CYS CYS A . n 
A 1 52  TYR 52  30  30  TYR TYR A . n 
A 1 53  PRO 53  31  31  PRO PRO A . n 
A 1 54  LYS 54  32  32  LYS LYS A . n 
A 1 55  ALA 55  33  33  ALA ALA A . n 
A 1 56  ILE 56  34  34  ILE ILE A . n 
A 1 57  TRP 57  35  35  TRP TRP A . n 
A 1 58  PRO 58  36  36  PRO PRO A . n 
A 1 59  PHE 59  37  37  PHE PHE A . n 
A 1 60  SER 60  38  38  SER SER A . n 
A 1 61  VAL 61  39  39  VAL VAL A . n 
A 1 62  ALA 62  40  40  ALA ALA A . n 
A 1 63  GLN 63  41  41  GLN GLN A . n 
A 1 64  LEU 64  42  42  LEU LEU A . n 
A 1 65  ALA 65  43  43  ALA ALA A . n 
A 1 66  ALA 66  44  44  ALA ALA A . n 
A 1 67  ALA 67  45  45  ALA ALA A . n 
A 1 68  ILE 68  46  46  ILE ILE A . n 
A 1 69  ALA 69  47  47  ALA ALA A . n 
A 1 70  GLU 70  48  48  GLU GLU A . n 
A 1 71  ARG 71  49  49  ARG ARG A . n 
A 1 72  ARG 72  50  50  ARG ARG A . n 
A 1 73  GLY 73  51  51  GLY GLY A . n 
A 1 74  SER 74  52  52  SER SER A . n 
A 1 75  THR 75  53  53  THR THR A . n 
A 1 76  VAL 76  54  54  VAL VAL A . n 
A 1 77  ALA 77  55  55  ALA ALA A . n 
A 1 78  VAL 78  56  56  VAL VAL A . n 
A 1 79  HIS 79  57  57  HIS HIS A . n 
A 1 80  ASP 80  58  58  ASP ASP A . n 
A 1 81  GLY 81  59  59  GLY GLY A . n 
A 1 82  GLN 82  60  60  GLN GLN A . n 
A 1 83  VAL 83  61  61  VAL VAL A . n 
A 1 84  LEU 84  62  62  LEU LEU A . n 
A 1 85  GLY 85  63  63  GLY GLY A . n 
A 1 86  PHE 86  64  64  PHE PHE A . n 
A 1 87  ALA 87  65  65  ALA ALA A . n 
A 1 88  ASN 88  66  66  ASN ASN A . n 
A 1 89  PHE 89  67  67  PHE PHE A . n 
A 1 90  TYR 90  68  68  TYR TYR A . n 
A 1 91  GLN 91  69  69  GLN GLN A . n 
A 1 92  TRP 92  70  70  TRP TRP A . n 
A 1 93  GLN 93  71  71  GLN GLN A . n 
A 1 94  HIS 94  72  72  HIS HIS A . n 
A 1 95  GLY 95  73  73  GLY GLY A . n 
A 1 96  ASP 96  74  74  ASP ASP A . n 
A 1 97  PHE 97  75  75  PHE PHE A . n 
A 1 98  CYS 98  76  76  CYS CYS A . n 
A 1 99  ALA 99  77  77  ALA ALA A . n 
A 1 100 LEU 100 78  78  LEU LEU A . n 
A 1 101 GLY 101 79  79  GLY GLY A . n 
A 1 102 ASN 102 80  80  ASN ASN A . n 
A 1 103 MET 103 81  81  MET MET A . n 
A 1 104 MET 104 82  82  MET MET A . n 
A 1 105 VAL 105 83  83  VAL VAL A . n 
A 1 106 ALA 106 84  84  ALA ALA A . n 
A 1 107 PRO 107 85  85  PRO PRO A . n 
A 1 108 ALA 108 86  86  ALA ALA A . n 
A 1 109 ALA 109 87  87  ALA ALA A . n 
A 1 110 ARG 110 88  88  ARG ARG A . n 
A 1 111 GLY 111 89  89  GLY GLY A . n 
A 1 112 LEU 112 90  90  LEU LEU A . n 
A 1 113 GLY 113 91  91  GLY GLY A . n 
A 1 114 VAL 114 92  92  VAL VAL A . n 
A 1 115 ALA 115 93  93  ALA ALA A . n 
A 1 116 ARG 116 94  94  ARG ARG A . n 
A 1 117 TYR 117 95  95  TYR TYR A . n 
A 1 118 LEU 118 96  96  LEU LEU A . n 
A 1 119 ILE 119 97  97  ILE ILE A . n 
A 1 120 GLY 120 98  98  GLY GLY A . n 
A 1 121 VAL 121 99  99  VAL VAL A . n 
A 1 122 MET 122 100 100 MET MET A . n 
A 1 123 GLU 123 101 101 GLU GLU A . n 
A 1 124 ASN 124 102 102 ASN ASN A . n 
A 1 125 LEU 125 103 103 LEU LEU A . n 
A 1 126 ALA 126 104 104 ALA ALA A . n 
A 1 127 ARG 127 105 105 ARG ARG A . n 
A 1 128 GLU 128 106 106 GLU GLU A . n 
A 1 129 GLN 129 107 107 GLN GLN A . n 
A 1 130 TYR 130 108 108 TYR TYR A . n 
A 1 131 LYS 131 109 109 LYS LYS A . n 
A 1 132 ALA 132 110 110 ALA ALA A . n 
A 1 133 ARG 133 111 111 ARG ARG A . n 
A 1 134 LEU 134 112 112 LEU LEU A . n 
A 1 135 MET 135 113 113 MET MET A . n 
A 1 136 LYS 136 114 114 LYS LYS A . n 
A 1 137 ILE 137 115 115 ILE ILE A . n 
A 1 138 SER 138 116 116 SER SER A . n 
A 1 139 CYS 139 117 117 CYS CYS A . n 
A 1 140 PHE 140 118 118 PHE PHE A . n 
A 1 141 ASN 141 119 119 ASN ASN A . n 
A 1 142 ALA 142 120 120 ALA ALA A . n 
A 1 143 ASN 143 121 121 ASN ASN A . n 
A 1 144 ALA 144 122 122 ALA ALA A . n 
A 1 145 ALA 145 123 123 ALA ALA A . n 
A 1 146 GLY 146 124 124 GLY GLY A . n 
A 1 147 LEU 147 125 125 LEU LEU A . n 
A 1 148 LEU 148 126 126 LEU LEU A . n 
A 1 149 LEU 149 127 127 LEU LEU A . n 
A 1 150 TYR 150 128 128 TYR TYR A . n 
A 1 151 THR 151 129 129 THR THR A . n 
A 1 152 GLN 152 130 130 GLN GLN A . n 
A 1 153 LEU 153 131 131 LEU LEU A . n 
A 1 154 GLY 154 132 132 GLY GLY A . n 
A 1 155 TYR 155 133 133 TYR TYR A . n 
A 1 156 GLN 156 134 134 GLN GLN A . n 
A 1 157 PRO 157 135 135 PRO PRO A . n 
A 1 158 ARG 158 136 136 ARG ARG A . n 
A 1 159 ALA 159 137 137 ALA ALA A . n 
A 1 160 ILE 160 138 138 ILE ILE A . n 
A 1 161 ALA 161 139 139 ALA ALA A . n 
A 1 162 GLU 162 140 140 GLU GLU A . n 
A 1 163 ARG 163 141 141 ARG ARG A . n 
A 1 164 HIS 164 142 142 HIS HIS A . n 
A 1 165 ASP 165 143 143 ASP ASP A . n 
A 1 166 PRO 166 144 144 PRO PRO A . n 
A 1 167 ASP 167 145 145 ASP ASP A . n 
A 1 168 GLY 168 146 146 GLY GLY A . n 
A 1 169 ARG 169 147 147 ARG ARG A . n 
A 1 170 ARG 170 148 148 ARG ARG A . n 
A 1 171 VAL 171 149 149 VAL VAL A . n 
A 1 172 ALA 172 150 150 ALA ALA A . n 
A 1 173 LEU 173 151 151 LEU LEU A . n 
A 1 174 ILE 174 152 152 ILE ILE A . n 
A 1 175 GLN 175 153 153 GLN GLN A . n 
A 1 176 MET 176 154 154 MET MET A . n 
A 1 177 ASP 177 155 155 ASP ASP A . n 
A 1 178 LYS 178 156 156 LYS LYS A . n 
A 1 179 PRO 179 157 157 PRO PRO A . n 
A 1 180 LEU 180 158 158 LEU LEU A . n 
A 1 181 GLU 181 159 159 GLU GLU A . n 
A 1 182 PRO 182 160 ?   ?   ?   A . n 
# 
_pdbx_SG_project.id                    1 
_pdbx_SG_project.project_name          'PSI, Protein Structure Initiative' 
_pdbx_SG_project.full_name_of_center   'Midwest Center for Structural Genomics' 
_pdbx_SG_project.initial_of_center     MCSG 
# 
loop_
_pdbx_nonpoly_scheme.asym_id 
_pdbx_nonpoly_scheme.entity_id 
_pdbx_nonpoly_scheme.mon_id 
_pdbx_nonpoly_scheme.ndb_seq_num 
_pdbx_nonpoly_scheme.pdb_seq_num 
_pdbx_nonpoly_scheme.auth_seq_num 
_pdbx_nonpoly_scheme.pdb_mon_id 
_pdbx_nonpoly_scheme.auth_mon_id 
_pdbx_nonpoly_scheme.pdb_strand_id 
_pdbx_nonpoly_scheme.pdb_ins_code 
B 2 SO4 1   161 1   SO4 SO4 A . 
C 2 SO4 1   162 2   SO4 SO4 A . 
D 3 EDO 1   163 1   EDO EDO A . 
E 3 EDO 1   164 2   EDO EDO A . 
F 3 EDO 1   165 5   EDO EDO A . 
G 3 EDO 1   166 6   EDO EDO A . 
H 3 EDO 1   167 7   EDO EDO A . 
I 3 EDO 1   168 8   EDO EDO A . 
J 3 EDO 1   169 9   EDO EDO A . 
K 3 EDO 1   170 10  EDO EDO A . 
L 3 EDO 1   171 11  EDO EDO A . 
M 3 EDO 1   172 12  EDO EDO A . 
N 3 EDO 1   173 13  EDO EDO A . 
O 3 EDO 1   174 20  EDO EDO A . 
P 3 EDO 1   175 21  EDO EDO A . 
Q 3 EDO 1   176 22  EDO EDO A . 
R 3 EDO 1   177 23  EDO EDO A . 
S 3 EDO 1   178 24  EDO EDO A . 
T 3 EDO 1   179 25  EDO EDO A . 
U 4 HOH 1   180 180 HOH HOH A . 
U 4 HOH 2   181 181 HOH HOH A . 
U 4 HOH 3   182 182 HOH HOH A . 
U 4 HOH 4   183 183 HOH HOH A . 
U 4 HOH 5   184 184 HOH HOH A . 
U 4 HOH 6   185 185 HOH HOH A . 
U 4 HOH 7   186 186 HOH HOH A . 
U 4 HOH 8   187 187 HOH HOH A . 
U 4 HOH 9   188 188 HOH HOH A . 
U 4 HOH 10  189 189 HOH HOH A . 
U 4 HOH 11  190 190 HOH HOH A . 
U 4 HOH 12  191 191 HOH HOH A . 
U 4 HOH 13  192 192 HOH HOH A . 
U 4 HOH 14  193 193 HOH HOH A . 
U 4 HOH 15  194 194 HOH HOH A . 
U 4 HOH 16  195 195 HOH HOH A . 
U 4 HOH 17  196 196 HOH HOH A . 
U 4 HOH 18  197 197 HOH HOH A . 
U 4 HOH 19  198 198 HOH HOH A . 
U 4 HOH 20  199 199 HOH HOH A . 
U 4 HOH 21  200 200 HOH HOH A . 
U 4 HOH 22  201 201 HOH HOH A . 
U 4 HOH 23  202 202 HOH HOH A . 
U 4 HOH 24  203 203 HOH HOH A . 
U 4 HOH 25  204 204 HOH HOH A . 
U 4 HOH 26  205 1   HOH HOH A . 
U 4 HOH 27  206 2   HOH HOH A . 
U 4 HOH 28  207 3   HOH HOH A . 
U 4 HOH 29  208 4   HOH HOH A . 
U 4 HOH 30  209 5   HOH HOH A . 
U 4 HOH 31  210 6   HOH HOH A . 
U 4 HOH 32  211 7   HOH HOH A . 
U 4 HOH 33  212 8   HOH HOH A . 
U 4 HOH 34  213 9   HOH HOH A . 
U 4 HOH 35  214 10  HOH HOH A . 
U 4 HOH 36  215 11  HOH HOH A . 
U 4 HOH 37  216 12  HOH HOH A . 
U 4 HOH 38  217 13  HOH HOH A . 
U 4 HOH 39  218 14  HOH HOH A . 
U 4 HOH 40  219 15  HOH HOH A . 
U 4 HOH 41  220 16  HOH HOH A . 
U 4 HOH 42  221 17  HOH HOH A . 
U 4 HOH 43  222 18  HOH HOH A . 
U 4 HOH 44  223 19  HOH HOH A . 
U 4 HOH 45  224 20  HOH HOH A . 
U 4 HOH 46  225 21  HOH HOH A . 
U 4 HOH 47  226 22  HOH HOH A . 
U 4 HOH 48  227 23  HOH HOH A . 
U 4 HOH 49  228 24  HOH HOH A . 
U 4 HOH 50  229 25  HOH HOH A . 
U 4 HOH 51  230 26  HOH HOH A . 
U 4 HOH 52  231 27  HOH HOH A . 
U 4 HOH 53  232 28  HOH HOH A . 
U 4 HOH 54  233 29  HOH HOH A . 
U 4 HOH 55  234 30  HOH HOH A . 
U 4 HOH 56  235 31  HOH HOH A . 
U 4 HOH 57  236 32  HOH HOH A . 
U 4 HOH 58  237 33  HOH HOH A . 
U 4 HOH 59  238 34  HOH HOH A . 
U 4 HOH 60  239 35  HOH HOH A . 
U 4 HOH 61  240 36  HOH HOH A . 
U 4 HOH 62  241 37  HOH HOH A . 
U 4 HOH 63  242 38  HOH HOH A . 
U 4 HOH 64  243 39  HOH HOH A . 
U 4 HOH 65  244 40  HOH HOH A . 
U 4 HOH 66  245 41  HOH HOH A . 
U 4 HOH 67  246 42  HOH HOH A . 
U 4 HOH 68  247 43  HOH HOH A . 
U 4 HOH 69  248 44  HOH HOH A . 
U 4 HOH 70  249 45  HOH HOH A . 
U 4 HOH 71  250 46  HOH HOH A . 
U 4 HOH 72  251 47  HOH HOH A . 
U 4 HOH 73  252 48  HOH HOH A . 
U 4 HOH 74  253 49  HOH HOH A . 
U 4 HOH 75  254 50  HOH HOH A . 
U 4 HOH 76  255 51  HOH HOH A . 
U 4 HOH 77  256 52  HOH HOH A . 
U 4 HOH 78  257 53  HOH HOH A . 
U 4 HOH 79  258 54  HOH HOH A . 
U 4 HOH 80  259 55  HOH HOH A . 
U 4 HOH 81  260 56  HOH HOH A . 
U 4 HOH 82  261 57  HOH HOH A . 
U 4 HOH 83  262 58  HOH HOH A . 
U 4 HOH 84  263 59  HOH HOH A . 
U 4 HOH 85  264 60  HOH HOH A . 
U 4 HOH 86  265 61  HOH HOH A . 
U 4 HOH 87  266 62  HOH HOH A . 
U 4 HOH 88  267 63  HOH HOH A . 
U 4 HOH 89  268 64  HOH HOH A . 
U 4 HOH 90  269 65  HOH HOH A . 
U 4 HOH 91  270 66  HOH HOH A . 
U 4 HOH 92  271 67  HOH HOH A . 
U 4 HOH 93  272 68  HOH HOH A . 
U 4 HOH 94  273 69  HOH HOH A . 
U 4 HOH 95  274 70  HOH HOH A . 
U 4 HOH 96  275 71  HOH HOH A . 
U 4 HOH 97  276 72  HOH HOH A . 
U 4 HOH 98  277 73  HOH HOH A . 
U 4 HOH 99  278 74  HOH HOH A . 
U 4 HOH 100 279 75  HOH HOH A . 
U 4 HOH 101 280 76  HOH HOH A . 
U 4 HOH 102 281 77  HOH HOH A . 
U 4 HOH 103 282 78  HOH HOH A . 
U 4 HOH 104 283 79  HOH HOH A . 
U 4 HOH 105 284 80  HOH HOH A . 
U 4 HOH 106 285 81  HOH HOH A . 
U 4 HOH 107 286 82  HOH HOH A . 
U 4 HOH 108 287 83  HOH HOH A . 
U 4 HOH 109 288 84  HOH HOH A . 
U 4 HOH 110 289 85  HOH HOH A . 
U 4 HOH 111 290 86  HOH HOH A . 
U 4 HOH 112 291 87  HOH HOH A . 
U 4 HOH 113 292 88  HOH HOH A . 
U 4 HOH 114 293 89  HOH HOH A . 
U 4 HOH 115 294 90  HOH HOH A . 
U 4 HOH 116 295 91  HOH HOH A . 
U 4 HOH 117 296 92  HOH HOH A . 
U 4 HOH 118 297 93  HOH HOH A . 
U 4 HOH 119 298 94  HOH HOH A . 
U 4 HOH 120 299 95  HOH HOH A . 
U 4 HOH 121 300 96  HOH HOH A . 
U 4 HOH 122 301 97  HOH HOH A . 
U 4 HOH 123 302 98  HOH HOH A . 
U 4 HOH 124 303 99  HOH HOH A . 
U 4 HOH 125 304 100 HOH HOH A . 
U 4 HOH 126 305 101 HOH HOH A . 
U 4 HOH 127 306 102 HOH HOH A . 
U 4 HOH 128 307 103 HOH HOH A . 
U 4 HOH 129 308 104 HOH HOH A . 
U 4 HOH 130 309 106 HOH HOH A . 
U 4 HOH 131 310 107 HOH HOH A . 
U 4 HOH 132 311 108 HOH HOH A . 
U 4 HOH 133 312 109 HOH HOH A . 
U 4 HOH 134 313 110 HOH HOH A . 
U 4 HOH 135 314 111 HOH HOH A . 
U 4 HOH 136 315 112 HOH HOH A . 
U 4 HOH 137 316 113 HOH HOH A . 
U 4 HOH 138 317 114 HOH HOH A . 
U 4 HOH 139 318 115 HOH HOH A . 
U 4 HOH 140 319 116 HOH HOH A . 
U 4 HOH 141 320 117 HOH HOH A . 
U 4 HOH 142 321 118 HOH HOH A . 
U 4 HOH 143 322 119 HOH HOH A . 
U 4 HOH 144 323 120 HOH HOH A . 
U 4 HOH 145 324 121 HOH HOH A . 
U 4 HOH 146 325 122 HOH HOH A . 
U 4 HOH 147 326 123 HOH HOH A . 
U 4 HOH 148 327 124 HOH HOH A . 
U 4 HOH 149 328 125 HOH HOH A . 
U 4 HOH 150 329 126 HOH HOH A . 
U 4 HOH 151 330 127 HOH HOH A . 
U 4 HOH 152 331 128 HOH HOH A . 
U 4 HOH 153 332 129 HOH HOH A . 
U 4 HOH 154 333 130 HOH HOH A . 
U 4 HOH 155 334 131 HOH HOH A . 
U 4 HOH 156 335 132 HOH HOH A . 
U 4 HOH 157 336 133 HOH HOH A . 
U 4 HOH 158 337 134 HOH HOH A . 
U 4 HOH 159 338 135 HOH HOH A . 
U 4 HOH 160 339 136 HOH HOH A . 
U 4 HOH 161 340 137 HOH HOH A . 
U 4 HOH 162 341 138 HOH HOH A . 
U 4 HOH 163 342 139 HOH HOH A . 
U 4 HOH 164 343 140 HOH HOH A . 
U 4 HOH 165 344 141 HOH HOH A . 
U 4 HOH 166 345 143 HOH HOH A . 
U 4 HOH 167 346 144 HOH HOH A . 
U 4 HOH 168 347 145 HOH HOH A . 
U 4 HOH 169 348 146 HOH HOH A . 
U 4 HOH 170 349 147 HOH HOH A . 
U 4 HOH 171 350 148 HOH HOH A . 
U 4 HOH 172 351 150 HOH HOH A . 
U 4 HOH 173 352 151 HOH HOH A . 
U 4 HOH 174 353 152 HOH HOH A . 
U 4 HOH 175 354 153 HOH HOH A . 
U 4 HOH 176 355 154 HOH HOH A . 
U 4 HOH 177 356 155 HOH HOH A . 
U 4 HOH 178 357 156 HOH HOH A . 
U 4 HOH 179 358 157 HOH HOH A . 
U 4 HOH 180 359 158 HOH HOH A . 
U 4 HOH 181 360 159 HOH HOH A . 
U 4 HOH 182 361 160 HOH HOH A . 
U 4 HOH 183 362 161 HOH HOH A . 
U 4 HOH 184 363 162 HOH HOH A . 
U 4 HOH 185 364 163 HOH HOH A . 
U 4 HOH 186 365 164 HOH HOH A . 
U 4 HOH 187 366 165 HOH HOH A . 
U 4 HOH 188 367 166 HOH HOH A . 
U 4 HOH 189 368 167 HOH HOH A . 
U 4 HOH 190 369 168 HOH HOH A . 
U 4 HOH 191 370 169 HOH HOH A . 
U 4 HOH 192 371 170 HOH HOH A . 
U 4 HOH 193 372 171 HOH HOH A . 
U 4 HOH 194 373 172 HOH HOH A . 
U 4 HOH 195 374 173 HOH HOH A . 
U 4 HOH 196 375 174 HOH HOH A . 
U 4 HOH 197 376 175 HOH HOH A . 
U 4 HOH 198 377 176 HOH HOH A . 
U 4 HOH 199 378 177 HOH HOH A . 
U 4 HOH 200 379 178 HOH HOH A . 
U 4 HOH 201 380 179 HOH HOH A . 
U 4 HOH 202 381 1   HOH HOH A . 
U 4 HOH 203 382 2   HOH HOH A . 
U 4 HOH 204 383 3   HOH HOH A . 
U 4 HOH 205 384 4   HOH HOH A . 
U 4 HOH 206 385 1   HOH HOH A . 
U 4 HOH 207 386 1   HOH HOH A . 
U 4 HOH 208 387 1   HOH HOH A . 
U 4 HOH 209 388 2   HOH HOH A . 
U 4 HOH 210 389 3   HOH HOH A . 
# 
_pdbx_struct_assembly.id                   1 
_pdbx_struct_assembly.details              author_and_software_defined_assembly 
_pdbx_struct_assembly.method_details       PISA 
_pdbx_struct_assembly.oligomeric_details   monomeric 
_pdbx_struct_assembly.oligomeric_count     1 
# 
_pdbx_struct_assembly_gen.assembly_id       1 
_pdbx_struct_assembly_gen.oper_expression   1 
_pdbx_struct_assembly_gen.asym_id_list      A,B,C,D,E,F,G,H,I,J,K,L,M,N,O,P,Q,R,S,T,U 
# 
_pdbx_struct_oper_list.id                   1 
_pdbx_struct_oper_list.type                 'identity operation' 
_pdbx_struct_oper_list.name                 1_555 
_pdbx_struct_oper_list.symmetry_operation   x,y,z 
_pdbx_struct_oper_list.matrix[1][1]         1.0000000000 
_pdbx_struct_oper_list.matrix[1][2]         0.0000000000 
_pdbx_struct_oper_list.matrix[1][3]         0.0000000000 
_pdbx_struct_oper_list.vector[1]            0.0000000000 
_pdbx_struct_oper_list.matrix[2][1]         0.0000000000 
_pdbx_struct_oper_list.matrix[2][2]         1.0000000000 
_pdbx_struct_oper_list.matrix[2][3]         0.0000000000 
_pdbx_struct_oper_list.vector[2]            0.0000000000 
_pdbx_struct_oper_list.matrix[3][1]         0.0000000000 
_pdbx_struct_oper_list.matrix[3][2]         0.0000000000 
_pdbx_struct_oper_list.matrix[3][3]         1.0000000000 
_pdbx_struct_oper_list.vector[3]            0.0000000000 
# 
loop_
_pdbx_audit_revision_history.ordinal 
_pdbx_audit_revision_history.data_content_type 
_pdbx_audit_revision_history.major_revision 
_pdbx_audit_revision_history.minor_revision 
_pdbx_audit_revision_history.revision_date 
1 'Structure model' 1 0 2009-11-24 
2 'Structure model' 1 1 2011-07-13 
3 'Structure model' 1 2 2022-04-13 
4 'Structure model' 1 3 2023-08-09 
5 'Structure model' 1 4 2023-09-06 
# 
_pdbx_audit_revision_details.ordinal             1 
_pdbx_audit_revision_details.revision_ordinal    1 
_pdbx_audit_revision_details.data_content_type   'Structure model' 
_pdbx_audit_revision_details.provider            repository 
_pdbx_audit_revision_details.type                'Initial release' 
_pdbx_audit_revision_details.description         ? 
_pdbx_audit_revision_details.details             ? 
# 
loop_
_pdbx_audit_revision_group.ordinal 
_pdbx_audit_revision_group.revision_ordinal 
_pdbx_audit_revision_group.data_content_type 
_pdbx_audit_revision_group.group 
1 2 'Structure model' 'Version format compliance' 
2 3 'Structure model' 'Database references'       
3 3 'Structure model' 'Derived calculations'      
4 3 'Structure model' 'Structure summary'         
5 4 'Structure model' 'Data collection'           
6 4 'Structure model' 'Database references'       
7 5 'Structure model' 'Refinement description'    
# 
loop_
_pdbx_audit_revision_category.ordinal 
_pdbx_audit_revision_category.revision_ordinal 
_pdbx_audit_revision_category.data_content_type 
_pdbx_audit_revision_category.category 
1 3 'Structure model' audit_author                  
2 3 'Structure model' citation_author               
3 3 'Structure model' database_2                    
4 3 'Structure model' struct_site                   
5 4 'Structure model' chem_comp_atom                
6 4 'Structure model' chem_comp_bond                
7 4 'Structure model' citation                      
8 4 'Structure model' citation_author               
9 5 'Structure model' pdbx_initial_refinement_model 
# 
loop_
_pdbx_audit_revision_item.ordinal 
_pdbx_audit_revision_item.revision_ordinal 
_pdbx_audit_revision_item.data_content_type 
_pdbx_audit_revision_item.item 
1  3 'Structure model' '_audit_author.identifier_ORCID'      
2  3 'Structure model' '_citation_author.identifier_ORCID'   
3  3 'Structure model' '_database_2.pdbx_DOI'                
4  3 'Structure model' '_database_2.pdbx_database_accession' 
5  3 'Structure model' '_struct_site.pdbx_auth_asym_id'      
6  3 'Structure model' '_struct_site.pdbx_auth_comp_id'      
7  3 'Structure model' '_struct_site.pdbx_auth_seq_id'       
8  4 'Structure model' '_citation.country'                   
9  4 'Structure model' '_citation.journal_abbrev'            
10 4 'Structure model' '_citation.journal_id_ASTM'           
11 4 'Structure model' '_citation.journal_id_CSD'            
12 4 'Structure model' '_citation.journal_id_ISSN'           
13 4 'Structure model' '_citation.journal_volume'            
14 4 'Structure model' '_citation.page_first'                
15 4 'Structure model' '_citation.page_last'                 
16 4 'Structure model' '_citation.pdbx_database_id_DOI'      
17 4 'Structure model' '_citation.pdbx_database_id_PubMed'   
18 4 'Structure model' '_citation.title'                     
19 4 'Structure model' '_citation.year'                      
# 
loop_
_pdbx_refine_tls.pdbx_refine_id 
_pdbx_refine_tls.id 
_pdbx_refine_tls.details 
_pdbx_refine_tls.method 
_pdbx_refine_tls.origin_x 
_pdbx_refine_tls.origin_y 
_pdbx_refine_tls.origin_z 
_pdbx_refine_tls.T[1][1] 
_pdbx_refine_tls.T[2][2] 
_pdbx_refine_tls.T[3][3] 
_pdbx_refine_tls.T[1][2] 
_pdbx_refine_tls.T[1][3] 
_pdbx_refine_tls.T[2][3] 
_pdbx_refine_tls.L[1][1] 
_pdbx_refine_tls.L[2][2] 
_pdbx_refine_tls.L[3][3] 
_pdbx_refine_tls.L[1][2] 
_pdbx_refine_tls.L[1][3] 
_pdbx_refine_tls.L[2][3] 
_pdbx_refine_tls.S[1][1] 
_pdbx_refine_tls.S[1][2] 
_pdbx_refine_tls.S[1][3] 
_pdbx_refine_tls.S[2][1] 
_pdbx_refine_tls.S[2][2] 
_pdbx_refine_tls.S[2][3] 
_pdbx_refine_tls.S[3][1] 
_pdbx_refine_tls.S[3][2] 
_pdbx_refine_tls.S[3][3] 
'X-RAY DIFFRACTION' 1 ? refined -9.9763 31.8859 -2.0421 0.2310 0.0526 0.0681 -0.0015 0.0179  -0.0054 2.3180 7.1402 10.2738 1.7795  -1.2977 -2.5714 -0.1326 -0.1106 -0.1061 -0.2032 0.0394  0.3955 1.4637  -0.0646 0.0931  
'X-RAY DIFFRACTION' 2 ? refined -7.1492 -2.4176 -3.7629 0.0302 0.0679 0.0392 0.0028  -0.0052 0.0192  1.1499 0.3389 1.1678  -0.0116 0.3220  0.2222  0.0664  0.0007  0.0094  -0.0230 0.0001  0.0268 0.0223  -0.0713 -0.0665 
'X-RAY DIFFRACTION' 3 ? refined 0.4068  -0.1525 5.0727  0.0337 0.0761 0.0341 0.0043  0.0059  0.0111  0.8422 0.6633 1.0929  -0.3882 0.7034  -0.3591 0.0295  -0.0821 0.0435  -0.0065 0.0230  0.0073 -0.0046 0.0030  -0.0525 
'X-RAY DIFFRACTION' 4 ? refined 10.0078 -3.2455 -0.0512 0.0373 0.0679 0.0379 0.0083  -0.0049 0.0051  0.8225 0.1792 1.1612  -0.1882 -0.3840 0.2347  0.0321  -0.0295 -0.0609 -0.0217 -0.0002 0.0195 -0.0195 -0.0420 -0.0319 
'X-RAY DIFFRACTION' 5 ? refined 10.8307 0.0271  11.4693 0.0842 0.1964 0.0363 0.0049  0.0017  -0.0012 2.7248 2.7122 9.1429  0.0492  -3.7014 -3.4004 0.1371  -0.2754 0.1039  0.3010  0.0337  0.0100 -0.5884 0.2572  -0.1708 
# 
loop_
_pdbx_refine_tls_group.pdbx_refine_id 
_pdbx_refine_tls_group.id 
_pdbx_refine_tls_group.refine_tls_id 
_pdbx_refine_tls_group.beg_auth_asym_id 
_pdbx_refine_tls_group.beg_auth_seq_id 
_pdbx_refine_tls_group.end_auth_asym_id 
_pdbx_refine_tls_group.end_auth_seq_id 
_pdbx_refine_tls_group.selection_details 
_pdbx_refine_tls_group.beg_label_asym_id 
_pdbx_refine_tls_group.beg_label_seq_id 
_pdbx_refine_tls_group.end_label_asym_id 
_pdbx_refine_tls_group.end_label_seq_id 
_pdbx_refine_tls_group.selection 
'X-RAY DIFFRACTION' 1 1 A -19 A -13 ? . . . . ? 
'X-RAY DIFFRACTION' 2 2 A 1   A 66  ? . . . . ? 
'X-RAY DIFFRACTION' 3 3 A 67  A 104 ? . . . . ? 
'X-RAY DIFFRACTION' 4 4 A 105 A 153 ? . . . . ? 
'X-RAY DIFFRACTION' 5 5 A 154 A 159 ? . . . . ? 
# 
loop_
_software.name 
_software.classification 
_software.version 
_software.citation_id 
_software.pdbx_ordinal 
HKL-2000 'data collection' .        ? 1 
HKL-3000 phasing           MOLREP   ? 2 
REFMAC   refinement        5.5.0072 ? 3 
Coot     'model building'  .        ? 4 
HKL-2000 'data reduction'  .        ? 5 
HKL-2000 'data scaling'    .        ? 6 
# 
loop_
_pdbx_validate_torsion.id 
_pdbx_validate_torsion.PDB_model_num 
_pdbx_validate_torsion.auth_comp_id 
_pdbx_validate_torsion.auth_asym_id 
_pdbx_validate_torsion.auth_seq_id 
_pdbx_validate_torsion.PDB_ins_code 
_pdbx_validate_torsion.label_alt_id 
_pdbx_validate_torsion.phi 
_pdbx_validate_torsion.psi 
1 1 TYR A 30 ? ? -158.68 75.89  
2 1 ASP A 74 ? ? -130.21 -79.89 
# 
loop_
_pdbx_unobs_or_zero_occ_atoms.id 
_pdbx_unobs_or_zero_occ_atoms.PDB_model_num 
_pdbx_unobs_or_zero_occ_atoms.polymer_flag 
_pdbx_unobs_or_zero_occ_atoms.occupancy_flag 
_pdbx_unobs_or_zero_occ_atoms.auth_asym_id 
_pdbx_unobs_or_zero_occ_atoms.auth_comp_id 
_pdbx_unobs_or_zero_occ_atoms.auth_seq_id 
_pdbx_unobs_or_zero_occ_atoms.PDB_ins_code 
_pdbx_unobs_or_zero_occ_atoms.auth_atom_id 
_pdbx_unobs_or_zero_occ_atoms.label_alt_id 
_pdbx_unobs_or_zero_occ_atoms.label_asym_id 
_pdbx_unobs_or_zero_occ_atoms.label_comp_id 
_pdbx_unobs_or_zero_occ_atoms.label_seq_id 
_pdbx_unobs_or_zero_occ_atoms.label_atom_id 
1  1 Y 1 A SER -18 ? OG  ? A SER 4  OG  
2  1 Y 1 A HIS -13 ? CG  ? A HIS 9  CG  
3  1 Y 1 A HIS -13 ? ND1 ? A HIS 9  ND1 
4  1 Y 1 A HIS -13 ? CD2 ? A HIS 9  CD2 
5  1 Y 1 A HIS -13 ? CE1 ? A HIS 9  CE1 
6  1 Y 1 A HIS -13 ? NE2 ? A HIS 9  NE2 
7  1 Y 1 A GLN 2   ? CG  ? A GLN 24 CG  
8  1 Y 1 A GLN 2   ? CD  ? A GLN 24 CD  
9  1 Y 1 A GLN 2   ? OE1 ? A GLN 24 OE1 
10 1 Y 1 A GLN 2   ? NE2 ? A GLN 24 NE2 
# 
loop_
_pdbx_unobs_or_zero_occ_residues.id 
_pdbx_unobs_or_zero_occ_residues.PDB_model_num 
_pdbx_unobs_or_zero_occ_residues.polymer_flag 
_pdbx_unobs_or_zero_occ_residues.occupancy_flag 
_pdbx_unobs_or_zero_occ_residues.auth_asym_id 
_pdbx_unobs_or_zero_occ_residues.auth_comp_id 
_pdbx_unobs_or_zero_occ_residues.auth_seq_id 
_pdbx_unobs_or_zero_occ_residues.PDB_ins_code 
_pdbx_unobs_or_zero_occ_residues.label_asym_id 
_pdbx_unobs_or_zero_occ_residues.label_comp_id 
_pdbx_unobs_or_zero_occ_residues.label_seq_id 
1  1 Y 1 A MET -21 ? A MET 1   
2  1 Y 1 A GLY -20 ? A GLY 2   
3  1 Y 1 A SER -19 ? A SER 3   
4  1 Y 1 A SER -11 ? A SER 11  
5  1 Y 1 A SER -10 ? A SER 12  
6  1 Y 1 A GLY -9  ? A GLY 13  
7  1 Y 1 A ARG -8  ? A ARG 14  
8  1 Y 1 A GLU -7  ? A GLU 15  
9  1 Y 1 A ASN -6  ? A ASN 16  
10 1 Y 1 A LEU -5  ? A LEU 17  
11 1 Y 1 A TYR -4  ? A TYR 18  
12 1 Y 1 A PHE -3  ? A PHE 19  
13 1 Y 1 A GLN -2  ? A GLN 20  
14 1 Y 1 A GLY -1  ? A GLY 21  
15 1 Y 1 A HIS 0   ? A HIS 22  
16 1 Y 1 A PRO 160 ? A PRO 182 
# 
loop_
_chem_comp_atom.comp_id 
_chem_comp_atom.atom_id 
_chem_comp_atom.type_symbol 
_chem_comp_atom.pdbx_aromatic_flag 
_chem_comp_atom.pdbx_stereo_config 
_chem_comp_atom.pdbx_ordinal 
ALA N    N N N 1   
ALA CA   C N S 2   
ALA C    C N N 3   
ALA O    O N N 4   
ALA CB   C N N 5   
ALA OXT  O N N 6   
ALA H    H N N 7   
ALA H2   H N N 8   
ALA HA   H N N 9   
ALA HB1  H N N 10  
ALA HB2  H N N 11  
ALA HB3  H N N 12  
ALA HXT  H N N 13  
ARG N    N N N 14  
ARG CA   C N S 15  
ARG C    C N N 16  
ARG O    O N N 17  
ARG CB   C N N 18  
ARG CG   C N N 19  
ARG CD   C N N 20  
ARG NE   N N N 21  
ARG CZ   C N N 22  
ARG NH1  N N N 23  
ARG NH2  N N N 24  
ARG OXT  O N N 25  
ARG H    H N N 26  
ARG H2   H N N 27  
ARG HA   H N N 28  
ARG HB2  H N N 29  
ARG HB3  H N N 30  
ARG HG2  H N N 31  
ARG HG3  H N N 32  
ARG HD2  H N N 33  
ARG HD3  H N N 34  
ARG HE   H N N 35  
ARG HH11 H N N 36  
ARG HH12 H N N 37  
ARG HH21 H N N 38  
ARG HH22 H N N 39  
ARG HXT  H N N 40  
ASN N    N N N 41  
ASN CA   C N S 42  
ASN C    C N N 43  
ASN O    O N N 44  
ASN CB   C N N 45  
ASN CG   C N N 46  
ASN OD1  O N N 47  
ASN ND2  N N N 48  
ASN OXT  O N N 49  
ASN H    H N N 50  
ASN H2   H N N 51  
ASN HA   H N N 52  
ASN HB2  H N N 53  
ASN HB3  H N N 54  
ASN HD21 H N N 55  
ASN HD22 H N N 56  
ASN HXT  H N N 57  
ASP N    N N N 58  
ASP CA   C N S 59  
ASP C    C N N 60  
ASP O    O N N 61  
ASP CB   C N N 62  
ASP CG   C N N 63  
ASP OD1  O N N 64  
ASP OD2  O N N 65  
ASP OXT  O N N 66  
ASP H    H N N 67  
ASP H2   H N N 68  
ASP HA   H N N 69  
ASP HB2  H N N 70  
ASP HB3  H N N 71  
ASP HD2  H N N 72  
ASP HXT  H N N 73  
CYS N    N N N 74  
CYS CA   C N R 75  
CYS C    C N N 76  
CYS O    O N N 77  
CYS CB   C N N 78  
CYS SG   S N N 79  
CYS OXT  O N N 80  
CYS H    H N N 81  
CYS H2   H N N 82  
CYS HA   H N N 83  
CYS HB2  H N N 84  
CYS HB3  H N N 85  
CYS HG   H N N 86  
CYS HXT  H N N 87  
EDO C1   C N N 88  
EDO O1   O N N 89  
EDO C2   C N N 90  
EDO O2   O N N 91  
EDO H11  H N N 92  
EDO H12  H N N 93  
EDO HO1  H N N 94  
EDO H21  H N N 95  
EDO H22  H N N 96  
EDO HO2  H N N 97  
GLN N    N N N 98  
GLN CA   C N S 99  
GLN C    C N N 100 
GLN O    O N N 101 
GLN CB   C N N 102 
GLN CG   C N N 103 
GLN CD   C N N 104 
GLN OE1  O N N 105 
GLN NE2  N N N 106 
GLN OXT  O N N 107 
GLN H    H N N 108 
GLN H2   H N N 109 
GLN HA   H N N 110 
GLN HB2  H N N 111 
GLN HB3  H N N 112 
GLN HG2  H N N 113 
GLN HG3  H N N 114 
GLN HE21 H N N 115 
GLN HE22 H N N 116 
GLN HXT  H N N 117 
GLU N    N N N 118 
GLU CA   C N S 119 
GLU C    C N N 120 
GLU O    O N N 121 
GLU CB   C N N 122 
GLU CG   C N N 123 
GLU CD   C N N 124 
GLU OE1  O N N 125 
GLU OE2  O N N 126 
GLU OXT  O N N 127 
GLU H    H N N 128 
GLU H2   H N N 129 
GLU HA   H N N 130 
GLU HB2  H N N 131 
GLU HB3  H N N 132 
GLU HG2  H N N 133 
GLU HG3  H N N 134 
GLU HE2  H N N 135 
GLU HXT  H N N 136 
GLY N    N N N 137 
GLY CA   C N N 138 
GLY C    C N N 139 
GLY O    O N N 140 
GLY OXT  O N N 141 
GLY H    H N N 142 
GLY H2   H N N 143 
GLY HA2  H N N 144 
GLY HA3  H N N 145 
GLY HXT  H N N 146 
HIS N    N N N 147 
HIS CA   C N S 148 
HIS C    C N N 149 
HIS O    O N N 150 
HIS CB   C N N 151 
HIS CG   C Y N 152 
HIS ND1  N Y N 153 
HIS CD2  C Y N 154 
HIS CE1  C Y N 155 
HIS NE2  N Y N 156 
HIS OXT  O N N 157 
HIS H    H N N 158 
HIS H2   H N N 159 
HIS HA   H N N 160 
HIS HB2  H N N 161 
HIS HB3  H N N 162 
HIS HD1  H N N 163 
HIS HD2  H N N 164 
HIS HE1  H N N 165 
HIS HE2  H N N 166 
HIS HXT  H N N 167 
HOH O    O N N 168 
HOH H1   H N N 169 
HOH H2   H N N 170 
ILE N    N N N 171 
ILE CA   C N S 172 
ILE C    C N N 173 
ILE O    O N N 174 
ILE CB   C N S 175 
ILE CG1  C N N 176 
ILE CG2  C N N 177 
ILE CD1  C N N 178 
ILE OXT  O N N 179 
ILE H    H N N 180 
ILE H2   H N N 181 
ILE HA   H N N 182 
ILE HB   H N N 183 
ILE HG12 H N N 184 
ILE HG13 H N N 185 
ILE HG21 H N N 186 
ILE HG22 H N N 187 
ILE HG23 H N N 188 
ILE HD11 H N N 189 
ILE HD12 H N N 190 
ILE HD13 H N N 191 
ILE HXT  H N N 192 
LEU N    N N N 193 
LEU CA   C N S 194 
LEU C    C N N 195 
LEU O    O N N 196 
LEU CB   C N N 197 
LEU CG   C N N 198 
LEU CD1  C N N 199 
LEU CD2  C N N 200 
LEU OXT  O N N 201 
LEU H    H N N 202 
LEU H2   H N N 203 
LEU HA   H N N 204 
LEU HB2  H N N 205 
LEU HB3  H N N 206 
LEU HG   H N N 207 
LEU HD11 H N N 208 
LEU HD12 H N N 209 
LEU HD13 H N N 210 
LEU HD21 H N N 211 
LEU HD22 H N N 212 
LEU HD23 H N N 213 
LEU HXT  H N N 214 
LYS N    N N N 215 
LYS CA   C N S 216 
LYS C    C N N 217 
LYS O    O N N 218 
LYS CB   C N N 219 
LYS CG   C N N 220 
LYS CD   C N N 221 
LYS CE   C N N 222 
LYS NZ   N N N 223 
LYS OXT  O N N 224 
LYS H    H N N 225 
LYS H2   H N N 226 
LYS HA   H N N 227 
LYS HB2  H N N 228 
LYS HB3  H N N 229 
LYS HG2  H N N 230 
LYS HG3  H N N 231 
LYS HD2  H N N 232 
LYS HD3  H N N 233 
LYS HE2  H N N 234 
LYS HE3  H N N 235 
LYS HZ1  H N N 236 
LYS HZ2  H N N 237 
LYS HZ3  H N N 238 
LYS HXT  H N N 239 
MET N    N N N 240 
MET CA   C N S 241 
MET C    C N N 242 
MET O    O N N 243 
MET CB   C N N 244 
MET CG   C N N 245 
MET SD   S N N 246 
MET CE   C N N 247 
MET OXT  O N N 248 
MET H    H N N 249 
MET H2   H N N 250 
MET HA   H N N 251 
MET HB2  H N N 252 
MET HB3  H N N 253 
MET HG2  H N N 254 
MET HG3  H N N 255 
MET HE1  H N N 256 
MET HE2  H N N 257 
MET HE3  H N N 258 
MET HXT  H N N 259 
PHE N    N N N 260 
PHE CA   C N S 261 
PHE C    C N N 262 
PHE O    O N N 263 
PHE CB   C N N 264 
PHE CG   C Y N 265 
PHE CD1  C Y N 266 
PHE CD2  C Y N 267 
PHE CE1  C Y N 268 
PHE CE2  C Y N 269 
PHE CZ   C Y N 270 
PHE OXT  O N N 271 
PHE H    H N N 272 
PHE H2   H N N 273 
PHE HA   H N N 274 
PHE HB2  H N N 275 
PHE HB3  H N N 276 
PHE HD1  H N N 277 
PHE HD2  H N N 278 
PHE HE1  H N N 279 
PHE HE2  H N N 280 
PHE HZ   H N N 281 
PHE HXT  H N N 282 
PRO N    N N N 283 
PRO CA   C N S 284 
PRO C    C N N 285 
PRO O    O N N 286 
PRO CB   C N N 287 
PRO CG   C N N 288 
PRO CD   C N N 289 
PRO OXT  O N N 290 
PRO H    H N N 291 
PRO HA   H N N 292 
PRO HB2  H N N 293 
PRO HB3  H N N 294 
PRO HG2  H N N 295 
PRO HG3  H N N 296 
PRO HD2  H N N 297 
PRO HD3  H N N 298 
PRO HXT  H N N 299 
SER N    N N N 300 
SER CA   C N S 301 
SER C    C N N 302 
SER O    O N N 303 
SER CB   C N N 304 
SER OG   O N N 305 
SER OXT  O N N 306 
SER H    H N N 307 
SER H2   H N N 308 
SER HA   H N N 309 
SER HB2  H N N 310 
SER HB3  H N N 311 
SER HG   H N N 312 
SER HXT  H N N 313 
SO4 S    S N N 314 
SO4 O1   O N N 315 
SO4 O2   O N N 316 
SO4 O3   O N N 317 
SO4 O4   O N N 318 
THR N    N N N 319 
THR CA   C N S 320 
THR C    C N N 321 
THR O    O N N 322 
THR CB   C N R 323 
THR OG1  O N N 324 
THR CG2  C N N 325 
THR OXT  O N N 326 
THR H    H N N 327 
THR H2   H N N 328 
THR HA   H N N 329 
THR HB   H N N 330 
THR HG1  H N N 331 
THR HG21 H N N 332 
THR HG22 H N N 333 
THR HG23 H N N 334 
THR HXT  H N N 335 
TRP N    N N N 336 
TRP CA   C N S 337 
TRP C    C N N 338 
TRP O    O N N 339 
TRP CB   C N N 340 
TRP CG   C Y N 341 
TRP CD1  C Y N 342 
TRP CD2  C Y N 343 
TRP NE1  N Y N 344 
TRP CE2  C Y N 345 
TRP CE3  C Y N 346 
TRP CZ2  C Y N 347 
TRP CZ3  C Y N 348 
TRP CH2  C Y N 349 
TRP OXT  O N N 350 
TRP H    H N N 351 
TRP H2   H N N 352 
TRP HA   H N N 353 
TRP HB2  H N N 354 
TRP HB3  H N N 355 
TRP HD1  H N N 356 
TRP HE1  H N N 357 
TRP HE3  H N N 358 
TRP HZ2  H N N 359 
TRP HZ3  H N N 360 
TRP HH2  H N N 361 
TRP HXT  H N N 362 
TYR N    N N N 363 
TYR CA   C N S 364 
TYR C    C N N 365 
TYR O    O N N 366 
TYR CB   C N N 367 
TYR CG   C Y N 368 
TYR CD1  C Y N 369 
TYR CD2  C Y N 370 
TYR CE1  C Y N 371 
TYR CE2  C Y N 372 
TYR CZ   C Y N 373 
TYR OH   O N N 374 
TYR OXT  O N N 375 
TYR H    H N N 376 
TYR H2   H N N 377 
TYR HA   H N N 378 
TYR HB2  H N N 379 
TYR HB3  H N N 380 
TYR HD1  H N N 381 
TYR HD2  H N N 382 
TYR HE1  H N N 383 
TYR HE2  H N N 384 
TYR HH   H N N 385 
TYR HXT  H N N 386 
VAL N    N N N 387 
VAL CA   C N S 388 
VAL C    C N N 389 
VAL O    O N N 390 
VAL CB   C N N 391 
VAL CG1  C N N 392 
VAL CG2  C N N 393 
VAL OXT  O N N 394 
VAL H    H N N 395 
VAL H2   H N N 396 
VAL HA   H N N 397 
VAL HB   H N N 398 
VAL HG11 H N N 399 
VAL HG12 H N N 400 
VAL HG13 H N N 401 
VAL HG21 H N N 402 
VAL HG22 H N N 403 
VAL HG23 H N N 404 
VAL HXT  H N N 405 
# 
loop_
_chem_comp_bond.comp_id 
_chem_comp_bond.atom_id_1 
_chem_comp_bond.atom_id_2 
_chem_comp_bond.value_order 
_chem_comp_bond.pdbx_aromatic_flag 
_chem_comp_bond.pdbx_stereo_config 
_chem_comp_bond.pdbx_ordinal 
ALA N   CA   sing N N 1   
ALA N   H    sing N N 2   
ALA N   H2   sing N N 3   
ALA CA  C    sing N N 4   
ALA CA  CB   sing N N 5   
ALA CA  HA   sing N N 6   
ALA C   O    doub N N 7   
ALA C   OXT  sing N N 8   
ALA CB  HB1  sing N N 9   
ALA CB  HB2  sing N N 10  
ALA CB  HB3  sing N N 11  
ALA OXT HXT  sing N N 12  
ARG N   CA   sing N N 13  
ARG N   H    sing N N 14  
ARG N   H2   sing N N 15  
ARG CA  C    sing N N 16  
ARG CA  CB   sing N N 17  
ARG CA  HA   sing N N 18  
ARG C   O    doub N N 19  
ARG C   OXT  sing N N 20  
ARG CB  CG   sing N N 21  
ARG CB  HB2  sing N N 22  
ARG CB  HB3  sing N N 23  
ARG CG  CD   sing N N 24  
ARG CG  HG2  sing N N 25  
ARG CG  HG3  sing N N 26  
ARG CD  NE   sing N N 27  
ARG CD  HD2  sing N N 28  
ARG CD  HD3  sing N N 29  
ARG NE  CZ   sing N N 30  
ARG NE  HE   sing N N 31  
ARG CZ  NH1  sing N N 32  
ARG CZ  NH2  doub N N 33  
ARG NH1 HH11 sing N N 34  
ARG NH1 HH12 sing N N 35  
ARG NH2 HH21 sing N N 36  
ARG NH2 HH22 sing N N 37  
ARG OXT HXT  sing N N 38  
ASN N   CA   sing N N 39  
ASN N   H    sing N N 40  
ASN N   H2   sing N N 41  
ASN CA  C    sing N N 42  
ASN CA  CB   sing N N 43  
ASN CA  HA   sing N N 44  
ASN C   O    doub N N 45  
ASN C   OXT  sing N N 46  
ASN CB  CG   sing N N 47  
ASN CB  HB2  sing N N 48  
ASN CB  HB3  sing N N 49  
ASN CG  OD1  doub N N 50  
ASN CG  ND2  sing N N 51  
ASN ND2 HD21 sing N N 52  
ASN ND2 HD22 sing N N 53  
ASN OXT HXT  sing N N 54  
ASP N   CA   sing N N 55  
ASP N   H    sing N N 56  
ASP N   H2   sing N N 57  
ASP CA  C    sing N N 58  
ASP CA  CB   sing N N 59  
ASP CA  HA   sing N N 60  
ASP C   O    doub N N 61  
ASP C   OXT  sing N N 62  
ASP CB  CG   sing N N 63  
ASP CB  HB2  sing N N 64  
ASP CB  HB3  sing N N 65  
ASP CG  OD1  doub N N 66  
ASP CG  OD2  sing N N 67  
ASP OD2 HD2  sing N N 68  
ASP OXT HXT  sing N N 69  
CYS N   CA   sing N N 70  
CYS N   H    sing N N 71  
CYS N   H2   sing N N 72  
CYS CA  C    sing N N 73  
CYS CA  CB   sing N N 74  
CYS CA  HA   sing N N 75  
CYS C   O    doub N N 76  
CYS C   OXT  sing N N 77  
CYS CB  SG   sing N N 78  
CYS CB  HB2  sing N N 79  
CYS CB  HB3  sing N N 80  
CYS SG  HG   sing N N 81  
CYS OXT HXT  sing N N 82  
EDO C1  O1   sing N N 83  
EDO C1  C2   sing N N 84  
EDO C1  H11  sing N N 85  
EDO C1  H12  sing N N 86  
EDO O1  HO1  sing N N 87  
EDO C2  O2   sing N N 88  
EDO C2  H21  sing N N 89  
EDO C2  H22  sing N N 90  
EDO O2  HO2  sing N N 91  
GLN N   CA   sing N N 92  
GLN N   H    sing N N 93  
GLN N   H2   sing N N 94  
GLN CA  C    sing N N 95  
GLN CA  CB   sing N N 96  
GLN CA  HA   sing N N 97  
GLN C   O    doub N N 98  
GLN C   OXT  sing N N 99  
GLN CB  CG   sing N N 100 
GLN CB  HB2  sing N N 101 
GLN CB  HB3  sing N N 102 
GLN CG  CD   sing N N 103 
GLN CG  HG2  sing N N 104 
GLN CG  HG3  sing N N 105 
GLN CD  OE1  doub N N 106 
GLN CD  NE2  sing N N 107 
GLN NE2 HE21 sing N N 108 
GLN NE2 HE22 sing N N 109 
GLN OXT HXT  sing N N 110 
GLU N   CA   sing N N 111 
GLU N   H    sing N N 112 
GLU N   H2   sing N N 113 
GLU CA  C    sing N N 114 
GLU CA  CB   sing N N 115 
GLU CA  HA   sing N N 116 
GLU C   O    doub N N 117 
GLU C   OXT  sing N N 118 
GLU CB  CG   sing N N 119 
GLU CB  HB2  sing N N 120 
GLU CB  HB3  sing N N 121 
GLU CG  CD   sing N N 122 
GLU CG  HG2  sing N N 123 
GLU CG  HG3  sing N N 124 
GLU CD  OE1  doub N N 125 
GLU CD  OE2  sing N N 126 
GLU OE2 HE2  sing N N 127 
GLU OXT HXT  sing N N 128 
GLY N   CA   sing N N 129 
GLY N   H    sing N N 130 
GLY N   H2   sing N N 131 
GLY CA  C    sing N N 132 
GLY CA  HA2  sing N N 133 
GLY CA  HA3  sing N N 134 
GLY C   O    doub N N 135 
GLY C   OXT  sing N N 136 
GLY OXT HXT  sing N N 137 
HIS N   CA   sing N N 138 
HIS N   H    sing N N 139 
HIS N   H2   sing N N 140 
HIS CA  C    sing N N 141 
HIS CA  CB   sing N N 142 
HIS CA  HA   sing N N 143 
HIS C   O    doub N N 144 
HIS C   OXT  sing N N 145 
HIS CB  CG   sing N N 146 
HIS CB  HB2  sing N N 147 
HIS CB  HB3  sing N N 148 
HIS CG  ND1  sing Y N 149 
HIS CG  CD2  doub Y N 150 
HIS ND1 CE1  doub Y N 151 
HIS ND1 HD1  sing N N 152 
HIS CD2 NE2  sing Y N 153 
HIS CD2 HD2  sing N N 154 
HIS CE1 NE2  sing Y N 155 
HIS CE1 HE1  sing N N 156 
HIS NE2 HE2  sing N N 157 
HIS OXT HXT  sing N N 158 
HOH O   H1   sing N N 159 
HOH O   H2   sing N N 160 
ILE N   CA   sing N N 161 
ILE N   H    sing N N 162 
ILE N   H2   sing N N 163 
ILE CA  C    sing N N 164 
ILE CA  CB   sing N N 165 
ILE CA  HA   sing N N 166 
ILE C   O    doub N N 167 
ILE C   OXT  sing N N 168 
ILE CB  CG1  sing N N 169 
ILE CB  CG2  sing N N 170 
ILE CB  HB   sing N N 171 
ILE CG1 CD1  sing N N 172 
ILE CG1 HG12 sing N N 173 
ILE CG1 HG13 sing N N 174 
ILE CG2 HG21 sing N N 175 
ILE CG2 HG22 sing N N 176 
ILE CG2 HG23 sing N N 177 
ILE CD1 HD11 sing N N 178 
ILE CD1 HD12 sing N N 179 
ILE CD1 HD13 sing N N 180 
ILE OXT HXT  sing N N 181 
LEU N   CA   sing N N 182 
LEU N   H    sing N N 183 
LEU N   H2   sing N N 184 
LEU CA  C    sing N N 185 
LEU CA  CB   sing N N 186 
LEU CA  HA   sing N N 187 
LEU C   O    doub N N 188 
LEU C   OXT  sing N N 189 
LEU CB  CG   sing N N 190 
LEU CB  HB2  sing N N 191 
LEU CB  HB3  sing N N 192 
LEU CG  CD1  sing N N 193 
LEU CG  CD2  sing N N 194 
LEU CG  HG   sing N N 195 
LEU CD1 HD11 sing N N 196 
LEU CD1 HD12 sing N N 197 
LEU CD1 HD13 sing N N 198 
LEU CD2 HD21 sing N N 199 
LEU CD2 HD22 sing N N 200 
LEU CD2 HD23 sing N N 201 
LEU OXT HXT  sing N N 202 
LYS N   CA   sing N N 203 
LYS N   H    sing N N 204 
LYS N   H2   sing N N 205 
LYS CA  C    sing N N 206 
LYS CA  CB   sing N N 207 
LYS CA  HA   sing N N 208 
LYS C   O    doub N N 209 
LYS C   OXT  sing N N 210 
LYS CB  CG   sing N N 211 
LYS CB  HB2  sing N N 212 
LYS CB  HB3  sing N N 213 
LYS CG  CD   sing N N 214 
LYS CG  HG2  sing N N 215 
LYS CG  HG3  sing N N 216 
LYS CD  CE   sing N N 217 
LYS CD  HD2  sing N N 218 
LYS CD  HD3  sing N N 219 
LYS CE  NZ   sing N N 220 
LYS CE  HE2  sing N N 221 
LYS CE  HE3  sing N N 222 
LYS NZ  HZ1  sing N N 223 
LYS NZ  HZ2  sing N N 224 
LYS NZ  HZ3  sing N N 225 
LYS OXT HXT  sing N N 226 
MET N   CA   sing N N 227 
MET N   H    sing N N 228 
MET N   H2   sing N N 229 
MET CA  C    sing N N 230 
MET CA  CB   sing N N 231 
MET CA  HA   sing N N 232 
MET C   O    doub N N 233 
MET C   OXT  sing N N 234 
MET CB  CG   sing N N 235 
MET CB  HB2  sing N N 236 
MET CB  HB3  sing N N 237 
MET CG  SD   sing N N 238 
MET CG  HG2  sing N N 239 
MET CG  HG3  sing N N 240 
MET SD  CE   sing N N 241 
MET CE  HE1  sing N N 242 
MET CE  HE2  sing N N 243 
MET CE  HE3  sing N N 244 
MET OXT HXT  sing N N 245 
PHE N   CA   sing N N 246 
PHE N   H    sing N N 247 
PHE N   H2   sing N N 248 
PHE CA  C    sing N N 249 
PHE CA  CB   sing N N 250 
PHE CA  HA   sing N N 251 
PHE C   O    doub N N 252 
PHE C   OXT  sing N N 253 
PHE CB  CG   sing N N 254 
PHE CB  HB2  sing N N 255 
PHE CB  HB3  sing N N 256 
PHE CG  CD1  doub Y N 257 
PHE CG  CD2  sing Y N 258 
PHE CD1 CE1  sing Y N 259 
PHE CD1 HD1  sing N N 260 
PHE CD2 CE2  doub Y N 261 
PHE CD2 HD2  sing N N 262 
PHE CE1 CZ   doub Y N 263 
PHE CE1 HE1  sing N N 264 
PHE CE2 CZ   sing Y N 265 
PHE CE2 HE2  sing N N 266 
PHE CZ  HZ   sing N N 267 
PHE OXT HXT  sing N N 268 
PRO N   CA   sing N N 269 
PRO N   CD   sing N N 270 
PRO N   H    sing N N 271 
PRO CA  C    sing N N 272 
PRO CA  CB   sing N N 273 
PRO CA  HA   sing N N 274 
PRO C   O    doub N N 275 
PRO C   OXT  sing N N 276 
PRO CB  CG   sing N N 277 
PRO CB  HB2  sing N N 278 
PRO CB  HB3  sing N N 279 
PRO CG  CD   sing N N 280 
PRO CG  HG2  sing N N 281 
PRO CG  HG3  sing N N 282 
PRO CD  HD2  sing N N 283 
PRO CD  HD3  sing N N 284 
PRO OXT HXT  sing N N 285 
SER N   CA   sing N N 286 
SER N   H    sing N N 287 
SER N   H2   sing N N 288 
SER CA  C    sing N N 289 
SER CA  CB   sing N N 290 
SER CA  HA   sing N N 291 
SER C   O    doub N N 292 
SER C   OXT  sing N N 293 
SER CB  OG   sing N N 294 
SER CB  HB2  sing N N 295 
SER CB  HB3  sing N N 296 
SER OG  HG   sing N N 297 
SER OXT HXT  sing N N 298 
SO4 S   O1   doub N N 299 
SO4 S   O2   doub N N 300 
SO4 S   O3   sing N N 301 
SO4 S   O4   sing N N 302 
THR N   CA   sing N N 303 
THR N   H    sing N N 304 
THR N   H2   sing N N 305 
THR CA  C    sing N N 306 
THR CA  CB   sing N N 307 
THR CA  HA   sing N N 308 
THR C   O    doub N N 309 
THR C   OXT  sing N N 310 
THR CB  OG1  sing N N 311 
THR CB  CG2  sing N N 312 
THR CB  HB   sing N N 313 
THR OG1 HG1  sing N N 314 
THR CG2 HG21 sing N N 315 
THR CG2 HG22 sing N N 316 
THR CG2 HG23 sing N N 317 
THR OXT HXT  sing N N 318 
TRP N   CA   sing N N 319 
TRP N   H    sing N N 320 
TRP N   H2   sing N N 321 
TRP CA  C    sing N N 322 
TRP CA  CB   sing N N 323 
TRP CA  HA   sing N N 324 
TRP C   O    doub N N 325 
TRP C   OXT  sing N N 326 
TRP CB  CG   sing N N 327 
TRP CB  HB2  sing N N 328 
TRP CB  HB3  sing N N 329 
TRP CG  CD1  doub Y N 330 
TRP CG  CD2  sing Y N 331 
TRP CD1 NE1  sing Y N 332 
TRP CD1 HD1  sing N N 333 
TRP CD2 CE2  doub Y N 334 
TRP CD2 CE3  sing Y N 335 
TRP NE1 CE2  sing Y N 336 
TRP NE1 HE1  sing N N 337 
TRP CE2 CZ2  sing Y N 338 
TRP CE3 CZ3  doub Y N 339 
TRP CE3 HE3  sing N N 340 
TRP CZ2 CH2  doub Y N 341 
TRP CZ2 HZ2  sing N N 342 
TRP CZ3 CH2  sing Y N 343 
TRP CZ3 HZ3  sing N N 344 
TRP CH2 HH2  sing N N 345 
TRP OXT HXT  sing N N 346 
TYR N   CA   sing N N 347 
TYR N   H    sing N N 348 
TYR N   H2   sing N N 349 
TYR CA  C    sing N N 350 
TYR CA  CB   sing N N 351 
TYR CA  HA   sing N N 352 
TYR C   O    doub N N 353 
TYR C   OXT  sing N N 354 
TYR CB  CG   sing N N 355 
TYR CB  HB2  sing N N 356 
TYR CB  HB3  sing N N 357 
TYR CG  CD1  doub Y N 358 
TYR CG  CD2  sing Y N 359 
TYR CD1 CE1  sing Y N 360 
TYR CD1 HD1  sing N N 361 
TYR CD2 CE2  doub Y N 362 
TYR CD2 HD2  sing N N 363 
TYR CE1 CZ   doub Y N 364 
TYR CE1 HE1  sing N N 365 
TYR CE2 CZ   sing Y N 366 
TYR CE2 HE2  sing N N 367 
TYR CZ  OH   sing N N 368 
TYR OH  HH   sing N N 369 
TYR OXT HXT  sing N N 370 
VAL N   CA   sing N N 371 
VAL N   H    sing N N 372 
VAL N   H2   sing N N 373 
VAL CA  C    sing N N 374 
VAL CA  CB   sing N N 375 
VAL CA  HA   sing N N 376 
VAL C   O    doub N N 377 
VAL C   OXT  sing N N 378 
VAL CB  CG1  sing N N 379 
VAL CB  CG2  sing N N 380 
VAL CB  HB   sing N N 381 
VAL CG1 HG11 sing N N 382 
VAL CG1 HG12 sing N N 383 
VAL CG1 HG13 sing N N 384 
VAL CG2 HG21 sing N N 385 
VAL CG2 HG22 sing N N 386 
VAL CG2 HG23 sing N N 387 
VAL OXT HXT  sing N N 388 
# 
loop_
_pdbx_entity_nonpoly.entity_id 
_pdbx_entity_nonpoly.name 
_pdbx_entity_nonpoly.comp_id 
2 'SULFATE ION'  SO4 
3 1,2-ETHANEDIOL EDO 
4 water          HOH 
# 
_pdbx_initial_refinement_model.id               1 
_pdbx_initial_refinement_model.entity_id_list   ? 
_pdbx_initial_refinement_model.type             'experimental model' 
_pdbx_initial_refinement_model.source_name      PDB 
_pdbx_initial_refinement_model.accession_code   2I6C 
_pdbx_initial_refinement_model.details          ? 
# 
